data_6ES7
#
_entry.id   6ES7
#
loop_
_entity.id
_entity.type
_entity.pdbx_description
1 polymer 'Nuclear receptor coactivator 3'
2 polymer 'CREB-binding protein'
#
loop_
_entity_poly.entity_id
_entity_poly.type
_entity_poly.pdbx_seq_one_letter_code
_entity_poly.pdbx_strand_id
1 'polypeptide(L)' GSEGQSDERALLDQLHTLLSNTDATGLEEIDRALGIPELVNQGQ A
2 'polypeptide(L)' GSISPSALQDLLRTLKSPSSPQQQQQVLNILKSNPQLMAAFIKQRTAKYV B
#
# COMPACT_ATOMS: atom_id res chain seq x y z
N GLY A 1 -9.48 -6.00 -15.87
CA GLY A 1 -8.16 -6.61 -15.89
C GLY A 1 -7.05 -5.58 -15.90
N SER A 2 -7.19 -4.54 -15.08
CA SER A 2 -6.19 -3.49 -15.00
C SER A 2 -6.22 -2.81 -13.64
N GLU A 3 -7.42 -2.57 -13.13
CA GLU A 3 -7.59 -1.93 -11.83
C GLU A 3 -7.17 -2.87 -10.70
N GLY A 4 -6.83 -2.30 -9.56
CA GLY A 4 -6.41 -3.10 -8.41
C GLY A 4 -7.29 -2.88 -7.20
N GLN A 5 -6.68 -2.47 -6.09
CA GLN A 5 -7.41 -2.23 -4.85
C GLN A 5 -8.54 -3.24 -4.68
N SER A 6 -8.23 -4.52 -4.94
CA SER A 6 -9.21 -5.58 -4.82
C SER A 6 -8.54 -6.88 -4.40
N ASP A 7 -7.95 -7.58 -5.36
CA ASP A 7 -7.27 -8.84 -5.09
C ASP A 7 -6.13 -8.64 -4.10
N GLU A 8 -5.28 -7.66 -4.36
CA GLU A 8 -4.15 -7.37 -3.50
C GLU A 8 -4.61 -7.09 -2.06
N ARG A 9 -5.42 -6.05 -1.91
CA ARG A 9 -5.94 -5.67 -0.60
C ARG A 9 -6.69 -6.83 0.04
N ALA A 10 -7.38 -7.62 -0.78
CA ALA A 10 -8.14 -8.76 -0.29
C ALA A 10 -7.25 -9.70 0.51
N LEU A 11 -6.16 -10.16 -0.09
CA LEU A 11 -5.22 -11.06 0.58
C LEU A 11 -4.34 -10.30 1.56
N LEU A 12 -3.70 -9.24 1.09
CA LEU A 12 -2.83 -8.43 1.93
C LEU A 12 -3.55 -7.99 3.19
N ASP A 13 -4.87 -7.87 3.11
CA ASP A 13 -5.67 -7.45 4.25
C ASP A 13 -5.30 -8.26 5.50
N GLN A 14 -5.37 -9.59 5.39
CA GLN A 14 -5.05 -10.46 6.50
C GLN A 14 -3.61 -10.24 6.96
N LEU A 15 -2.69 -10.22 6.02
CA LEU A 15 -1.28 -10.01 6.33
C LEU A 15 -1.07 -8.70 7.09
N HIS A 16 -1.95 -7.74 6.84
CA HIS A 16 -1.86 -6.44 7.50
C HIS A 16 -1.79 -6.61 9.02
N THR A 17 -2.24 -7.76 9.50
CA THR A 17 -2.23 -8.04 10.93
C THR A 17 -0.85 -7.77 11.53
N LEU A 18 0.20 -8.01 10.74
CA LEU A 18 1.57 -7.78 11.19
C LEU A 18 1.90 -6.29 11.21
N LEU A 19 1.34 -5.56 10.25
CA LEU A 19 1.58 -4.12 10.16
C LEU A 19 1.16 -3.41 11.44
N SER A 20 0.15 -3.97 12.12
CA SER A 20 -0.35 -3.39 13.35
C SER A 20 0.65 -3.60 14.49
N ASN A 21 1.71 -4.37 14.22
CA ASN A 21 2.73 -4.66 15.22
C ASN A 21 4.12 -4.43 14.64
N THR A 22 4.19 -3.73 13.51
CA THR A 22 5.46 -3.44 12.86
C THR A 22 6.00 -2.07 13.27
N ASP A 23 5.23 -1.03 12.96
CA ASP A 23 5.62 0.34 13.30
C ASP A 23 4.59 1.34 12.78
N ALA A 24 3.86 1.94 13.71
CA ALA A 24 2.84 2.92 13.35
C ALA A 24 3.41 3.99 12.42
N THR A 25 4.33 4.80 12.93
CA THR A 25 4.95 5.85 12.15
C THR A 25 5.63 5.29 10.91
N GLY A 26 6.10 4.05 11.00
CA GLY A 26 6.76 3.41 9.88
C GLY A 26 5.95 3.50 8.60
N LEU A 27 4.64 3.37 8.72
CA LEU A 27 3.75 3.43 7.57
C LEU A 27 3.31 4.88 7.30
N GLU A 28 3.48 5.73 8.30
CA GLU A 28 3.11 7.13 8.18
C GLU A 28 4.19 7.93 7.46
N GLU A 29 5.42 7.40 7.47
CA GLU A 29 6.55 8.06 6.83
C GLU A 29 6.32 8.18 5.33
N ILE A 30 6.15 7.03 4.67
CA ILE A 30 5.92 7.01 3.23
C ILE A 30 4.61 7.70 2.87
N ASP A 31 3.63 7.61 3.76
CA ASP A 31 2.33 8.22 3.53
C ASP A 31 2.48 9.72 3.24
N ARG A 32 2.98 10.45 4.21
CA ARG A 32 3.17 11.90 4.06
C ARG A 32 3.99 12.21 2.81
N ALA A 33 5.01 11.39 2.56
CA ALA A 33 5.86 11.57 1.39
C ALA A 33 5.04 11.60 0.10
N LEU A 34 3.95 10.85 0.09
CA LEU A 34 3.07 10.80 -1.08
C LEU A 34 2.04 11.92 -1.04
N GLY A 35 1.43 12.10 0.13
CA GLY A 35 0.42 13.14 0.28
C GLY A 35 -0.99 12.60 0.22
N ILE A 36 -1.58 12.38 1.40
CA ILE A 36 -2.94 11.86 1.48
C ILE A 36 -3.86 12.55 0.48
N PRO A 37 -3.90 13.88 0.54
CA PRO A 37 -4.73 14.69 -0.36
C PRO A 37 -4.22 14.68 -1.80
N GLU A 38 -2.92 14.82 -1.96
CA GLU A 38 -2.30 14.81 -3.28
C GLU A 38 -2.64 13.53 -4.04
N LEU A 39 -2.79 12.44 -3.29
CA LEU A 39 -3.11 11.15 -3.88
C LEU A 39 -4.55 11.12 -4.39
N VAL A 40 -5.31 12.17 -4.07
CA VAL A 40 -6.69 12.27 -4.49
C VAL A 40 -6.80 12.88 -5.88
N ASN A 41 -5.71 13.49 -6.34
CA ASN A 41 -5.68 14.11 -7.66
C ASN A 41 -5.10 13.14 -8.70
N GLN A 42 -5.25 11.85 -8.44
CA GLN A 42 -4.75 10.83 -9.35
C GLN A 42 -5.83 10.37 -10.32
N GLY A 43 -6.74 11.29 -10.66
CA GLY A 43 -7.82 10.96 -11.56
C GLY A 43 -7.50 11.33 -13.00
N GLN A 44 -8.52 11.77 -13.74
CA GLN A 44 -8.34 12.16 -15.13
C GLN A 44 -8.69 13.63 -15.35
N GLY B 1 -12.06 -9.47 -15.06
CA GLY B 1 -12.36 -10.46 -14.05
C GLY B 1 -11.21 -10.69 -13.09
N SER B 2 -11.40 -10.28 -11.84
CA SER B 2 -10.36 -10.43 -10.83
C SER B 2 -9.06 -9.76 -11.26
N ILE B 3 -8.01 -9.95 -10.48
CA ILE B 3 -6.71 -9.35 -10.78
C ILE B 3 -5.60 -10.39 -10.67
N SER B 4 -4.56 -10.22 -11.48
CA SER B 4 -3.42 -11.14 -11.46
C SER B 4 -2.76 -11.15 -10.09
N PRO B 5 -2.07 -12.26 -9.79
CA PRO B 5 -1.36 -12.43 -8.50
C PRO B 5 -0.14 -11.53 -8.39
N SER B 6 0.22 -10.89 -9.50
CA SER B 6 1.37 -9.99 -9.53
C SER B 6 1.17 -8.82 -8.58
N ALA B 7 0.07 -8.10 -8.77
CA ALA B 7 -0.24 -6.94 -7.94
C ALA B 7 -0.22 -7.32 -6.46
N LEU B 8 -0.99 -8.35 -6.10
CA LEU B 8 -1.05 -8.81 -4.73
C LEU B 8 0.32 -9.18 -4.20
N GLN B 9 1.13 -9.79 -5.06
CA GLN B 9 2.48 -10.20 -4.68
C GLN B 9 3.28 -9.00 -4.16
N ASP B 10 3.40 -7.97 -4.99
CA ASP B 10 4.14 -6.77 -4.61
C ASP B 10 3.48 -6.08 -3.42
N LEU B 11 2.16 -5.91 -3.50
CA LEU B 11 1.42 -5.26 -2.42
C LEU B 11 1.66 -5.95 -1.09
N LEU B 12 1.31 -7.23 -1.02
CA LEU B 12 1.49 -8.01 0.20
C LEU B 12 2.93 -7.88 0.72
N ARG B 13 3.85 -7.68 -0.21
CA ARG B 13 5.26 -7.55 0.15
C ARG B 13 5.46 -6.42 1.15
N THR B 14 4.66 -5.38 1.04
CA THR B 14 4.74 -4.23 1.93
C THR B 14 4.24 -4.58 3.33
N LEU B 15 2.99 -5.04 3.40
CA LEU B 15 2.39 -5.41 4.68
C LEU B 15 3.12 -6.59 5.30
N LYS B 16 3.70 -7.43 4.45
CA LYS B 16 4.44 -8.60 4.91
C LYS B 16 5.90 -8.26 5.19
N SER B 17 6.38 -7.20 4.56
CA SER B 17 7.76 -6.77 4.75
C SER B 17 8.12 -6.71 6.22
N PRO B 18 9.42 -6.62 6.52
CA PRO B 18 9.93 -6.55 7.89
C PRO B 18 9.59 -5.23 8.56
N SER B 19 10.10 -5.04 9.78
CA SER B 19 9.84 -3.82 10.53
C SER B 19 10.86 -2.74 10.16
N SER B 20 11.75 -3.06 9.23
CA SER B 20 12.77 -2.13 8.79
C SER B 20 12.16 -0.97 8.02
N PRO B 21 12.79 0.21 8.12
CA PRO B 21 12.33 1.43 7.44
C PRO B 21 12.50 1.35 5.93
N GLN B 22 13.54 0.66 5.49
CA GLN B 22 13.83 0.51 4.07
C GLN B 22 12.66 -0.19 3.36
N GLN B 23 12.01 -1.10 4.07
CA GLN B 23 10.89 -1.84 3.51
C GLN B 23 9.78 -0.90 3.06
N GLN B 24 9.63 0.21 3.79
CA GLN B 24 8.60 1.19 3.47
C GLN B 24 8.76 1.69 2.03
N GLN B 25 10.01 1.84 1.59
CA GLN B 25 10.28 2.31 0.24
C GLN B 25 9.60 1.44 -0.79
N GLN B 26 9.49 0.14 -0.50
CA GLN B 26 8.87 -0.81 -1.41
C GLN B 26 7.40 -0.43 -1.65
N VAL B 27 6.78 0.16 -0.64
CA VAL B 27 5.37 0.56 -0.74
C VAL B 27 5.18 1.58 -1.85
N LEU B 28 5.90 2.70 -1.77
CA LEU B 28 5.81 3.75 -2.77
C LEU B 28 5.93 3.17 -4.18
N ASN B 29 6.70 2.10 -4.31
CA ASN B 29 6.91 1.46 -5.60
C ASN B 29 5.59 0.93 -6.15
N ILE B 30 4.87 0.17 -5.33
CA ILE B 30 3.59 -0.39 -5.74
C ILE B 30 2.57 0.70 -6.03
N LEU B 31 2.39 1.60 -5.07
CA LEU B 31 1.44 2.70 -5.21
C LEU B 31 1.72 3.48 -6.49
N LYS B 32 2.99 3.75 -6.75
CA LYS B 32 3.40 4.49 -7.95
C LYS B 32 2.85 3.82 -9.21
N SER B 33 2.70 2.50 -9.14
CA SER B 33 2.19 1.75 -10.29
C SER B 33 0.67 1.66 -10.24
N ASN B 34 0.11 1.62 -9.04
CA ASN B 34 -1.33 1.54 -8.86
C ASN B 34 -1.89 2.85 -8.34
N PRO B 35 -2.28 3.75 -9.25
CA PRO B 35 -2.84 5.05 -8.90
C PRO B 35 -4.23 4.94 -8.29
N GLN B 36 -5.10 4.16 -8.92
CA GLN B 36 -6.46 3.97 -8.44
C GLN B 36 -6.46 3.47 -7.00
N LEU B 37 -5.35 2.82 -6.60
CA LEU B 37 -5.23 2.29 -5.25
C LEU B 37 -4.78 3.38 -4.28
N MET B 38 -4.05 4.37 -4.79
CA MET B 38 -3.56 5.47 -3.97
C MET B 38 -4.69 6.05 -3.13
N ALA B 39 -5.90 6.00 -3.66
CA ALA B 39 -7.07 6.54 -2.96
C ALA B 39 -7.18 5.93 -1.56
N ALA B 40 -7.17 4.60 -1.49
CA ALA B 40 -7.28 3.91 -0.21
C ALA B 40 -6.23 4.41 0.77
N PHE B 41 -5.11 4.88 0.25
CA PHE B 41 -4.03 5.40 1.09
C PHE B 41 -4.53 6.51 1.99
N ILE B 42 -5.45 7.31 1.49
CA ILE B 42 -6.02 8.41 2.25
C ILE B 42 -6.53 7.94 3.60
N LYS B 43 -7.27 6.84 3.61
CA LYS B 43 -7.81 6.28 4.84
C LYS B 43 -6.71 5.69 5.70
N GLN B 44 -5.71 5.11 5.06
CA GLN B 44 -4.59 4.51 5.78
C GLN B 44 -5.07 3.78 7.04
N ARG B 45 -6.07 2.93 6.87
CA ARG B 45 -6.63 2.18 7.98
C ARG B 45 -5.53 1.43 8.74
N THR B 46 -4.54 0.93 8.00
CA THR B 46 -3.43 0.19 8.59
C THR B 46 -2.75 1.02 9.68
N ALA B 47 -2.46 2.28 9.37
CA ALA B 47 -1.82 3.17 10.33
C ALA B 47 -2.72 3.43 11.53
N LYS B 48 -4.02 3.49 11.27
CA LYS B 48 -5.00 3.74 12.33
C LYS B 48 -5.38 2.44 13.03
N TYR B 49 -4.80 1.34 12.59
CA TYR B 49 -5.08 0.03 13.17
C TYR B 49 -3.84 -0.56 13.82
N VAL B 50 -3.02 0.31 14.42
CA VAL B 50 -1.80 -0.13 15.08
C VAL B 50 -1.83 0.21 16.58
N GLY A 1 -10.36 1.31 -9.75
CA GLY A 1 -10.48 2.70 -10.17
C GLY A 1 -9.52 3.60 -9.42
N SER A 2 -9.30 3.31 -8.14
CA SER A 2 -8.42 4.12 -7.32
C SER A 2 -7.91 3.31 -6.12
N GLU A 3 -8.79 3.11 -5.14
CA GLU A 3 -8.42 2.36 -3.94
C GLU A 3 -8.25 0.88 -4.26
N GLY A 4 -8.15 0.07 -3.22
CA GLY A 4 -7.99 -1.37 -3.41
C GLY A 4 -9.03 -1.95 -4.34
N GLN A 5 -8.60 -2.87 -5.20
CA GLN A 5 -9.51 -3.51 -6.15
C GLN A 5 -9.97 -4.88 -5.64
N SER A 6 -10.02 -5.02 -4.32
CA SER A 6 -10.44 -6.27 -3.70
C SER A 6 -9.32 -7.30 -3.75
N ASP A 7 -8.80 -7.55 -4.95
CA ASP A 7 -7.73 -8.52 -5.13
C ASP A 7 -6.56 -8.22 -4.18
N GLU A 8 -6.21 -6.95 -4.06
CA GLU A 8 -5.12 -6.53 -3.18
C GLU A 8 -5.38 -7.00 -1.75
N ARG A 9 -6.56 -6.69 -1.23
CA ARG A 9 -6.93 -7.07 0.12
C ARG A 9 -6.91 -8.59 0.28
N ALA A 10 -7.27 -9.30 -0.78
CA ALA A 10 -7.30 -10.76 -0.75
C ALA A 10 -5.92 -11.33 -0.45
N LEU A 11 -4.91 -10.77 -1.11
CA LEU A 11 -3.53 -11.23 -0.92
C LEU A 11 -2.97 -10.71 0.41
N LEU A 12 -3.14 -9.41 0.64
CA LEU A 12 -2.65 -8.79 1.88
C LEU A 12 -3.51 -9.20 3.07
N ASP A 13 -4.64 -9.83 2.79
CA ASP A 13 -5.55 -10.28 3.84
C ASP A 13 -4.77 -10.91 5.00
N GLN A 14 -4.01 -11.96 4.69
CA GLN A 14 -3.22 -12.65 5.70
C GLN A 14 -2.16 -11.73 6.29
N LEU A 15 -1.54 -10.93 5.44
CA LEU A 15 -0.50 -10.00 5.87
C LEU A 15 -1.05 -9.02 6.90
N HIS A 16 -2.36 -8.75 6.81
CA HIS A 16 -3.01 -7.83 7.74
C HIS A 16 -2.61 -8.13 9.18
N THR A 17 -2.40 -9.42 9.47
CA THR A 17 -2.02 -9.84 10.81
C THR A 17 -0.80 -9.08 11.31
N LEU A 18 0.26 -9.06 10.50
CA LEU A 18 1.48 -8.36 10.86
C LEU A 18 1.33 -6.86 10.67
N LEU A 19 0.51 -6.47 9.70
CA LEU A 19 0.26 -5.06 9.41
C LEU A 19 -0.19 -4.33 10.67
N SER A 20 -0.95 -5.02 11.51
CA SER A 20 -1.45 -4.43 12.74
C SER A 20 -0.34 -4.28 13.78
N ASN A 21 0.79 -4.92 13.51
CA ASN A 21 1.94 -4.86 14.42
C ASN A 21 2.85 -3.69 14.06
N THR A 22 2.66 -3.14 12.86
CA THR A 22 3.47 -2.02 12.41
C THR A 22 2.84 -0.69 12.79
N ASP A 23 1.52 -0.60 12.59
CA ASP A 23 0.79 0.63 12.92
C ASP A 23 0.68 1.53 11.71
N ALA A 24 -0.52 2.03 11.46
CA ALA A 24 -0.76 2.92 10.32
C ALA A 24 0.23 4.07 10.30
N THR A 25 0.80 4.38 11.47
CA THR A 25 1.76 5.47 11.60
C THR A 25 2.95 5.25 10.65
N GLY A 26 3.61 4.10 10.80
CA GLY A 26 4.75 3.79 9.96
C GLY A 26 4.38 3.71 8.49
N LEU A 27 3.13 3.40 8.22
CA LEU A 27 2.65 3.28 6.85
C LEU A 27 2.65 4.63 6.15
N GLU A 28 2.24 5.66 6.88
CA GLU A 28 2.20 7.01 6.34
C GLU A 28 3.59 7.64 6.31
N GLU A 29 4.53 6.99 7.00
CA GLU A 29 5.90 7.49 7.06
C GLU A 29 6.49 7.61 5.66
N ILE A 30 6.54 6.48 4.94
CA ILE A 30 7.08 6.46 3.58
C ILE A 30 6.14 7.16 2.61
N ASP A 31 4.84 6.96 2.80
CA ASP A 31 3.84 7.57 1.93
C ASP A 31 3.99 9.09 1.92
N ARG A 32 4.06 9.69 3.09
CA ARG A 32 4.20 11.13 3.22
C ARG A 32 5.43 11.62 2.46
N ALA A 33 6.50 10.84 2.52
CA ALA A 33 7.74 11.19 1.84
C ALA A 33 7.49 11.53 0.37
N LEU A 34 6.68 10.71 -0.29
CA LEU A 34 6.37 10.91 -1.69
C LEU A 34 5.19 11.87 -1.84
N GLY A 35 4.22 11.77 -0.93
CA GLY A 35 3.06 12.63 -0.98
C GLY A 35 1.80 11.88 -1.33
N ILE A 36 1.04 11.47 -0.31
CA ILE A 36 -0.19 10.73 -0.52
C ILE A 36 -1.04 11.39 -1.61
N PRO A 37 -1.35 12.68 -1.43
CA PRO A 37 -2.16 13.45 -2.37
C PRO A 37 -1.42 13.71 -3.68
N GLU A 38 -0.12 14.00 -3.57
CA GLU A 38 0.70 14.28 -4.74
C GLU A 38 0.70 13.09 -5.69
N LEU A 39 0.70 11.88 -5.13
CA LEU A 39 0.71 10.66 -5.93
C LEU A 39 -0.63 10.46 -6.62
N VAL A 40 -1.65 11.17 -6.15
CA VAL A 40 -2.99 11.08 -6.74
C VAL A 40 -3.18 12.09 -7.85
N ASN A 41 -2.07 12.66 -8.33
CA ASN A 41 -2.11 13.65 -9.39
C ASN A 41 -1.92 12.99 -10.76
N GLN A 42 -1.42 11.76 -10.74
CA GLN A 42 -1.18 11.02 -11.98
C GLN A 42 -2.41 11.07 -12.88
N GLY A 43 -3.45 10.33 -12.51
CA GLY A 43 -4.66 10.30 -13.29
C GLY A 43 -5.89 10.62 -12.47
N GLN A 44 -7.07 10.23 -12.98
CA GLN A 44 -8.32 10.48 -12.28
C GLN A 44 -9.04 9.17 -11.97
N GLY B 1 -10.85 -5.46 -15.94
CA GLY B 1 -11.45 -5.52 -14.62
C GLY B 1 -10.42 -5.65 -13.51
N SER B 2 -10.05 -6.88 -13.20
CA SER B 2 -9.06 -7.15 -12.16
C SER B 2 -7.69 -6.60 -12.56
N ILE B 3 -6.67 -6.94 -11.76
CA ILE B 3 -5.33 -6.49 -12.03
C ILE B 3 -4.29 -7.53 -11.59
N SER B 4 -3.07 -7.38 -12.08
CA SER B 4 -2.00 -8.31 -11.74
C SER B 4 -1.87 -8.46 -10.23
N PRO B 5 -2.04 -9.71 -9.74
CA PRO B 5 -1.95 -10.01 -8.31
C PRO B 5 -0.53 -9.90 -7.79
N SER B 6 0.45 -10.13 -8.66
CA SER B 6 1.86 -10.05 -8.28
C SER B 6 2.21 -8.65 -7.79
N ALA B 7 1.83 -7.64 -8.56
CA ALA B 7 2.11 -6.25 -8.21
C ALA B 7 1.41 -5.88 -6.90
N LEU B 8 0.12 -6.14 -6.83
CA LEU B 8 -0.66 -5.83 -5.63
C LEU B 8 -0.02 -6.45 -4.39
N GLN B 9 0.25 -7.75 -4.45
CA GLN B 9 0.86 -8.46 -3.33
C GLN B 9 2.15 -7.78 -2.90
N ASP B 10 3.00 -7.47 -3.88
CA ASP B 10 4.28 -6.81 -3.59
C ASP B 10 4.07 -5.45 -2.94
N LEU B 11 3.28 -4.60 -3.62
CA LEU B 11 3.00 -3.27 -3.10
C LEU B 11 2.39 -3.33 -1.70
N LEU B 12 1.26 -4.03 -1.59
CA LEU B 12 0.59 -4.19 -0.30
C LEU B 12 1.52 -4.76 0.74
N ARG B 13 2.13 -5.91 0.43
CA ARG B 13 3.05 -6.56 1.35
C ARG B 13 4.07 -5.58 1.89
N THR B 14 4.62 -4.75 1.00
CA THR B 14 5.61 -3.76 1.39
C THR B 14 4.97 -2.60 2.15
N LEU B 15 3.72 -2.31 1.82
CA LEU B 15 2.99 -1.23 2.49
C LEU B 15 2.85 -1.49 3.97
N LYS B 16 2.71 -2.77 4.34
CA LYS B 16 2.57 -3.15 5.74
C LYS B 16 3.92 -3.61 6.30
N SER B 17 4.65 -4.38 5.52
CA SER B 17 5.95 -4.89 5.96
C SER B 17 6.78 -3.78 6.58
N PRO B 18 6.90 -3.81 7.92
CA PRO B 18 7.66 -2.81 8.67
C PRO B 18 9.17 -2.94 8.44
N SER B 19 9.82 -3.74 9.27
CA SER B 19 11.26 -3.95 9.16
C SER B 19 12.00 -2.62 9.14
N SER B 20 13.27 -2.67 8.80
CA SER B 20 14.11 -1.46 8.74
C SER B 20 13.51 -0.45 7.76
N PRO B 21 13.97 0.81 7.88
CA PRO B 21 13.51 1.90 7.02
C PRO B 21 13.98 1.76 5.58
N GLN B 22 15.16 1.16 5.41
CA GLN B 22 15.74 0.96 4.08
C GLN B 22 14.85 0.06 3.25
N GLN B 23 14.36 -1.02 3.85
CA GLN B 23 13.49 -1.96 3.16
C GLN B 23 12.23 -1.28 2.66
N GLN B 24 11.72 -0.33 3.44
CA GLN B 24 10.51 0.40 3.08
C GLN B 24 10.66 1.06 1.71
N GLN B 25 11.91 1.29 1.31
CA GLN B 25 12.19 1.93 0.03
C GLN B 25 11.46 1.21 -1.10
N GLN B 26 11.23 -0.10 -0.92
CA GLN B 26 10.55 -0.90 -1.92
C GLN B 26 9.18 -0.31 -2.25
N VAL B 27 8.45 0.10 -1.22
CA VAL B 27 7.12 0.68 -1.39
C VAL B 27 7.17 1.88 -2.32
N LEU B 28 7.96 2.88 -1.96
CA LEU B 28 8.10 4.09 -2.76
C LEU B 28 8.37 3.74 -4.22
N ASN B 29 9.36 2.88 -4.44
CA ASN B 29 9.71 2.47 -5.80
C ASN B 29 8.54 1.78 -6.48
N ILE B 30 7.84 0.93 -5.74
CA ILE B 30 6.69 0.21 -6.27
C ILE B 30 5.61 1.18 -6.76
N LEU B 31 5.10 1.99 -5.83
CA LEU B 31 4.06 2.95 -6.16
C LEU B 31 4.47 3.81 -7.35
N LYS B 32 5.76 4.14 -7.42
CA LYS B 32 6.29 4.95 -8.52
C LYS B 32 5.94 4.34 -9.87
N SER B 33 5.84 3.01 -9.90
CA SER B 33 5.51 2.30 -11.14
C SER B 33 4.00 2.11 -11.26
N ASN B 34 3.33 1.96 -10.12
CA ASN B 34 1.88 1.77 -10.11
C ASN B 34 1.22 2.70 -9.10
N PRO B 35 1.02 3.96 -9.50
CA PRO B 35 0.39 4.97 -8.64
C PRO B 35 -1.09 4.70 -8.41
N GLN B 36 -1.72 4.02 -9.37
CA GLN B 36 -3.14 3.70 -9.28
C GLN B 36 -3.45 2.97 -7.97
N LEU B 37 -2.46 2.26 -7.44
CA LEU B 37 -2.62 1.52 -6.20
C LEU B 37 -2.45 2.44 -4.99
N MET B 38 -1.65 3.50 -5.17
CA MET B 38 -1.41 4.45 -4.10
C MET B 38 -2.72 4.88 -3.45
N ALA B 39 -3.71 5.18 -4.27
CA ALA B 39 -5.02 5.60 -3.77
C ALA B 39 -5.52 4.67 -2.69
N ALA B 40 -5.14 3.40 -2.78
CA ALA B 40 -5.54 2.40 -1.81
C ALA B 40 -5.12 2.79 -0.40
N PHE B 41 -3.93 3.38 -0.29
CA PHE B 41 -3.40 3.80 0.99
C PHE B 41 -4.40 4.67 1.75
N ILE B 42 -5.03 5.60 1.03
CA ILE B 42 -6.01 6.49 1.62
C ILE B 42 -7.07 5.70 2.39
N LYS B 43 -7.42 4.54 1.87
CA LYS B 43 -8.42 3.68 2.50
C LYS B 43 -7.91 3.13 3.82
N GLN B 44 -6.70 2.54 3.79
CA GLN B 44 -6.10 1.97 4.97
C GLN B 44 -7.17 1.38 5.90
N ARG B 45 -7.79 0.31 5.46
CA ARG B 45 -8.82 -0.36 6.24
C ARG B 45 -8.23 -1.10 7.43
N THR B 46 -7.08 -1.73 7.20
CA THR B 46 -6.40 -2.49 8.25
C THR B 46 -5.95 -1.57 9.38
N ALA B 47 -5.68 -0.32 9.04
CA ALA B 47 -5.24 0.66 10.04
C ALA B 47 -6.32 0.88 11.11
N LYS B 48 -7.58 0.83 10.69
CA LYS B 48 -8.69 1.02 11.60
C LYS B 48 -9.07 -0.30 12.27
N TYR B 49 -8.34 -1.36 11.95
CA TYR B 49 -8.60 -2.67 12.52
C TYR B 49 -7.42 -3.14 13.39
N VAL B 50 -6.80 -2.19 14.07
CA VAL B 50 -5.66 -2.50 14.93
C VAL B 50 -5.96 -2.13 16.38
N GLY A 1 -3.53 -3.32 0.11
CA GLY A 1 -3.35 -2.19 1.00
C GLY A 1 -4.56 -1.27 1.02
N SER A 2 -5.51 -1.59 1.89
CA SER A 2 -6.72 -0.79 2.01
C SER A 2 -7.41 -0.63 0.65
N GLU A 3 -8.31 -1.55 0.34
CA GLU A 3 -9.03 -1.52 -0.93
C GLU A 3 -8.13 -1.97 -2.08
N GLY A 4 -7.09 -1.19 -2.35
CA GLY A 4 -6.17 -1.51 -3.42
C GLY A 4 -6.89 -1.82 -4.73
N GLN A 5 -6.15 -2.31 -5.71
CA GLN A 5 -6.72 -2.63 -7.01
C GLN A 5 -7.77 -3.74 -6.89
N SER A 6 -7.31 -4.98 -6.84
CA SER A 6 -8.21 -6.12 -6.73
C SER A 6 -7.46 -7.37 -6.27
N ASP A 7 -6.60 -7.88 -7.13
CA ASP A 7 -5.82 -9.07 -6.83
C ASP A 7 -4.97 -8.85 -5.57
N GLU A 8 -4.26 -7.73 -5.53
CA GLU A 8 -3.41 -7.40 -4.39
C GLU A 8 -4.20 -7.48 -3.09
N ARG A 9 -5.22 -6.65 -2.97
CA ARG A 9 -6.06 -6.63 -1.77
C ARG A 9 -6.52 -8.03 -1.41
N ALA A 10 -6.73 -8.87 -2.43
CA ALA A 10 -7.17 -10.24 -2.22
C ALA A 10 -6.24 -10.98 -1.28
N LEU A 11 -4.97 -11.05 -1.65
CA LEU A 11 -3.97 -11.74 -0.83
C LEU A 11 -3.53 -10.87 0.34
N LEU A 12 -3.35 -9.58 0.08
CA LEU A 12 -2.94 -8.64 1.11
C LEU A 12 -3.97 -8.58 2.24
N ASP A 13 -5.22 -8.88 1.91
CA ASP A 13 -6.31 -8.87 2.88
C ASP A 13 -5.91 -9.66 4.13
N GLN A 14 -5.64 -10.95 3.94
CA GLN A 14 -5.26 -11.81 5.05
C GLN A 14 -4.01 -11.29 5.76
N LEU A 15 -2.94 -11.13 4.99
CA LEU A 15 -1.67 -10.64 5.53
C LEU A 15 -1.88 -9.32 6.29
N HIS A 16 -2.91 -8.58 5.88
CA HIS A 16 -3.22 -7.30 6.52
C HIS A 16 -3.27 -7.45 8.04
N THR A 17 -3.58 -8.66 8.50
CA THR A 17 -3.65 -8.93 9.93
C THR A 17 -2.41 -8.43 10.66
N LEU A 18 -1.24 -8.77 10.12
CA LEU A 18 0.02 -8.36 10.70
C LEU A 18 0.30 -6.89 10.43
N LEU A 19 -0.11 -6.42 9.26
CA LEU A 19 0.10 -5.03 8.87
C LEU A 19 -0.68 -4.09 9.79
N SER A 20 -1.58 -4.66 10.59
CA SER A 20 -2.38 -3.88 11.52
C SER A 20 -1.56 -3.46 12.73
N ASN A 21 -0.56 -4.26 13.06
CA ASN A 21 0.29 -3.98 14.21
C ASN A 21 1.77 -4.07 13.81
N THR A 22 2.10 -3.54 12.64
CA THR A 22 3.47 -3.56 12.14
C THR A 22 4.21 -2.29 12.54
N ASP A 23 3.68 -1.15 12.11
CA ASP A 23 4.29 0.14 12.41
C ASP A 23 3.44 1.29 11.88
N ALA A 24 2.69 1.93 12.76
CA ALA A 24 1.84 3.04 12.37
C ALA A 24 2.60 4.06 11.51
N THR A 25 3.50 4.80 12.15
CA THR A 25 4.29 5.80 11.45
C THR A 25 5.11 5.17 10.33
N GLY A 26 5.52 3.93 10.53
CA GLY A 26 6.30 3.23 9.53
C GLY A 26 5.65 3.26 8.17
N LEU A 27 4.33 3.12 8.14
CA LEU A 27 3.58 3.13 6.88
C LEU A 27 3.22 4.55 6.48
N GLU A 28 3.21 5.46 7.45
CA GLU A 28 2.89 6.86 7.18
C GLU A 28 4.10 7.61 6.64
N GLU A 29 5.28 7.09 6.91
CA GLU A 29 6.52 7.71 6.45
C GLU A 29 6.54 7.81 4.93
N ILE A 30 6.38 6.67 4.26
CA ILE A 30 6.37 6.63 2.80
C ILE A 30 5.20 7.43 2.24
N ASP A 31 4.08 7.38 2.95
CA ASP A 31 2.88 8.09 2.51
C ASP A 31 3.10 9.60 2.55
N ARG A 32 3.38 10.13 3.74
CA ARG A 32 3.61 11.55 3.91
C ARG A 32 4.63 12.06 2.89
N ALA A 33 5.68 11.28 2.67
CA ALA A 33 6.72 11.65 1.73
C ALA A 33 6.14 11.93 0.34
N LEU A 34 5.11 11.17 -0.03
CA LEU A 34 4.46 11.34 -1.32
C LEU A 34 3.38 12.41 -1.25
N GLY A 35 2.56 12.36 -0.21
CA GLY A 35 1.50 13.33 -0.03
C GLY A 35 0.12 12.72 -0.20
N ILE A 36 -0.54 12.47 0.92
CA ILE A 36 -1.87 11.88 0.88
C ILE A 36 -2.76 12.54 -0.16
N PRO A 37 -2.86 13.88 -0.09
CA PRO A 37 -3.66 14.67 -1.03
C PRO A 37 -3.05 14.71 -2.42
N GLU A 38 -1.75 14.96 -2.48
CA GLU A 38 -1.03 15.02 -3.75
C GLU A 38 -1.21 13.72 -4.53
N LEU A 39 -1.32 12.61 -3.81
CA LEU A 39 -1.48 11.31 -4.44
C LEU A 39 -2.87 11.17 -5.05
N VAL A 40 -3.74 12.13 -4.75
CA VAL A 40 -5.10 12.11 -5.28
C VAL A 40 -5.17 12.79 -6.64
N ASN A 41 -4.12 13.55 -6.98
CA ASN A 41 -4.07 14.25 -8.25
C ASN A 41 -3.31 13.44 -9.29
N GLN A 42 -3.21 12.14 -9.06
CA GLN A 42 -2.51 11.24 -9.98
C GLN A 42 -3.05 11.38 -11.40
N GLY A 43 -4.37 11.36 -11.53
CA GLY A 43 -4.99 11.48 -12.83
C GLY A 43 -6.16 12.44 -12.83
N GLN A 44 -7.21 12.10 -13.57
CA GLN A 44 -8.40 12.93 -13.66
C GLN A 44 -9.63 12.18 -13.16
N GLY B 1 -8.78 -5.66 -12.64
CA GLY B 1 -8.35 -6.75 -11.79
C GLY B 1 -7.56 -7.80 -12.55
N SER B 2 -7.32 -8.94 -11.91
CA SER B 2 -6.56 -10.03 -12.52
C SER B 2 -5.14 -9.58 -12.84
N ILE B 3 -4.20 -10.00 -12.00
CA ILE B 3 -2.80 -9.65 -12.18
C ILE B 3 -1.88 -10.79 -11.78
N SER B 4 -0.65 -10.77 -12.28
CA SER B 4 0.32 -11.80 -11.97
C SER B 4 0.52 -11.93 -10.46
N PRO B 5 1.03 -13.10 -10.01
CA PRO B 5 1.28 -13.36 -8.60
C PRO B 5 2.45 -12.54 -8.06
N SER B 6 3.33 -12.10 -8.95
CA SER B 6 4.49 -11.31 -8.55
C SER B 6 4.07 -9.90 -8.15
N ALA B 7 3.13 -9.32 -8.90
CA ALA B 7 2.64 -7.99 -8.61
C ALA B 7 1.97 -7.93 -7.24
N LEU B 8 0.97 -8.78 -7.05
CA LEU B 8 0.24 -8.82 -5.77
C LEU B 8 1.18 -9.14 -4.62
N GLN B 9 1.95 -10.21 -4.77
CA GLN B 9 2.88 -10.62 -3.73
C GLN B 9 3.76 -9.46 -3.30
N ASP B 10 4.24 -8.69 -4.28
CA ASP B 10 5.09 -7.54 -4.00
C ASP B 10 4.34 -6.49 -3.19
N LEU B 11 3.12 -6.17 -3.63
CA LEU B 11 2.31 -5.17 -2.95
C LEU B 11 2.07 -5.56 -1.49
N LEU B 12 1.46 -6.73 -1.29
CA LEU B 12 1.18 -7.22 0.06
C LEU B 12 2.47 -7.29 0.89
N ARG B 13 3.46 -8.00 0.37
CA ARG B 13 4.74 -8.15 1.06
C ARG B 13 5.25 -6.80 1.53
N THR B 14 5.25 -5.82 0.65
CA THR B 14 5.72 -4.48 0.98
C THR B 14 4.71 -3.75 1.85
N LEU B 15 3.44 -4.07 1.69
CA LEU B 15 2.38 -3.44 2.46
C LEU B 15 2.53 -3.76 3.95
N LYS B 16 2.72 -5.04 4.26
CA LYS B 16 2.88 -5.49 5.64
C LYS B 16 4.35 -5.44 6.05
N SER B 17 5.22 -5.99 5.22
CA SER B 17 6.65 -6.01 5.50
C SER B 17 6.93 -5.53 6.92
N PRO B 18 6.72 -6.44 7.89
CA PRO B 18 6.94 -6.13 9.31
C PRO B 18 8.42 -5.97 9.64
N SER B 19 8.96 -4.79 9.35
CA SER B 19 10.36 -4.51 9.62
C SER B 19 10.61 -3.01 9.68
N SER B 20 11.89 -2.63 9.64
CA SER B 20 12.27 -1.22 9.69
C SER B 20 11.52 -0.42 8.63
N PRO B 21 11.51 0.92 8.79
CA PRO B 21 10.84 1.82 7.86
C PRO B 21 11.55 1.89 6.51
N GLN B 22 12.82 1.52 6.50
CA GLN B 22 13.61 1.54 5.26
C GLN B 22 13.00 0.62 4.21
N GLN B 23 12.56 -0.56 4.65
CA GLN B 23 11.96 -1.54 3.74
C GLN B 23 10.70 -0.96 3.09
N GLN B 24 10.08 0.00 3.76
CA GLN B 24 8.86 0.62 3.25
C GLN B 24 9.09 1.20 1.86
N GLN B 25 10.34 1.53 1.56
CA GLN B 25 10.69 2.09 0.26
C GLN B 25 10.16 1.22 -0.87
N GLN B 26 10.14 -0.09 -0.64
CA GLN B 26 9.66 -1.03 -1.64
C GLN B 26 8.20 -0.75 -2.00
N VAL B 27 7.44 -0.28 -1.02
CA VAL B 27 6.03 0.04 -1.23
C VAL B 27 5.85 1.10 -2.31
N LEU B 28 6.53 2.23 -2.14
CA LEU B 28 6.45 3.32 -3.10
C LEU B 28 6.64 2.80 -4.53
N ASN B 29 7.53 1.84 -4.68
CA ASN B 29 7.79 1.25 -5.99
C ASN B 29 6.53 0.61 -6.58
N ILE B 30 5.84 -0.15 -5.75
CA ILE B 30 4.62 -0.82 -6.18
C ILE B 30 3.56 0.19 -6.62
N LEU B 31 3.13 1.03 -5.70
CA LEU B 31 2.13 2.05 -5.99
C LEU B 31 2.56 2.91 -7.18
N LYS B 32 3.86 3.18 -7.27
CA LYS B 32 4.40 3.99 -8.35
C LYS B 32 4.03 3.38 -9.71
N SER B 33 3.73 2.09 -9.72
CA SER B 33 3.36 1.40 -10.95
C SER B 33 1.86 1.50 -11.20
N ASN B 34 1.09 1.59 -10.13
CA ASN B 34 -0.36 1.69 -10.23
C ASN B 34 -0.88 2.92 -9.51
N PRO B 35 -1.07 4.02 -10.28
CA PRO B 35 -1.56 5.28 -9.73
C PRO B 35 -3.02 5.21 -9.30
N GLN B 36 -3.79 4.40 -10.01
CA GLN B 36 -5.21 4.24 -9.69
C GLN B 36 -5.40 3.73 -8.26
N LEU B 37 -4.35 3.13 -7.71
CA LEU B 37 -4.39 2.60 -6.35
C LEU B 37 -4.11 3.71 -5.33
N MET B 38 -3.34 4.71 -5.75
CA MET B 38 -2.99 5.82 -4.88
C MET B 38 -4.22 6.36 -4.16
N ALA B 39 -5.36 6.31 -4.84
CA ALA B 39 -6.62 6.79 -4.25
C ALA B 39 -6.86 6.17 -2.88
N ALA B 40 -6.85 4.84 -2.82
CA ALA B 40 -7.07 4.13 -1.57
C ALA B 40 -6.02 4.51 -0.54
N PHE B 41 -4.84 4.92 -1.02
CA PHE B 41 -3.75 5.30 -0.13
C PHE B 41 -4.19 6.42 0.81
N ILE B 42 -4.90 7.40 0.27
CA ILE B 42 -5.38 8.52 1.07
C ILE B 42 -6.14 8.04 2.30
N LYS B 43 -6.87 6.94 2.15
CA LYS B 43 -7.64 6.37 3.25
C LYS B 43 -6.73 5.66 4.24
N GLN B 44 -5.70 5.00 3.73
CA GLN B 44 -4.76 4.27 4.57
C GLN B 44 -5.46 3.65 5.77
N ARG B 45 -6.40 2.75 5.49
CA ARG B 45 -7.14 2.08 6.55
C ARG B 45 -6.20 1.43 7.55
N THR B 46 -5.07 0.93 7.06
CA THR B 46 -4.08 0.28 7.92
C THR B 46 -3.56 1.25 8.98
N ALA B 47 -3.46 2.53 8.61
CA ALA B 47 -2.97 3.54 9.53
C ALA B 47 -3.96 3.78 10.67
N LYS B 48 -5.26 3.68 10.36
CA LYS B 48 -6.30 3.88 11.35
C LYS B 48 -6.66 2.56 12.03
N TYR B 49 -5.87 1.53 11.76
CA TYR B 49 -6.11 0.21 12.35
C TYR B 49 -4.90 -0.26 13.13
N VAL B 50 -4.18 0.68 13.73
CA VAL B 50 -2.99 0.35 14.52
C VAL B 50 -3.16 0.80 15.97
N GLY A 1 0.56 -4.02 -16.99
CA GLY A 1 0.47 -2.59 -16.77
C GLY A 1 0.09 -2.24 -15.35
N SER A 2 -1.16 -1.84 -15.15
CA SER A 2 -1.65 -1.48 -13.83
C SER A 2 -2.16 -2.70 -13.09
N GLU A 3 -1.37 -3.75 -13.07
CA GLU A 3 -1.75 -4.99 -12.38
C GLU A 3 -1.75 -4.80 -10.88
N GLY A 4 -2.92 -4.92 -10.26
CA GLY A 4 -3.02 -4.76 -8.82
C GLY A 4 -4.16 -3.83 -8.43
N GLN A 5 -5.26 -4.41 -7.96
CA GLN A 5 -6.42 -3.63 -7.54
C GLN A 5 -7.17 -4.32 -6.41
N SER A 6 -8.05 -5.24 -6.78
CA SER A 6 -8.85 -5.97 -5.79
C SER A 6 -8.17 -7.28 -5.43
N ASP A 7 -7.53 -7.91 -6.41
CA ASP A 7 -6.85 -9.18 -6.20
C ASP A 7 -5.80 -9.05 -5.09
N GLU A 8 -4.90 -8.09 -5.24
CA GLU A 8 -3.84 -7.86 -4.26
C GLU A 8 -4.43 -7.68 -2.87
N ARG A 9 -5.37 -6.73 -2.74
CA ARG A 9 -6.00 -6.46 -1.46
C ARG A 9 -6.75 -7.69 -0.95
N ALA A 10 -7.23 -8.51 -1.87
CA ALA A 10 -7.95 -9.73 -1.51
C ALA A 10 -7.09 -10.64 -0.65
N LEU A 11 -5.94 -11.02 -1.16
CA LEU A 11 -5.03 -11.90 -0.45
C LEU A 11 -4.25 -11.12 0.62
N LEU A 12 -3.94 -9.87 0.31
CA LEU A 12 -3.20 -9.03 1.24
C LEU A 12 -4.09 -8.58 2.40
N ASP A 13 -5.40 -8.69 2.21
CA ASP A 13 -6.37 -8.31 3.23
C ASP A 13 -6.05 -8.99 4.55
N GLN A 14 -6.08 -10.32 4.56
CA GLN A 14 -5.79 -11.09 5.76
C GLN A 14 -4.43 -10.71 6.34
N LEU A 15 -3.41 -10.72 5.48
CA LEU A 15 -2.06 -10.38 5.91
C LEU A 15 -2.01 -8.99 6.53
N HIS A 16 -2.93 -8.12 6.10
CA HIS A 16 -3.00 -6.76 6.62
C HIS A 16 -2.98 -6.76 8.14
N THR A 17 -3.45 -7.85 8.74
CA THR A 17 -3.49 -7.97 10.19
C THR A 17 -2.13 -7.64 10.81
N LEU A 18 -1.07 -7.97 10.09
CA LEU A 18 0.29 -7.71 10.56
C LEU A 18 0.61 -6.22 10.49
N LEU A 19 0.06 -5.54 9.49
CA LEU A 19 0.29 -4.12 9.31
C LEU A 19 -0.23 -3.33 10.51
N SER A 20 -1.00 -3.99 11.36
CA SER A 20 -1.56 -3.36 12.55
C SER A 20 -0.48 -3.14 13.61
N ASN A 21 0.56 -3.97 13.56
CA ASN A 21 1.65 -3.87 14.52
C ASN A 21 3.00 -3.87 13.80
N THR A 22 3.06 -3.22 12.66
CA THR A 22 4.28 -3.15 11.87
C THR A 22 5.09 -1.90 12.22
N ASP A 23 4.48 -0.73 12.01
CA ASP A 23 5.14 0.54 12.30
C ASP A 23 4.23 1.71 11.94
N ALA A 24 3.71 2.38 12.97
CA ALA A 24 2.82 3.53 12.76
C ALA A 24 3.43 4.50 11.76
N THR A 25 4.46 5.23 12.18
CA THR A 25 5.12 6.21 11.32
C THR A 25 5.66 5.54 10.06
N GLY A 26 6.06 4.27 10.19
CA GLY A 26 6.59 3.55 9.04
C GLY A 26 5.68 3.63 7.84
N LEU A 27 4.38 3.57 8.07
CA LEU A 27 3.41 3.64 6.98
C LEU A 27 3.04 5.09 6.66
N GLU A 28 3.27 5.97 7.62
CA GLU A 28 2.97 7.39 7.44
C GLU A 28 4.08 8.09 6.67
N GLU A 29 5.28 7.49 6.68
CA GLU A 29 6.43 8.05 5.98
C GLU A 29 6.16 8.10 4.47
N ILE A 30 5.90 6.95 3.89
CA ILE A 30 5.64 6.85 2.46
C ILE A 30 4.37 7.61 2.08
N ASP A 31 3.40 7.61 2.98
CA ASP A 31 2.13 8.31 2.74
C ASP A 31 2.36 9.81 2.59
N ARG A 32 2.87 10.43 3.65
CA ARG A 32 3.12 11.87 3.63
C ARG A 32 3.96 12.25 2.41
N ALA A 33 4.93 11.42 2.07
CA ALA A 33 5.79 11.67 0.92
C ALA A 33 4.97 11.85 -0.35
N LEU A 34 3.85 11.14 -0.44
CA LEU A 34 2.97 11.23 -1.60
C LEU A 34 2.00 12.39 -1.47
N GLY A 35 1.40 12.52 -0.28
CA GLY A 35 0.45 13.58 -0.05
C GLY A 35 -0.99 13.10 -0.02
N ILE A 36 -1.55 12.99 1.18
CA ILE A 36 -2.92 12.54 1.33
C ILE A 36 -3.86 13.28 0.39
N PRO A 37 -3.79 14.62 0.44
CA PRO A 37 -4.64 15.48 -0.40
C PRO A 37 -4.24 15.41 -1.88
N GLU A 38 -2.96 15.53 -2.15
CA GLU A 38 -2.45 15.48 -3.52
C GLU A 38 -2.89 14.19 -4.20
N LEU A 39 -2.81 13.09 -3.48
CA LEU A 39 -3.20 11.79 -4.02
C LEU A 39 -4.69 11.75 -4.35
N VAL A 40 -5.42 12.73 -3.85
CA VAL A 40 -6.85 12.82 -4.09
C VAL A 40 -7.14 13.53 -5.42
N ASN A 41 -6.12 14.17 -5.98
CA ASN A 41 -6.26 14.89 -7.24
C ASN A 41 -5.81 14.02 -8.41
N GLN A 42 -5.69 12.72 -8.16
CA GLN A 42 -5.26 11.80 -9.20
C GLN A 42 -6.34 11.63 -10.26
N GLY A 43 -5.92 11.33 -11.49
CA GLY A 43 -6.86 11.16 -12.58
C GLY A 43 -6.29 11.58 -13.92
N GLN A 44 -7.11 12.21 -14.74
CA GLN A 44 -6.69 12.66 -16.06
C GLN A 44 -6.81 14.18 -16.18
N GLY B 1 -10.29 -9.23 -7.57
CA GLY B 1 -11.06 -9.49 -8.77
C GLY B 1 -10.51 -10.62 -9.61
N SER B 2 -9.75 -10.27 -10.65
CA SER B 2 -9.16 -11.26 -11.53
C SER B 2 -7.89 -10.72 -12.18
N ILE B 3 -6.75 -11.03 -11.57
CA ILE B 3 -5.46 -10.58 -12.08
C ILE B 3 -4.36 -11.60 -11.78
N SER B 4 -3.23 -11.45 -12.46
CA SER B 4 -2.10 -12.36 -12.26
C SER B 4 -1.62 -12.33 -10.81
N PRO B 5 -0.93 -13.40 -10.40
CA PRO B 5 -0.41 -13.53 -9.03
C PRO B 5 0.74 -12.56 -8.76
N SER B 6 1.24 -11.94 -9.82
CA SER B 6 2.35 -11.00 -9.70
C SER B 6 1.89 -9.72 -9.01
N ALA B 7 0.71 -9.23 -9.40
CA ALA B 7 0.16 -8.02 -8.82
C ALA B 7 0.01 -8.15 -7.31
N LEU B 8 -0.71 -9.17 -6.88
CA LEU B 8 -0.94 -9.41 -5.46
C LEU B 8 0.38 -9.62 -4.73
N GLN B 9 1.32 -10.31 -5.37
CA GLN B 9 2.62 -10.57 -4.78
C GLN B 9 3.31 -9.27 -4.40
N ASP B 10 3.24 -8.28 -5.28
CA ASP B 10 3.86 -6.98 -5.03
C ASP B 10 3.30 -6.34 -3.76
N LEU B 11 1.99 -6.18 -3.72
CA LEU B 11 1.32 -5.59 -2.57
C LEU B 11 1.57 -6.40 -1.31
N LEU B 12 1.19 -7.67 -1.34
CA LEU B 12 1.38 -8.56 -0.20
C LEU B 12 2.82 -8.53 0.28
N ARG B 13 3.76 -8.38 -0.66
CA ARG B 13 5.17 -8.33 -0.33
C ARG B 13 5.48 -7.13 0.55
N THR B 14 4.81 -6.01 0.27
CA THR B 14 5.02 -4.79 1.04
C THR B 14 4.44 -4.92 2.44
N LEU B 15 3.21 -5.41 2.54
CA LEU B 15 2.55 -5.59 3.83
C LEU B 15 3.21 -6.70 4.62
N LYS B 16 3.68 -7.73 3.93
CA LYS B 16 4.33 -8.86 4.56
C LYS B 16 5.82 -8.60 4.74
N SER B 17 6.33 -7.58 4.05
CA SER B 17 7.74 -7.23 4.14
C SER B 17 8.20 -7.14 5.59
N PRO B 18 9.53 -7.12 5.79
CA PRO B 18 10.11 -7.03 7.13
C PRO B 18 9.89 -5.66 7.77
N SER B 19 10.42 -5.49 8.98
CA SER B 19 10.28 -4.23 9.71
C SER B 19 11.25 -3.18 9.17
N SER B 20 12.05 -3.57 8.18
CA SER B 20 13.02 -2.66 7.59
C SER B 20 12.34 -1.44 6.99
N PRO B 21 13.12 -0.38 6.75
CA PRO B 21 12.61 0.87 6.18
C PRO B 21 12.22 0.71 4.71
N GLN B 22 12.91 -0.17 4.01
CA GLN B 22 12.64 -0.40 2.59
C GLN B 22 11.28 -1.08 2.41
N GLN B 23 10.71 -1.56 3.51
CA GLN B 23 9.41 -2.22 3.47
C GLN B 23 8.36 -1.30 2.88
N GLN B 24 8.14 -0.16 3.54
CA GLN B 24 7.16 0.81 3.08
C GLN B 24 7.48 1.31 1.68
N GLN B 25 8.78 1.43 1.38
CA GLN B 25 9.23 1.89 0.07
C GLN B 25 8.59 1.07 -1.04
N GLN B 26 8.42 -0.22 -0.78
CA GLN B 26 7.83 -1.12 -1.78
C GLN B 26 6.39 -0.71 -2.08
N VAL B 27 5.70 -0.20 -1.08
CA VAL B 27 4.31 0.23 -1.24
C VAL B 27 4.19 1.25 -2.37
N LEU B 28 4.97 2.32 -2.29
CA LEU B 28 4.94 3.37 -3.31
C LEU B 28 4.98 2.76 -4.71
N ASN B 29 5.72 1.66 -4.85
CA ASN B 29 5.85 0.99 -6.14
C ASN B 29 4.48 0.56 -6.67
N ILE B 30 3.70 -0.08 -5.81
CA ILE B 30 2.37 -0.55 -6.19
C ILE B 30 1.44 0.62 -6.45
N LEU B 31 1.33 1.53 -5.48
CA LEU B 31 0.47 2.70 -5.62
C LEU B 31 0.77 3.45 -6.92
N LYS B 32 2.06 3.62 -7.21
CA LYS B 32 2.48 4.32 -8.42
C LYS B 32 1.85 3.68 -9.66
N SER B 33 1.54 2.39 -9.56
CA SER B 33 0.94 1.66 -10.67
C SER B 33 -0.58 1.76 -10.62
N ASN B 34 -1.13 1.84 -9.42
CA ASN B 34 -2.57 1.93 -9.25
C ASN B 34 -2.93 3.04 -8.25
N PRO B 35 -3.04 4.28 -8.75
CA PRO B 35 -3.37 5.43 -7.92
C PRO B 35 -4.82 5.40 -7.43
N GLN B 36 -5.69 4.77 -8.20
CA GLN B 36 -7.09 4.67 -7.85
C GLN B 36 -7.26 4.07 -6.46
N LEU B 37 -6.33 3.21 -6.07
CA LEU B 37 -6.37 2.57 -4.76
C LEU B 37 -5.75 3.47 -3.69
N MET B 38 -4.80 4.29 -4.10
CA MET B 38 -4.14 5.21 -3.18
C MET B 38 -5.15 5.98 -2.35
N ALA B 39 -6.32 6.22 -2.94
CA ALA B 39 -7.38 6.96 -2.25
C ALA B 39 -7.64 6.37 -0.87
N ALA B 40 -7.85 5.06 -0.81
CA ALA B 40 -8.10 4.38 0.45
C ALA B 40 -7.03 4.70 1.48
N PHE B 41 -5.83 4.99 1.00
CA PHE B 41 -4.70 5.31 1.88
C PHE B 41 -5.04 6.52 2.76
N ILE B 42 -5.81 7.45 2.20
CA ILE B 42 -6.19 8.66 2.93
C ILE B 42 -6.80 8.30 4.28
N LYS B 43 -7.55 7.21 4.33
CA LYS B 43 -8.18 6.76 5.57
C LYS B 43 -7.16 6.06 6.47
N GLN B 44 -6.33 5.21 5.86
CA GLN B 44 -5.32 4.47 6.60
C GLN B 44 -5.85 4.07 7.99
N ARG B 45 -6.90 3.27 8.00
CA ARG B 45 -7.49 2.81 9.25
C ARG B 45 -6.44 2.18 10.16
N THR B 46 -5.47 1.52 9.55
CA THR B 46 -4.40 0.88 10.30
C THR B 46 -3.61 1.88 11.13
N ALA B 47 -3.37 3.07 10.54
CA ALA B 47 -2.64 4.12 11.23
C ALA B 47 -3.39 4.60 12.46
N LYS B 48 -4.71 4.66 12.36
CA LYS B 48 -5.54 5.10 13.47
C LYS B 48 -6.01 3.92 14.31
N TYR B 49 -5.42 2.75 14.06
CA TYR B 49 -5.76 1.55 14.79
C TYR B 49 -4.53 0.93 15.46
N VAL B 50 -3.59 1.78 15.83
CA VAL B 50 -2.36 1.33 16.47
C VAL B 50 -2.21 1.93 17.86
N GLY A 1 -13.20 -1.74 -2.15
CA GLY A 1 -14.53 -1.18 -2.10
C GLY A 1 -14.56 0.20 -1.48
N SER A 2 -14.19 0.29 -0.21
CA SER A 2 -14.17 1.57 0.49
C SER A 2 -12.95 2.39 0.10
N GLU A 3 -12.87 2.74 -1.18
CA GLU A 3 -11.75 3.54 -1.67
C GLU A 3 -10.46 2.72 -1.63
N GLY A 4 -10.38 1.69 -2.48
CA GLY A 4 -9.20 0.85 -2.53
C GLY A 4 -9.25 -0.16 -3.66
N GLN A 5 -8.13 -0.82 -3.90
CA GLN A 5 -8.05 -1.81 -4.96
C GLN A 5 -8.73 -3.12 -4.55
N SER A 6 -9.32 -3.80 -5.52
CA SER A 6 -10.02 -5.06 -5.25
C SER A 6 -9.05 -6.23 -5.36
N ASP A 7 -8.33 -6.30 -6.48
CA ASP A 7 -7.38 -7.38 -6.71
C ASP A 7 -6.34 -7.44 -5.59
N GLU A 8 -5.75 -6.30 -5.28
CA GLU A 8 -4.73 -6.22 -4.23
C GLU A 8 -5.31 -6.67 -2.88
N ARG A 9 -6.32 -5.95 -2.41
CA ARG A 9 -6.96 -6.28 -1.14
C ARG A 9 -7.37 -7.74 -1.10
N ALA A 10 -7.74 -8.28 -2.25
CA ALA A 10 -8.17 -9.67 -2.35
C ALA A 10 -7.11 -10.60 -1.76
N LEU A 11 -5.91 -10.55 -2.30
CA LEU A 11 -4.81 -11.40 -1.83
C LEU A 11 -4.19 -10.81 -0.57
N LEU A 12 -3.96 -9.50 -0.57
CA LEU A 12 -3.37 -8.82 0.58
C LEU A 12 -4.24 -8.99 1.83
N ASP A 13 -5.51 -9.32 1.61
CA ASP A 13 -6.45 -9.52 2.71
C ASP A 13 -5.84 -10.44 3.78
N GLN A 14 -5.52 -11.66 3.38
CA GLN A 14 -4.93 -12.63 4.30
C GLN A 14 -3.62 -12.11 4.88
N LEU A 15 -2.68 -11.79 4.00
CA LEU A 15 -1.38 -11.29 4.42
C LEU A 15 -1.54 -10.08 5.35
N HIS A 16 -2.66 -9.38 5.21
CA HIS A 16 -2.93 -8.21 6.05
C HIS A 16 -2.70 -8.52 7.52
N THR A 17 -2.80 -9.80 7.88
CA THR A 17 -2.59 -10.24 9.25
C THR A 17 -1.31 -9.66 9.83
N LEU A 18 -0.24 -9.69 9.03
CA LEU A 18 1.05 -9.15 9.45
C LEU A 18 1.06 -7.63 9.42
N LEU A 19 0.32 -7.07 8.48
CA LEU A 19 0.24 -5.61 8.34
C LEU A 19 -0.38 -4.98 9.58
N SER A 20 -0.96 -5.83 10.44
CA SER A 20 -1.59 -5.36 11.66
C SER A 20 -0.54 -4.95 12.70
N ASN A 21 0.61 -5.60 12.64
CA ASN A 21 1.70 -5.31 13.57
C ASN A 21 3.03 -5.14 12.83
N THR A 22 2.97 -4.43 11.70
CA THR A 22 4.17 -4.17 10.91
C THR A 22 4.84 -2.87 11.31
N ASP A 23 4.10 -1.77 11.18
CA ASP A 23 4.63 -0.46 11.53
C ASP A 23 3.59 0.63 11.27
N ALA A 24 2.85 1.01 12.30
CA ALA A 24 1.83 2.03 12.18
C ALA A 24 2.38 3.27 11.51
N THR A 25 3.14 4.06 12.26
CA THR A 25 3.73 5.29 11.73
C THR A 25 4.64 5.00 10.54
N GLY A 26 5.31 3.85 10.59
CA GLY A 26 6.21 3.47 9.50
C GLY A 26 5.53 3.55 8.14
N LEU A 27 4.23 3.24 8.11
CA LEU A 27 3.47 3.26 6.87
C LEU A 27 2.91 4.66 6.61
N GLU A 28 2.78 5.45 7.67
CA GLU A 28 2.25 6.80 7.56
C GLU A 28 3.33 7.78 7.11
N GLU A 29 4.58 7.47 7.45
CA GLU A 29 5.71 8.32 7.08
C GLU A 29 5.81 8.45 5.57
N ILE A 30 5.95 7.32 4.89
CA ILE A 30 6.05 7.31 3.43
C ILE A 30 4.79 7.88 2.78
N ASP A 31 3.66 7.66 3.43
CA ASP A 31 2.38 8.14 2.92
C ASP A 31 2.45 9.64 2.62
N ARG A 32 2.68 10.44 3.67
CA ARG A 32 2.76 11.88 3.52
C ARG A 32 3.83 12.26 2.50
N ALA A 33 4.94 11.54 2.52
CA ALA A 33 6.04 11.79 1.59
C ALA A 33 5.55 11.79 0.15
N LEU A 34 4.46 11.09 -0.10
CA LEU A 34 3.90 11.00 -1.44
C LEU A 34 2.98 12.19 -1.72
N GLY A 35 2.13 12.53 -0.75
CA GLY A 35 1.23 13.65 -0.91
C GLY A 35 -0.12 13.22 -1.45
N ILE A 36 -1.17 13.43 -0.66
CA ILE A 36 -2.52 13.05 -1.07
C ILE A 36 -2.82 13.55 -2.49
N PRO A 37 -2.55 14.84 -2.73
CA PRO A 37 -2.78 15.47 -4.03
C PRO A 37 -1.82 14.98 -5.09
N GLU A 38 -0.53 14.93 -4.75
CA GLU A 38 0.49 14.48 -5.67
C GLU A 38 0.18 13.06 -6.18
N LEU A 39 -0.35 12.22 -5.29
CA LEU A 39 -0.70 10.86 -5.65
C LEU A 39 -1.78 10.83 -6.73
N VAL A 40 -2.48 11.95 -6.89
CA VAL A 40 -3.54 12.06 -7.88
C VAL A 40 -2.97 12.43 -9.25
N ASN A 41 -1.77 13.00 -9.24
CA ASN A 41 -1.12 13.41 -10.49
C ASN A 41 -0.15 12.33 -10.97
N GLN A 42 -0.44 11.08 -10.62
CA GLN A 42 0.40 9.96 -11.03
C GLN A 42 0.66 9.99 -12.52
N GLY A 43 -0.40 9.82 -13.31
CA GLY A 43 -0.27 9.83 -14.75
C GLY A 43 -1.52 10.31 -15.45
N GLN A 44 -2.30 9.38 -15.97
CA GLN A 44 -3.54 9.72 -16.66
C GLN A 44 -4.75 9.11 -15.96
N GLY B 1 -12.08 -4.58 -10.21
CA GLY B 1 -10.89 -3.95 -10.75
C GLY B 1 -10.19 -4.81 -11.77
N SER B 2 -9.84 -6.03 -11.39
CA SER B 2 -9.16 -6.95 -12.28
C SER B 2 -7.82 -6.38 -12.73
N ILE B 3 -6.74 -6.80 -12.08
CA ILE B 3 -5.40 -6.34 -12.42
C ILE B 3 -4.39 -7.47 -12.39
N SER B 4 -3.27 -7.28 -13.08
CA SER B 4 -2.22 -8.29 -13.13
C SER B 4 -1.79 -8.70 -11.73
N PRO B 5 -1.16 -9.89 -11.62
CA PRO B 5 -0.68 -10.42 -10.35
C PRO B 5 0.50 -9.64 -9.80
N SER B 6 1.19 -8.91 -10.68
CA SER B 6 2.34 -8.13 -10.29
C SER B 6 1.92 -6.92 -9.46
N ALA B 7 0.80 -6.30 -9.85
CA ALA B 7 0.29 -5.13 -9.14
C ALA B 7 -0.02 -5.47 -7.68
N LEU B 8 -0.88 -6.47 -7.48
CA LEU B 8 -1.26 -6.89 -6.14
C LEU B 8 -0.06 -7.40 -5.36
N GLN B 9 0.76 -8.21 -6.02
CA GLN B 9 1.95 -8.78 -5.39
C GLN B 9 2.83 -7.67 -4.81
N ASP B 10 3.08 -6.65 -5.61
CA ASP B 10 3.91 -5.52 -5.18
C ASP B 10 3.25 -4.78 -4.03
N LEU B 11 1.99 -4.38 -4.23
CA LEU B 11 1.25 -3.66 -3.21
C LEU B 11 1.19 -4.46 -1.90
N LEU B 12 0.58 -5.64 -1.96
CA LEU B 12 0.46 -6.50 -0.79
C LEU B 12 1.83 -6.74 -0.15
N ARG B 13 2.86 -6.86 -0.98
CA ARG B 13 4.21 -7.10 -0.50
C ARG B 13 4.60 -6.05 0.55
N THR B 14 4.24 -4.80 0.28
CA THR B 14 4.55 -3.71 1.20
C THR B 14 3.85 -3.90 2.54
N LEU B 15 2.56 -4.18 2.50
CA LEU B 15 1.78 -4.39 3.71
C LEU B 15 2.28 -5.60 4.49
N LYS B 16 2.61 -6.66 3.77
CA LYS B 16 3.12 -7.89 4.38
C LYS B 16 4.64 -7.85 4.50
N SER B 17 5.22 -6.67 4.28
CA SER B 17 6.66 -6.50 4.35
C SER B 17 7.20 -6.97 5.70
N PRO B 18 8.49 -7.34 5.72
CA PRO B 18 9.15 -7.81 6.94
C PRO B 18 9.35 -6.69 7.96
N SER B 19 8.47 -5.69 7.92
CA SER B 19 8.55 -4.57 8.84
C SER B 19 9.92 -3.89 8.75
N SER B 20 10.59 -4.07 7.61
CA SER B 20 11.90 -3.49 7.39
C SER B 20 11.81 -1.97 7.23
N PRO B 21 12.91 -1.27 7.53
CA PRO B 21 12.98 0.19 7.43
C PRO B 21 12.97 0.67 5.98
N GLN B 22 13.89 0.14 5.18
CA GLN B 22 13.98 0.51 3.78
C GLN B 22 12.80 -0.06 2.98
N GLN B 23 12.09 -1.00 3.59
CA GLN B 23 10.95 -1.63 2.93
C GLN B 23 9.90 -0.59 2.56
N GLN B 24 9.70 0.39 3.45
CA GLN B 24 8.73 1.43 3.21
C GLN B 24 8.96 2.12 1.87
N GLN B 25 10.23 2.20 1.48
CA GLN B 25 10.60 2.83 0.22
C GLN B 25 9.94 2.11 -0.96
N GLN B 26 9.79 0.80 -0.82
CA GLN B 26 9.17 0.00 -1.89
C GLN B 26 7.74 0.45 -2.14
N VAL B 27 7.07 0.92 -1.11
CA VAL B 27 5.69 1.38 -1.22
C VAL B 27 5.59 2.56 -2.20
N LEU B 28 6.37 3.59 -1.95
CA LEU B 28 6.37 4.77 -2.81
C LEU B 28 6.46 4.38 -4.28
N ASN B 29 7.20 3.31 -4.56
CA ASN B 29 7.36 2.83 -5.93
C ASN B 29 6.03 2.32 -6.48
N ILE B 30 5.29 1.58 -5.66
CA ILE B 30 4.00 1.05 -6.08
C ILE B 30 3.01 2.17 -6.38
N LEU B 31 2.68 2.95 -5.35
CA LEU B 31 1.74 4.06 -5.51
C LEU B 31 2.15 4.96 -6.68
N LYS B 32 3.39 5.41 -6.66
CA LYS B 32 3.91 6.28 -7.72
C LYS B 32 3.79 5.60 -9.08
N SER B 33 3.67 4.28 -9.07
CA SER B 33 3.55 3.52 -10.31
C SER B 33 2.08 3.36 -10.70
N ASN B 34 1.21 3.25 -9.70
CA ASN B 34 -0.22 3.09 -9.94
C ASN B 34 -1.02 4.14 -9.17
N PRO B 35 -1.82 4.93 -9.90
CA PRO B 35 -2.65 5.97 -9.31
C PRO B 35 -3.81 5.40 -8.49
N GLN B 36 -4.27 4.22 -8.87
CA GLN B 36 -5.37 3.56 -8.17
C GLN B 36 -5.04 3.40 -6.69
N LEU B 37 -3.75 3.42 -6.36
CA LEU B 37 -3.32 3.28 -4.99
C LEU B 37 -3.51 4.57 -4.20
N MET B 38 -3.51 5.69 -4.91
CA MET B 38 -3.69 6.99 -4.28
C MET B 38 -4.92 6.99 -3.38
N ALA B 39 -6.06 6.61 -3.94
CA ALA B 39 -7.30 6.56 -3.18
C ALA B 39 -7.12 5.78 -1.88
N ALA B 40 -6.23 4.80 -1.90
CA ALA B 40 -5.95 3.98 -0.73
C ALA B 40 -5.50 4.84 0.44
N PHE B 41 -4.80 5.93 0.14
CA PHE B 41 -4.30 6.83 1.17
C PHE B 41 -5.43 7.27 2.11
N ILE B 42 -6.48 7.83 1.53
CA ILE B 42 -7.62 8.28 2.31
C ILE B 42 -8.16 7.18 3.21
N LYS B 43 -8.12 5.95 2.70
CA LYS B 43 -8.60 4.80 3.46
C LYS B 43 -7.87 4.68 4.79
N GLN B 44 -6.54 4.60 4.73
CA GLN B 44 -5.72 4.49 5.93
C GLN B 44 -6.41 3.61 6.97
N ARG B 45 -6.87 2.44 6.54
CA ARG B 45 -7.55 1.51 7.44
C ARG B 45 -6.55 0.84 8.38
N THR B 46 -5.45 0.36 7.82
CA THR B 46 -4.42 -0.31 8.60
C THR B 46 -3.85 0.62 9.66
N ALA B 47 -3.69 1.89 9.31
CA ALA B 47 -3.15 2.88 10.23
C ALA B 47 -4.07 3.08 11.43
N LYS B 48 -5.38 2.91 11.19
CA LYS B 48 -6.37 3.07 12.25
C LYS B 48 -6.70 1.72 12.89
N TYR B 49 -6.23 0.64 12.26
CA TYR B 49 -6.47 -0.70 12.77
C TYR B 49 -5.17 -1.40 13.14
N VAL B 50 -4.16 -0.60 13.50
CA VAL B 50 -2.86 -1.13 13.87
C VAL B 50 -2.50 -0.76 15.31
N GLY A 1 10.02 -4.31 -10.72
CA GLY A 1 8.72 -3.80 -11.11
C GLY A 1 7.57 -4.60 -10.51
N SER A 2 7.13 -5.61 -11.23
CA SER A 2 6.03 -6.46 -10.77
C SER A 2 4.85 -5.61 -10.31
N GLU A 3 4.47 -4.64 -11.14
CA GLU A 3 3.35 -3.76 -10.83
C GLU A 3 2.03 -4.50 -10.90
N GLY A 4 1.00 -3.95 -10.27
CA GLY A 4 -0.30 -4.58 -10.27
C GLY A 4 -1.42 -3.59 -10.53
N GLN A 5 -2.59 -3.85 -9.96
CA GLN A 5 -3.74 -2.97 -10.14
C GLN A 5 -4.58 -2.91 -8.86
N SER A 6 -5.19 -4.03 -8.50
CA SER A 6 -6.02 -4.10 -7.30
C SER A 6 -5.90 -5.46 -6.64
N ASP A 7 -5.66 -6.49 -7.45
CA ASP A 7 -5.54 -7.85 -6.94
C ASP A 7 -4.57 -7.90 -5.75
N GLU A 8 -3.45 -7.21 -5.89
CA GLU A 8 -2.45 -7.17 -4.82
C GLU A 8 -3.08 -6.75 -3.50
N ARG A 9 -3.71 -5.57 -3.49
CA ARG A 9 -4.34 -5.05 -2.29
C ARG A 9 -5.43 -6.01 -1.79
N ALA A 10 -6.06 -6.70 -2.73
CA ALA A 10 -7.12 -7.65 -2.39
C ALA A 10 -6.60 -8.74 -1.46
N LEU A 11 -5.48 -9.35 -1.84
CA LEU A 11 -4.89 -10.41 -1.04
C LEU A 11 -4.17 -9.84 0.18
N LEU A 12 -3.45 -8.74 -0.03
CA LEU A 12 -2.72 -8.09 1.05
C LEU A 12 -3.67 -7.39 2.02
N ASP A 13 -4.91 -7.19 1.58
CA ASP A 13 -5.91 -6.54 2.42
C ASP A 13 -6.03 -7.23 3.77
N GLN A 14 -6.38 -8.52 3.75
CA GLN A 14 -6.52 -9.29 4.98
C GLN A 14 -5.22 -9.30 5.77
N LEU A 15 -4.12 -9.58 5.08
CA LEU A 15 -2.81 -9.62 5.73
C LEU A 15 -2.48 -8.29 6.39
N HIS A 16 -3.04 -7.21 5.84
CA HIS A 16 -2.82 -5.88 6.38
C HIS A 16 -3.12 -5.83 7.87
N THR A 17 -3.91 -6.80 8.34
CA THR A 17 -4.28 -6.88 9.74
C THR A 17 -3.06 -6.72 10.65
N LEU A 18 -1.93 -7.28 10.21
CA LEU A 18 -0.70 -7.20 10.98
C LEU A 18 -0.07 -5.81 10.88
N LEU A 19 -0.22 -5.19 9.71
CA LEU A 19 0.32 -3.85 9.49
C LEU A 19 -0.32 -2.84 10.43
N SER A 20 -1.44 -3.22 11.03
CA SER A 20 -2.15 -2.34 11.95
C SER A 20 -1.46 -2.31 13.31
N ASN A 21 -1.05 -3.48 13.78
CA ASN A 21 -0.38 -3.58 15.07
C ASN A 21 1.14 -3.48 14.90
N THR A 22 1.57 -2.98 13.75
CA THR A 22 2.99 -2.84 13.46
C THR A 22 3.48 -1.43 13.82
N ASP A 23 2.89 -0.43 13.19
CA ASP A 23 3.26 0.96 13.45
C ASP A 23 2.43 1.91 12.59
N ALA A 24 1.60 2.72 13.26
CA ALA A 24 0.75 3.67 12.55
C ALA A 24 1.55 4.49 11.55
N THR A 25 2.57 5.20 12.05
CA THR A 25 3.42 6.03 11.19
C THR A 25 4.09 5.20 10.11
N GLY A 26 4.34 3.92 10.42
CA GLY A 26 4.98 3.04 9.46
C GLY A 26 4.27 3.03 8.11
N LEU A 27 2.94 3.01 8.16
CA LEU A 27 2.15 3.00 6.93
C LEU A 27 1.88 4.42 6.45
N GLU A 28 1.99 5.38 7.35
CA GLU A 28 1.76 6.79 7.01
C GLU A 28 2.99 7.39 6.35
N GLU A 29 4.14 6.75 6.54
CA GLU A 29 5.39 7.23 5.97
C GLU A 29 5.29 7.31 4.44
N ILE A 30 4.99 6.19 3.81
CA ILE A 30 4.86 6.13 2.36
C ILE A 30 3.67 6.97 1.89
N ASP A 31 2.61 6.98 2.68
CA ASP A 31 1.41 7.74 2.34
C ASP A 31 1.72 9.23 2.27
N ARG A 32 2.14 9.80 3.40
CA ARG A 32 2.47 11.22 3.47
C ARG A 32 3.43 11.62 2.35
N ALA A 33 4.34 10.71 2.03
CA ALA A 33 5.31 10.97 0.97
C ALA A 33 4.62 11.25 -0.35
N LEU A 34 3.50 10.60 -0.58
CA LEU A 34 2.74 10.78 -1.81
C LEU A 34 1.80 11.97 -1.71
N GLY A 35 1.10 12.07 -0.58
CA GLY A 35 0.18 13.17 -0.38
C GLY A 35 -1.27 12.73 -0.35
N ILE A 36 -1.87 12.70 0.83
CA ILE A 36 -3.25 12.28 0.99
C ILE A 36 -4.15 12.97 -0.03
N PRO A 37 -4.04 14.31 -0.10
CA PRO A 37 -4.83 15.12 -1.03
C PRO A 37 -4.40 14.91 -2.49
N GLU A 38 -3.10 14.90 -2.73
CA GLU A 38 -2.58 14.70 -4.08
C GLU A 38 -3.03 13.36 -4.65
N LEU A 39 -3.15 12.37 -3.79
CA LEU A 39 -3.57 11.04 -4.21
C LEU A 39 -5.03 11.05 -4.66
N VAL A 40 -5.75 12.10 -4.27
CA VAL A 40 -7.16 12.23 -4.64
C VAL A 40 -7.31 12.96 -5.97
N ASN A 41 -6.28 13.71 -6.35
CA ASN A 41 -6.29 14.46 -7.59
C ASN A 41 -5.63 13.67 -8.71
N GLN A 42 -5.48 12.36 -8.50
CA GLN A 42 -4.85 11.49 -9.49
C GLN A 42 -5.55 11.61 -10.84
N GLY A 43 -6.88 11.72 -10.80
CA GLY A 43 -7.65 11.83 -12.03
C GLY A 43 -7.16 12.97 -12.91
N GLN A 44 -7.51 14.20 -12.54
CA GLN A 44 -7.10 15.37 -13.31
C GLN A 44 -6.26 16.31 -12.46
N GLY B 1 -8.68 -10.73 -8.08
CA GLY B 1 -8.37 -12.06 -8.56
C GLY B 1 -8.47 -12.16 -10.08
N SER B 2 -7.53 -11.52 -10.77
CA SER B 2 -7.52 -11.53 -12.23
C SER B 2 -6.19 -11.02 -12.76
N ILE B 3 -5.12 -11.31 -12.06
CA ILE B 3 -3.78 -10.87 -12.46
C ILE B 3 -2.72 -11.86 -11.99
N SER B 4 -1.51 -11.72 -12.56
CA SER B 4 -0.41 -12.60 -12.21
C SER B 4 -0.11 -12.54 -10.71
N PRO B 5 0.33 -13.66 -10.14
CA PRO B 5 0.66 -13.75 -8.72
C PRO B 5 1.92 -12.96 -8.36
N SER B 6 2.63 -12.51 -9.38
CA SER B 6 3.86 -11.74 -9.17
C SER B 6 3.55 -10.36 -8.58
N ALA B 7 2.57 -9.68 -9.18
CA ALA B 7 2.17 -8.35 -8.71
C ALA B 7 1.69 -8.41 -7.26
N LEU B 8 0.74 -9.29 -6.99
CA LEU B 8 0.19 -9.44 -5.64
C LEU B 8 1.29 -9.75 -4.64
N GLN B 9 2.09 -10.78 -4.94
CA GLN B 9 3.18 -11.18 -4.06
C GLN B 9 4.06 -9.99 -3.72
N ASP B 10 4.25 -9.09 -4.68
CA ASP B 10 5.07 -7.91 -4.49
C ASP B 10 4.54 -7.05 -3.35
N LEU B 11 3.29 -6.61 -3.49
CA LEU B 11 2.65 -5.78 -2.47
C LEU B 11 2.51 -6.55 -1.15
N LEU B 12 1.89 -7.71 -1.23
CA LEU B 12 1.68 -8.55 -0.05
C LEU B 12 2.98 -8.73 0.72
N ARG B 13 4.08 -8.94 -0.01
CA ARG B 13 5.39 -9.12 0.60
C ARG B 13 5.73 -7.95 1.51
N THR B 14 5.25 -6.76 1.15
CA THR B 14 5.52 -5.56 1.93
C THR B 14 4.92 -5.68 3.33
N LEU B 15 3.61 -5.83 3.40
CA LEU B 15 2.92 -5.95 4.68
C LEU B 15 3.18 -7.32 5.32
N LYS B 16 3.61 -8.27 4.49
CA LYS B 16 3.91 -9.61 4.97
C LYS B 16 5.36 -9.73 5.42
N SER B 17 5.98 -8.59 5.71
CA SER B 17 7.36 -8.56 6.15
C SER B 17 7.80 -7.13 6.49
N PRO B 18 7.05 -6.50 7.41
CA PRO B 18 7.34 -5.13 7.85
C PRO B 18 8.62 -5.05 8.68
N SER B 19 9.57 -4.26 8.20
CA SER B 19 10.85 -4.09 8.90
C SER B 19 11.57 -2.85 8.40
N SER B 20 12.44 -3.03 7.41
CA SER B 20 13.20 -1.92 6.85
C SER B 20 12.30 -0.98 6.07
N PRO B 21 12.78 0.25 5.85
CA PRO B 21 12.03 1.28 5.12
C PRO B 21 11.92 0.96 3.63
N GLN B 22 12.88 0.20 3.12
CA GLN B 22 12.88 -0.17 1.71
C GLN B 22 11.67 -1.04 1.37
N GLN B 23 11.20 -1.79 2.36
CA GLN B 23 10.05 -2.66 2.17
C GLN B 23 8.83 -1.87 1.71
N GLN B 24 8.45 -0.87 2.50
CA GLN B 24 7.29 -0.04 2.18
C GLN B 24 7.46 0.61 0.80
N GLN B 25 8.71 0.82 0.40
CA GLN B 25 9.00 1.43 -0.89
C GLN B 25 8.31 0.67 -2.02
N GLN B 26 8.14 -0.64 -1.85
CA GLN B 26 7.49 -1.47 -2.85
C GLN B 26 6.05 -1.03 -3.06
N VAL B 27 5.38 -0.66 -1.97
CA VAL B 27 3.99 -0.23 -2.05
C VAL B 27 3.84 0.98 -2.97
N LEU B 28 4.59 2.05 -2.67
CA LEU B 28 4.53 3.26 -3.48
C LEU B 28 4.74 2.95 -4.96
N ASN B 29 5.76 2.14 -5.26
CA ASN B 29 6.04 1.76 -6.63
C ASN B 29 4.85 1.05 -7.26
N ILE B 30 4.24 0.14 -6.52
CA ILE B 30 3.09 -0.60 -7.00
C ILE B 30 1.89 0.32 -7.24
N LEU B 31 1.56 1.11 -6.24
CA LEU B 31 0.44 2.05 -6.33
C LEU B 31 0.60 2.96 -7.54
N LYS B 32 1.84 3.29 -7.86
CA LYS B 32 2.13 4.15 -9.00
C LYS B 32 1.55 3.58 -10.29
N SER B 33 1.29 2.27 -10.28
CA SER B 33 0.73 1.60 -11.45
C SER B 33 -0.80 1.70 -11.45
N ASN B 34 -1.38 1.76 -10.26
CA ASN B 34 -2.84 1.85 -10.12
C ASN B 34 -3.22 3.04 -9.24
N PRO B 35 -3.47 4.19 -9.87
CA PRO B 35 -3.86 5.42 -9.16
C PRO B 35 -5.26 5.32 -8.56
N GLN B 36 -6.14 4.60 -9.24
CA GLN B 36 -7.52 4.43 -8.77
C GLN B 36 -7.55 3.85 -7.36
N LEU B 37 -6.47 3.15 -7.00
CA LEU B 37 -6.37 2.55 -5.67
C LEU B 37 -5.86 3.55 -4.65
N MET B 38 -5.06 4.50 -5.11
CA MET B 38 -4.50 5.53 -4.23
C MET B 38 -5.60 6.17 -3.39
N ALA B 39 -6.81 6.24 -3.95
CA ALA B 39 -7.93 6.83 -3.24
C ALA B 39 -8.11 6.22 -1.85
N ALA B 40 -8.19 4.89 -1.80
CA ALA B 40 -8.35 4.19 -0.54
C ALA B 40 -7.24 4.55 0.43
N PHE B 41 -6.07 4.88 -0.11
CA PHE B 41 -4.92 5.25 0.71
C PHE B 41 -5.27 6.38 1.67
N ILE B 42 -5.99 7.37 1.16
CA ILE B 42 -6.39 8.51 1.97
C ILE B 42 -7.10 8.07 3.24
N LYS B 43 -7.86 6.99 3.14
CA LYS B 43 -8.59 6.45 4.29
C LYS B 43 -7.64 5.81 5.28
N GLN B 44 -6.65 5.09 4.76
CA GLN B 44 -5.66 4.43 5.61
C GLN B 44 -6.31 3.92 6.90
N ARG B 45 -7.00 2.78 6.81
CA ARG B 45 -7.67 2.21 7.97
C ARG B 45 -6.65 1.66 8.96
N THR B 46 -5.54 1.14 8.43
CA THR B 46 -4.48 0.57 9.27
C THR B 46 -3.90 1.62 10.21
N ALA B 47 -3.76 2.84 9.70
CA ALA B 47 -3.22 3.95 10.49
C ALA B 47 -4.16 4.31 11.64
N LYS B 48 -5.45 4.18 11.40
CA LYS B 48 -6.45 4.49 12.41
C LYS B 48 -6.73 3.28 13.30
N TYR B 49 -5.96 2.22 13.11
CA TYR B 49 -6.12 1.00 13.88
C TYR B 49 -4.83 0.64 14.61
N VAL B 50 -4.08 1.65 15.02
CA VAL B 50 -2.83 1.45 15.73
C VAL B 50 -2.87 2.07 17.11
N GLY A 1 -2.61 1.29 -13.40
CA GLY A 1 -2.90 0.21 -14.32
C GLY A 1 -4.22 -0.47 -14.04
N SER A 2 -5.22 -0.18 -14.87
CA SER A 2 -6.55 -0.78 -14.69
C SER A 2 -7.23 -0.22 -13.45
N GLU A 3 -6.80 -0.69 -12.28
CA GLU A 3 -7.37 -0.24 -11.01
C GLU A 3 -6.51 -0.69 -9.84
N GLY A 4 -6.59 -1.97 -9.51
CA GLY A 4 -5.81 -2.51 -8.42
C GLY A 4 -6.39 -2.14 -7.06
N GLN A 5 -7.64 -2.52 -6.83
CA GLN A 5 -8.31 -2.22 -5.57
C GLN A 5 -8.91 -3.48 -4.96
N SER A 6 -9.55 -4.30 -5.79
CA SER A 6 -10.16 -5.54 -5.33
C SER A 6 -9.11 -6.63 -5.14
N ASP A 7 -8.38 -6.92 -6.20
CA ASP A 7 -7.33 -7.94 -6.16
C ASP A 7 -6.30 -7.62 -5.08
N GLU A 8 -5.81 -6.38 -5.08
CA GLU A 8 -4.82 -5.95 -4.11
C GLU A 8 -5.30 -6.24 -2.68
N ARG A 9 -6.42 -5.61 -2.31
CA ARG A 9 -6.99 -5.80 -0.98
C ARG A 9 -7.32 -7.26 -0.72
N ALA A 10 -7.69 -7.97 -1.78
CA ALA A 10 -8.04 -9.38 -1.68
C ALA A 10 -6.89 -10.19 -1.09
N LEU A 11 -5.73 -10.13 -1.74
CA LEU A 11 -4.55 -10.85 -1.27
C LEU A 11 -3.90 -10.13 -0.10
N LEU A 12 -3.97 -8.81 -0.12
CA LEU A 12 -3.37 -8.00 0.94
C LEU A 12 -4.22 -8.07 2.21
N ASP A 13 -5.47 -8.50 2.07
CA ASP A 13 -6.37 -8.63 3.20
C ASP A 13 -5.74 -9.41 4.34
N GLN A 14 -5.38 -10.66 4.06
CA GLN A 14 -4.75 -11.51 5.06
C GLN A 14 -3.47 -10.87 5.60
N LEU A 15 -2.56 -10.53 4.70
CA LEU A 15 -1.30 -9.91 5.07
C LEU A 15 -1.54 -8.66 5.91
N HIS A 16 -2.61 -7.94 5.59
CA HIS A 16 -2.95 -6.72 6.32
C HIS A 16 -2.98 -6.97 7.82
N THR A 17 -3.35 -8.18 8.21
CA THR A 17 -3.41 -8.55 9.62
C THR A 17 -2.11 -8.19 10.34
N LEU A 18 -0.99 -8.50 9.71
CA LEU A 18 0.32 -8.21 10.29
C LEU A 18 0.66 -6.73 10.16
N LEU A 19 0.20 -6.12 9.07
CA LEU A 19 0.45 -4.71 8.82
C LEU A 19 -0.05 -3.86 9.97
N SER A 20 -1.31 -4.04 10.34
CA SER A 20 -1.93 -3.29 11.42
C SER A 20 -1.47 -3.83 12.77
N ASN A 21 -0.74 -4.94 12.75
CA ASN A 21 -0.25 -5.56 13.97
C ASN A 21 1.08 -4.96 14.38
N THR A 22 1.85 -4.49 13.41
CA THR A 22 3.15 -3.88 13.67
C THR A 22 3.03 -2.39 13.91
N ASP A 23 2.52 -1.67 12.92
CA ASP A 23 2.35 -0.23 13.02
C ASP A 23 1.79 0.34 11.72
N ALA A 24 0.49 0.13 11.49
CA ALA A 24 -0.17 0.62 10.29
C ALA A 24 0.08 2.12 10.10
N THR A 25 0.37 2.80 11.20
CA THR A 25 0.63 4.24 11.16
C THR A 25 1.74 4.57 10.17
N GLY A 26 2.90 3.94 10.35
CA GLY A 26 4.03 4.17 9.47
C GLY A 26 3.66 4.03 8.01
N LEU A 27 2.69 3.16 7.72
CA LEU A 27 2.25 2.92 6.36
C LEU A 27 1.89 4.23 5.67
N GLU A 28 1.29 5.15 6.43
CA GLU A 28 0.91 6.45 5.89
C GLU A 28 2.11 7.38 5.79
N GLU A 29 3.13 7.11 6.59
CA GLU A 29 4.34 7.92 6.59
C GLU A 29 4.92 8.02 5.19
N ILE A 30 4.99 6.89 4.49
CA ILE A 30 5.52 6.85 3.14
C ILE A 30 4.58 7.52 2.15
N ASP A 31 3.28 7.41 2.41
CA ASP A 31 2.27 8.01 1.55
C ASP A 31 2.44 9.52 1.47
N ARG A 32 2.89 10.11 2.59
CA ARG A 32 3.09 11.55 2.64
C ARG A 32 4.03 12.02 1.54
N ALA A 33 5.21 11.41 1.48
CA ALA A 33 6.20 11.76 0.47
C ALA A 33 5.58 11.77 -0.92
N LEU A 34 4.61 10.88 -1.15
CA LEU A 34 3.94 10.79 -2.44
C LEU A 34 2.82 11.82 -2.54
N GLY A 35 2.15 12.08 -1.42
CA GLY A 35 1.08 13.05 -1.41
C GLY A 35 -0.28 12.40 -1.24
N ILE A 36 -0.67 12.15 0.00
CA ILE A 36 -1.96 11.53 0.29
C ILE A 36 -3.05 12.08 -0.62
N PRO A 37 -3.20 13.41 -0.63
CA PRO A 37 -4.21 14.08 -1.45
C PRO A 37 -3.88 14.02 -2.94
N GLU A 38 -2.60 14.06 -3.25
CA GLU A 38 -2.16 14.01 -4.64
C GLU A 38 -2.59 12.69 -5.30
N LEU A 39 -2.73 11.65 -4.49
CA LEU A 39 -3.14 10.34 -4.99
C LEU A 39 -4.54 10.41 -5.59
N VAL A 40 -5.35 11.36 -5.12
CA VAL A 40 -6.71 11.53 -5.61
C VAL A 40 -6.75 12.49 -6.80
N ASN A 41 -5.57 12.79 -7.34
CA ASN A 41 -5.48 13.70 -8.48
C ASN A 41 -4.39 13.23 -9.46
N GLN A 42 -4.16 11.92 -9.49
CA GLN A 42 -3.15 11.35 -10.38
C GLN A 42 -3.52 11.57 -11.84
N GLY A 43 -4.50 10.80 -12.32
CA GLY A 43 -4.93 10.92 -13.70
C GLY A 43 -4.20 9.97 -14.63
N GLN A 44 -2.91 9.77 -14.36
CA GLN A 44 -2.09 8.87 -15.19
C GLN A 44 -1.56 7.72 -14.36
N GLY B 1 -11.30 -5.53 -9.74
CA GLY B 1 -9.99 -6.15 -9.68
C GLY B 1 -9.67 -6.95 -10.93
N SER B 2 -8.50 -6.69 -11.51
CA SER B 2 -8.07 -7.39 -12.72
C SER B 2 -6.60 -7.14 -13.00
N ILE B 3 -5.74 -7.63 -12.11
CA ILE B 3 -4.30 -7.45 -12.27
C ILE B 3 -3.55 -8.76 -11.98
N SER B 4 -2.41 -8.93 -12.63
CA SER B 4 -1.60 -10.13 -12.45
C SER B 4 -1.23 -10.32 -10.98
N PRO B 5 -0.89 -11.57 -10.61
CA PRO B 5 -0.51 -11.91 -9.23
C PRO B 5 0.83 -11.31 -8.84
N SER B 6 1.69 -11.08 -9.82
CA SER B 6 3.01 -10.52 -9.57
C SER B 6 2.90 -9.10 -9.03
N ALA B 7 2.14 -8.26 -9.73
CA ALA B 7 1.95 -6.88 -9.32
C ALA B 7 1.29 -6.80 -7.94
N LEU B 8 0.15 -7.49 -7.79
CA LEU B 8 -0.57 -7.50 -6.53
C LEU B 8 0.32 -7.99 -5.40
N GLN B 9 0.93 -9.16 -5.58
CA GLN B 9 1.80 -9.74 -4.56
C GLN B 9 2.81 -8.71 -4.07
N ASP B 10 3.31 -7.90 -5.00
CA ASP B 10 4.30 -6.86 -4.65
C ASP B 10 3.69 -5.84 -3.71
N LEU B 11 2.53 -5.31 -4.07
CA LEU B 11 1.85 -4.32 -3.26
C LEU B 11 1.64 -4.83 -1.83
N LEU B 12 0.90 -5.92 -1.71
CA LEU B 12 0.62 -6.52 -0.41
C LEU B 12 1.92 -6.76 0.37
N ARG B 13 2.87 -7.42 -0.29
CA ARG B 13 4.16 -7.72 0.34
C ARG B 13 4.75 -6.47 0.99
N THR B 14 4.75 -5.36 0.24
CA THR B 14 5.29 -4.11 0.74
C THR B 14 4.38 -3.51 1.82
N LEU B 15 3.08 -3.73 1.67
CA LEU B 15 2.11 -3.21 2.63
C LEU B 15 2.28 -3.88 3.99
N LYS B 16 2.43 -5.20 3.98
CA LYS B 16 2.60 -5.95 5.22
C LYS B 16 4.07 -5.96 5.65
N SER B 17 4.96 -5.62 4.71
CA SER B 17 6.39 -5.58 5.00
C SER B 17 6.68 -4.81 6.28
N PRO B 18 7.92 -4.91 6.76
CA PRO B 18 8.35 -4.22 7.99
C PRO B 18 8.44 -2.71 7.80
N SER B 19 8.17 -1.98 8.87
CA SER B 19 8.21 -0.51 8.83
C SER B 19 9.65 -0.01 8.89
N SER B 20 10.51 -0.56 8.05
CA SER B 20 11.91 -0.18 8.01
C SER B 20 12.08 1.14 7.27
N PRO B 21 13.25 1.79 7.47
CA PRO B 21 13.57 3.07 6.83
C PRO B 21 13.79 2.92 5.33
N GLN B 22 14.81 2.15 4.96
CA GLN B 22 15.12 1.93 3.55
C GLN B 22 14.11 1.00 2.90
N GLN B 23 13.66 0.00 3.66
CA GLN B 23 12.69 -0.96 3.16
C GLN B 23 11.40 -0.26 2.71
N GLN B 24 10.93 0.66 3.55
CA GLN B 24 9.71 1.40 3.25
C GLN B 24 9.78 2.03 1.86
N GLN B 25 11.00 2.33 1.42
CA GLN B 25 11.21 2.94 0.10
C GLN B 25 10.68 2.04 -1.01
N GLN B 26 10.74 0.73 -0.79
CA GLN B 26 10.26 -0.23 -1.77
C GLN B 26 8.76 -0.06 -2.02
N VAL B 27 8.02 0.21 -0.95
CA VAL B 27 6.58 0.40 -1.06
C VAL B 27 6.23 1.50 -2.07
N LEU B 28 6.77 2.69 -1.83
CA LEU B 28 6.53 3.82 -2.72
C LEU B 28 6.72 3.42 -4.18
N ASN B 29 7.69 2.54 -4.42
CA ASN B 29 7.97 2.08 -5.77
C ASN B 29 6.72 1.50 -6.43
N ILE B 30 6.00 0.68 -5.68
CA ILE B 30 4.78 0.06 -6.18
C ILE B 30 3.71 1.11 -6.45
N LEU B 31 3.38 1.87 -5.42
CA LEU B 31 2.36 2.92 -5.54
C LEU B 31 2.65 3.82 -6.73
N LYS B 32 3.89 4.27 -6.83
CA LYS B 32 4.30 5.15 -7.93
C LYS B 32 3.99 4.51 -9.28
N SER B 33 3.93 3.19 -9.30
CA SER B 33 3.64 2.46 -10.54
C SER B 33 2.13 2.27 -10.72
N ASN B 34 1.42 2.16 -9.60
CA ASN B 34 -0.03 1.99 -9.64
C ASN B 34 -0.74 3.10 -8.87
N PRO B 35 -0.99 4.21 -9.57
CA PRO B 35 -1.68 5.37 -8.99
C PRO B 35 -3.14 5.11 -8.68
N GLN B 36 -3.74 4.22 -9.47
CA GLN B 36 -5.15 3.87 -9.28
C GLN B 36 -5.38 3.25 -7.91
N LEU B 37 -4.37 2.53 -7.41
CA LEU B 37 -4.46 1.89 -6.10
C LEU B 37 -4.10 2.87 -4.98
N MET B 38 -3.26 3.83 -5.31
CA MET B 38 -2.82 4.83 -4.34
C MET B 38 -4.02 5.42 -3.60
N ALA B 39 -5.16 5.48 -4.28
CA ALA B 39 -6.38 6.01 -3.70
C ALA B 39 -6.68 5.35 -2.36
N ALA B 40 -6.74 4.03 -2.35
CA ALA B 40 -7.02 3.28 -1.14
C ALA B 40 -6.04 3.65 -0.03
N PHE B 41 -4.84 4.06 -0.41
CA PHE B 41 -3.82 4.46 0.56
C PHE B 41 -4.37 5.51 1.52
N ILE B 42 -4.96 6.56 0.97
CA ILE B 42 -5.52 7.64 1.78
C ILE B 42 -6.43 7.08 2.87
N LYS B 43 -7.15 6.01 2.54
CA LYS B 43 -8.06 5.38 3.49
C LYS B 43 -7.29 4.77 4.66
N GLN B 44 -6.19 4.11 4.35
CA GLN B 44 -5.36 3.47 5.37
C GLN B 44 -6.22 2.91 6.48
N ARG B 45 -7.20 2.08 6.12
CA ARG B 45 -8.10 1.48 7.09
C ARG B 45 -7.31 0.76 8.19
N THR B 46 -6.17 0.20 7.82
CA THR B 46 -5.33 -0.51 8.77
C THR B 46 -4.84 0.42 9.87
N ALA B 47 -4.61 1.68 9.52
CA ALA B 47 -4.15 2.66 10.49
C ALA B 47 -5.20 2.92 11.56
N LYS B 48 -6.46 2.99 11.14
CA LYS B 48 -7.57 3.24 12.07
C LYS B 48 -8.06 1.93 12.68
N TYR B 49 -7.38 0.83 12.34
CA TYR B 49 -7.75 -0.48 12.86
C TYR B 49 -6.64 -1.05 13.74
N VAL B 50 -5.95 -0.16 14.45
CA VAL B 50 -4.87 -0.58 15.34
C VAL B 50 -5.16 -0.18 16.78
N GLY A 1 6.56 -6.47 -9.34
CA GLY A 1 6.45 -5.17 -9.98
C GLY A 1 5.50 -5.19 -11.17
N SER A 2 4.40 -5.91 -11.03
CA SER A 2 3.41 -6.02 -12.10
C SER A 2 2.41 -4.87 -12.02
N GLU A 3 2.91 -3.66 -11.82
CA GLU A 3 2.05 -2.48 -11.74
C GLU A 3 0.81 -2.78 -10.90
N GLY A 4 0.96 -2.79 -9.58
CA GLY A 4 -0.15 -3.06 -8.70
C GLY A 4 -1.39 -2.27 -9.08
N GLN A 5 -2.55 -2.86 -8.84
CA GLN A 5 -3.83 -2.21 -9.16
C GLN A 5 -4.72 -2.14 -7.93
N SER A 6 -5.35 -3.26 -7.61
CA SER A 6 -6.25 -3.33 -6.46
C SER A 6 -6.28 -4.74 -5.87
N ASP A 7 -6.15 -5.74 -6.73
CA ASP A 7 -6.15 -7.13 -6.29
C ASP A 7 -5.20 -7.33 -5.13
N GLU A 8 -4.07 -6.64 -5.17
CA GLU A 8 -3.08 -6.74 -4.10
C GLU A 8 -3.71 -6.54 -2.73
N ARG A 9 -4.41 -5.42 -2.57
CA ARG A 9 -5.07 -5.11 -1.30
C ARG A 9 -6.04 -6.22 -0.92
N ALA A 10 -6.64 -6.86 -1.92
CA ALA A 10 -7.59 -7.94 -1.68
C ALA A 10 -6.98 -9.03 -0.82
N LEU A 11 -5.85 -9.56 -1.27
CA LEU A 11 -5.15 -10.62 -0.54
C LEU A 11 -4.37 -10.05 0.63
N LEU A 12 -3.62 -8.98 0.37
CA LEU A 12 -2.81 -8.34 1.40
C LEU A 12 -3.70 -7.76 2.50
N ASP A 13 -5.00 -7.66 2.21
CA ASP A 13 -5.95 -7.12 3.17
C ASP A 13 -5.75 -7.73 4.55
N GLN A 14 -5.86 -9.05 4.63
CA GLN A 14 -5.68 -9.76 5.90
C GLN A 14 -4.31 -9.46 6.51
N LEU A 15 -3.29 -9.41 5.65
CA LEU A 15 -1.93 -9.13 6.11
C LEU A 15 -1.88 -7.83 6.89
N HIS A 16 -2.81 -6.93 6.59
CA HIS A 16 -2.87 -5.63 7.27
C HIS A 16 -2.85 -5.82 8.78
N THR A 17 -3.25 -7.00 9.23
CA THR A 17 -3.29 -7.30 10.65
C THR A 17 -1.97 -6.93 11.33
N LEU A 18 -0.86 -7.16 10.64
CA LEU A 18 0.46 -6.86 11.18
C LEU A 18 0.72 -5.36 11.13
N LEU A 19 0.19 -4.69 10.10
CA LEU A 19 0.36 -3.26 9.94
C LEU A 19 -0.27 -2.50 11.10
N SER A 20 -1.07 -3.21 11.89
CA SER A 20 -1.74 -2.60 13.04
C SER A 20 -0.77 -2.40 14.20
N ASN A 21 0.29 -3.20 14.21
CA ASN A 21 1.30 -3.11 15.27
C ASN A 21 2.70 -3.06 14.67
N THR A 22 2.83 -2.39 13.53
CA THR A 22 4.13 -2.26 12.86
C THR A 22 4.84 -0.98 13.28
N ASP A 23 4.20 0.16 13.02
CA ASP A 23 4.77 1.45 13.39
C ASP A 23 3.88 2.59 12.92
N ALA A 24 3.44 3.43 13.86
CA ALA A 24 2.58 4.56 13.55
C ALA A 24 3.11 5.35 12.35
N THR A 25 4.14 6.16 12.61
CA THR A 25 4.74 6.96 11.55
C THR A 25 5.37 6.09 10.47
N GLY A 26 5.64 4.84 10.82
CA GLY A 26 6.24 3.92 9.88
C GLY A 26 5.49 3.87 8.55
N LEU A 27 4.17 3.81 8.63
CA LEU A 27 3.33 3.76 7.44
C LEU A 27 3.01 5.16 6.94
N GLU A 28 3.12 6.14 7.83
CA GLU A 28 2.84 7.52 7.49
C GLU A 28 4.02 8.15 6.74
N GLU A 29 5.19 7.53 6.87
CA GLU A 29 6.39 8.02 6.21
C GLU A 29 6.20 8.07 4.70
N ILE A 30 5.88 6.93 4.11
CA ILE A 30 5.67 6.84 2.67
C ILE A 30 4.48 7.68 2.24
N ASP A 31 3.43 7.69 3.06
CA ASP A 31 2.23 8.45 2.77
C ASP A 31 2.54 9.95 2.71
N ARG A 32 3.00 10.50 3.83
CA ARG A 32 3.33 11.92 3.90
C ARG A 32 4.24 12.32 2.76
N ALA A 33 5.22 11.48 2.46
CA ALA A 33 6.17 11.75 1.37
C ALA A 33 5.44 12.02 0.07
N LEU A 34 4.30 11.37 -0.12
CA LEU A 34 3.50 11.56 -1.33
C LEU A 34 2.55 12.75 -1.19
N GLY A 35 1.89 12.83 -0.03
CA GLY A 35 0.96 13.92 0.20
C GLY A 35 -0.48 13.45 0.30
N ILE A 36 -1.03 13.50 1.50
CA ILE A 36 -2.40 13.07 1.74
C ILE A 36 -3.35 13.70 0.71
N PRO A 37 -3.26 15.04 0.56
CA PRO A 37 -4.10 15.78 -0.38
C PRO A 37 -3.74 15.49 -1.84
N GLU A 38 -2.44 15.48 -2.13
CA GLU A 38 -1.97 15.21 -3.49
C GLU A 38 -2.40 13.82 -3.95
N LEU A 39 -2.45 12.88 -3.01
CA LEU A 39 -2.84 11.51 -3.32
C LEU A 39 -4.34 11.43 -3.62
N VAL A 40 -5.12 12.24 -2.92
CA VAL A 40 -6.57 12.26 -3.12
C VAL A 40 -6.96 13.23 -4.22
N ASN A 41 -5.98 13.98 -4.71
CA ASN A 41 -6.22 14.95 -5.78
C ASN A 41 -5.87 14.36 -7.14
N GLN A 42 -5.80 13.03 -7.20
CA GLN A 42 -5.48 12.34 -8.44
C GLN A 42 -6.36 12.84 -9.59
N GLY A 43 -7.66 12.91 -9.33
CA GLY A 43 -8.58 13.37 -10.36
C GLY A 43 -9.62 12.33 -10.70
N GLN A 44 -9.18 11.20 -11.23
CA GLN A 44 -10.09 10.12 -11.61
C GLN A 44 -11.08 10.59 -12.66
N GLY B 1 -11.09 -6.96 -13.54
CA GLY B 1 -11.38 -7.69 -12.32
C GLY B 1 -10.13 -8.28 -11.69
N SER B 2 -9.89 -9.56 -11.94
CA SER B 2 -8.73 -10.24 -11.37
C SER B 2 -7.45 -9.78 -12.08
N ILE B 3 -6.31 -10.20 -11.53
CA ILE B 3 -5.01 -9.84 -12.10
C ILE B 3 -3.96 -10.89 -11.77
N SER B 4 -2.78 -10.75 -12.38
CA SER B 4 -1.69 -11.68 -12.15
C SER B 4 -1.27 -11.70 -10.69
N PRO B 5 -0.78 -12.86 -10.23
CA PRO B 5 -0.35 -13.04 -8.84
C PRO B 5 0.93 -12.26 -8.53
N SER B 6 1.57 -11.74 -9.57
CA SER B 6 2.80 -10.97 -9.41
C SER B 6 2.52 -9.64 -8.72
N ALA B 7 1.49 -8.93 -9.19
CA ALA B 7 1.13 -7.65 -8.62
C ALA B 7 0.78 -7.78 -7.13
N LEU B 8 -0.15 -8.68 -6.84
CA LEU B 8 -0.57 -8.92 -5.46
C LEU B 8 0.61 -9.30 -4.58
N GLN B 9 1.36 -10.31 -5.00
CA GLN B 9 2.52 -10.77 -4.26
C GLN B 9 3.44 -9.61 -3.91
N ASP B 10 3.57 -8.66 -4.84
CA ASP B 10 4.42 -7.50 -4.62
C ASP B 10 4.02 -6.76 -3.35
N LEU B 11 2.77 -6.31 -3.30
CA LEU B 11 2.26 -5.58 -2.14
C LEU B 11 2.32 -6.46 -0.88
N LEU B 12 1.71 -7.64 -0.96
CA LEU B 12 1.70 -8.57 0.17
C LEU B 12 3.10 -8.77 0.72
N ARG B 13 4.10 -8.65 -0.14
CA ARG B 13 5.50 -8.81 0.27
C ARG B 13 5.85 -7.83 1.37
N THR B 14 5.29 -6.63 1.29
CA THR B 14 5.56 -5.60 2.29
C THR B 14 4.89 -5.93 3.62
N LEU B 15 3.58 -6.14 3.59
CA LEU B 15 2.83 -6.45 4.79
C LEU B 15 3.33 -7.75 5.42
N LYS B 16 3.79 -8.67 4.57
CA LYS B 16 4.31 -9.96 5.04
C LYS B 16 5.78 -9.84 5.40
N SER B 17 6.47 -8.86 4.82
CA SER B 17 7.89 -8.65 5.08
C SER B 17 8.17 -8.61 6.58
N PRO B 18 9.44 -8.82 6.95
CA PRO B 18 9.86 -8.81 8.35
C PRO B 18 9.80 -7.42 8.97
N SER B 19 8.71 -6.70 8.69
CA SER B 19 8.53 -5.36 9.22
C SER B 19 9.78 -4.51 8.99
N SER B 20 10.46 -4.75 7.87
CA SER B 20 11.68 -4.02 7.53
C SER B 20 11.35 -2.56 7.22
N PRO B 21 12.39 -1.70 7.29
CA PRO B 21 12.24 -0.27 7.02
C PRO B 21 11.96 0.03 5.54
N GLN B 22 12.75 -0.58 4.66
CA GLN B 22 12.58 -0.40 3.24
C GLN B 22 11.28 -1.01 2.74
N GLN B 23 10.65 -1.81 3.60
CA GLN B 23 9.39 -2.46 3.26
C GLN B 23 8.38 -1.45 2.73
N GLN B 24 8.22 -0.35 3.46
CA GLN B 24 7.28 0.69 3.07
C GLN B 24 7.60 1.22 1.67
N GLN B 25 8.89 1.29 1.36
CA GLN B 25 9.33 1.78 0.06
C GLN B 25 8.68 1.00 -1.07
N GLN B 26 8.56 -0.31 -0.88
CA GLN B 26 7.95 -1.17 -1.89
C GLN B 26 6.49 -0.78 -2.14
N VAL B 27 5.82 -0.32 -1.08
CA VAL B 27 4.43 0.09 -1.18
C VAL B 27 4.26 1.23 -2.18
N LEU B 28 5.04 2.29 -2.00
CA LEU B 28 4.98 3.44 -2.89
C LEU B 28 5.01 3.01 -4.35
N ASN B 29 5.85 2.02 -4.66
CA ASN B 29 5.97 1.51 -6.02
C ASN B 29 4.63 0.96 -6.51
N ILE B 30 3.96 0.21 -5.65
CA ILE B 30 2.66 -0.38 -5.99
C ILE B 30 1.62 0.70 -6.26
N LEU B 31 1.33 1.49 -5.23
CA LEU B 31 0.35 2.57 -5.35
C LEU B 31 0.67 3.46 -6.54
N LYS B 32 1.96 3.64 -6.81
CA LYS B 32 2.40 4.48 -7.92
C LYS B 32 1.78 4.01 -9.22
N SER B 33 1.39 2.75 -9.27
CA SER B 33 0.79 2.17 -10.47
C SER B 33 -0.72 2.37 -10.47
N ASN B 34 -1.30 2.40 -9.28
CA ASN B 34 -2.75 2.59 -9.13
C ASN B 34 -3.05 3.75 -8.20
N PRO B 35 -3.27 4.94 -8.78
CA PRO B 35 -3.57 6.16 -8.03
C PRO B 35 -4.97 6.10 -7.39
N GLN B 36 -5.90 5.45 -8.08
CA GLN B 36 -7.27 5.34 -7.58
C GLN B 36 -7.29 4.71 -6.19
N LEU B 37 -6.26 3.92 -5.88
CA LEU B 37 -6.17 3.27 -4.58
C LEU B 37 -5.55 4.20 -3.55
N MET B 38 -4.69 5.11 -4.01
CA MET B 38 -4.03 6.06 -3.12
C MET B 38 -5.06 6.76 -2.23
N ALA B 39 -6.27 6.92 -2.74
CA ALA B 39 -7.34 7.57 -1.99
C ALA B 39 -7.49 6.96 -0.60
N ALA B 40 -7.64 5.63 -0.56
CA ALA B 40 -7.79 4.92 0.70
C ALA B 40 -6.66 5.25 1.66
N PHE B 41 -5.50 5.58 1.10
CA PHE B 41 -4.33 5.93 1.91
C PHE B 41 -4.64 7.09 2.84
N ILE B 42 -5.28 8.12 2.31
CA ILE B 42 -5.63 9.29 3.10
C ILE B 42 -6.38 8.90 4.37
N LYS B 43 -7.21 7.86 4.27
CA LYS B 43 -7.99 7.39 5.41
C LYS B 43 -7.10 6.59 6.36
N GLN B 44 -6.20 5.79 5.80
CA GLN B 44 -5.29 4.98 6.59
C GLN B 44 -5.99 4.44 7.84
N ARG B 45 -7.07 3.70 7.62
CA ARG B 45 -7.84 3.11 8.72
C ARG B 45 -6.94 2.32 9.66
N THR B 46 -5.93 1.66 9.08
CA THR B 46 -5.00 0.86 9.86
C THR B 46 -4.24 1.72 10.87
N ALA B 47 -3.93 2.95 10.46
CA ALA B 47 -3.21 3.88 11.33
C ALA B 47 -4.05 4.27 12.54
N LYS B 48 -5.36 4.37 12.35
CA LYS B 48 -6.27 4.73 13.42
C LYS B 48 -6.72 3.49 14.19
N TYR B 49 -6.12 2.35 13.87
CA TYR B 49 -6.46 1.10 14.53
C TYR B 49 -5.23 0.48 15.17
N VAL B 50 -4.33 1.32 15.65
CA VAL B 50 -3.10 0.86 16.29
C VAL B 50 -3.04 1.32 17.75
N GLY A 1 8.01 -2.02 -10.25
CA GLY A 1 6.79 -2.66 -10.69
C GLY A 1 5.98 -1.81 -11.65
N SER A 2 5.01 -2.41 -12.31
CA SER A 2 4.17 -1.70 -13.27
C SER A 2 2.84 -2.41 -13.46
N GLU A 3 2.26 -2.87 -12.36
CA GLU A 3 0.98 -3.57 -12.41
C GLU A 3 0.38 -3.71 -11.01
N GLY A 4 -0.79 -4.34 -10.93
CA GLY A 4 -1.45 -4.52 -9.65
C GLY A 4 -2.39 -3.38 -9.30
N GLN A 5 -3.64 -3.73 -9.02
CA GLN A 5 -4.65 -2.72 -8.68
C GLN A 5 -5.50 -3.19 -7.50
N SER A 6 -6.51 -4.01 -7.80
CA SER A 6 -7.41 -4.53 -6.77
C SER A 6 -6.93 -5.88 -6.26
N ASP A 7 -6.37 -6.68 -7.16
CA ASP A 7 -5.87 -8.00 -6.81
C ASP A 7 -4.82 -7.91 -5.70
N GLU A 8 -3.82 -7.05 -5.92
CA GLU A 8 -2.75 -6.86 -4.95
C GLU A 8 -3.32 -6.57 -3.56
N ARG A 9 -4.04 -5.46 -3.44
CA ARG A 9 -4.64 -5.06 -2.18
C ARG A 9 -5.60 -6.14 -1.67
N ALA A 10 -6.26 -6.82 -2.59
CA ALA A 10 -7.21 -7.87 -2.24
C ALA A 10 -6.53 -8.96 -1.42
N LEU A 11 -5.33 -9.36 -1.85
CA LEU A 11 -4.57 -10.40 -1.16
C LEU A 11 -3.90 -9.84 0.09
N LEU A 12 -3.15 -8.76 -0.08
CA LEU A 12 -2.45 -8.13 1.03
C LEU A 12 -3.44 -7.56 2.04
N ASP A 13 -4.70 -7.43 1.63
CA ASP A 13 -5.75 -6.90 2.48
C ASP A 13 -5.72 -7.57 3.85
N GLN A 14 -5.91 -8.88 3.87
CA GLN A 14 -5.91 -9.64 5.11
C GLN A 14 -4.60 -9.44 5.87
N LEU A 15 -3.50 -9.45 5.14
CA LEU A 15 -2.18 -9.27 5.74
C LEU A 15 -2.11 -7.94 6.50
N HIS A 16 -2.81 -6.94 5.99
CA HIS A 16 -2.82 -5.62 6.61
C HIS A 16 -3.13 -5.73 8.11
N THR A 17 -3.83 -6.80 8.49
CA THR A 17 -4.17 -7.02 9.89
C THR A 17 -2.94 -6.92 10.78
N LEU A 18 -1.80 -7.37 10.27
CA LEU A 18 -0.56 -7.33 11.03
C LEU A 18 0.01 -5.91 11.06
N LEU A 19 -0.18 -5.18 9.97
CA LEU A 19 0.31 -3.81 9.88
C LEU A 19 -0.29 -2.93 10.97
N SER A 20 -1.46 -3.32 11.45
CA SER A 20 -2.15 -2.57 12.50
C SER A 20 -1.71 -3.05 13.88
N ASN A 21 -0.63 -3.83 13.91
CA ASN A 21 -0.11 -4.35 15.17
C ASN A 21 0.96 -3.41 15.74
N THR A 22 2.10 -3.36 15.08
CA THR A 22 3.20 -2.49 15.53
C THR A 22 2.79 -1.03 15.50
N ASP A 23 2.31 -0.57 14.36
CA ASP A 23 1.89 0.82 14.21
C ASP A 23 1.45 1.09 12.77
N ALA A 24 0.18 1.48 12.61
CA ALA A 24 -0.36 1.78 11.29
C ALA A 24 0.51 2.79 10.55
N THR A 25 1.24 3.60 11.30
CA THR A 25 2.11 4.60 10.72
C THR A 25 3.11 3.97 9.75
N GLY A 26 3.46 2.71 10.01
CA GLY A 26 4.40 2.02 9.14
C GLY A 26 4.01 2.08 7.68
N LEU A 27 2.71 2.03 7.42
CA LEU A 27 2.21 2.08 6.05
C LEU A 27 2.01 3.53 5.60
N GLU A 28 1.75 4.41 6.56
CA GLU A 28 1.55 5.83 6.25
C GLU A 28 2.89 6.54 6.09
N GLU A 29 3.97 5.84 6.39
CA GLU A 29 5.30 6.41 6.28
C GLU A 29 5.57 6.89 4.86
N ILE A 30 5.45 5.98 3.90
CA ILE A 30 5.68 6.31 2.49
C ILE A 30 4.60 7.27 1.98
N ASP A 31 3.39 7.12 2.47
CA ASP A 31 2.27 7.96 2.07
C ASP A 31 2.51 9.42 2.48
N ARG A 32 2.63 9.64 3.79
CA ARG A 32 2.86 10.98 4.31
C ARG A 32 4.03 11.65 3.60
N ALA A 33 5.04 10.85 3.26
CA ALA A 33 6.22 11.37 2.57
C ALA A 33 5.84 12.04 1.26
N LEU A 34 4.88 11.45 0.57
CA LEU A 34 4.43 11.99 -0.71
C LEU A 34 3.35 13.05 -0.51
N GLY A 35 2.40 12.77 0.38
CA GLY A 35 1.34 13.71 0.65
C GLY A 35 -0.04 13.10 0.48
N ILE A 36 -0.65 12.71 1.59
CA ILE A 36 -1.98 12.10 1.56
C ILE A 36 -2.93 12.91 0.68
N PRO A 37 -3.02 14.22 0.96
CA PRO A 37 -3.89 15.13 0.19
C PRO A 37 -3.37 15.37 -1.23
N GLU A 38 -2.06 15.45 -1.37
CA GLU A 38 -1.45 15.68 -2.67
C GLU A 38 -1.79 14.56 -3.64
N LEU A 39 -1.79 13.33 -3.13
CA LEU A 39 -2.09 12.16 -3.94
C LEU A 39 -3.55 12.17 -4.39
N VAL A 40 -4.33 13.09 -3.83
CA VAL A 40 -5.74 13.22 -4.17
C VAL A 40 -5.94 14.14 -5.37
N ASN A 41 -4.84 14.44 -6.07
CA ASN A 41 -4.88 15.30 -7.24
C ASN A 41 -4.15 14.67 -8.42
N GLN A 42 -4.05 13.34 -8.40
CA GLN A 42 -3.38 12.61 -9.46
C GLN A 42 -3.98 12.95 -10.83
N GLY A 43 -3.21 12.71 -11.89
CA GLY A 43 -3.69 12.99 -13.23
C GLY A 43 -3.28 11.92 -14.22
N GLN A 44 -2.63 12.34 -15.30
CA GLN A 44 -2.18 11.41 -16.34
C GLN A 44 -3.36 10.70 -16.97
N GLY B 1 -11.62 -7.57 -11.36
CA GLY B 1 -10.18 -7.40 -11.50
C GLY B 1 -9.52 -8.59 -12.16
N SER B 2 -8.30 -8.38 -12.66
CA SER B 2 -7.57 -9.44 -13.34
C SER B 2 -6.13 -9.00 -13.61
N ILE B 3 -5.21 -9.45 -12.75
CA ILE B 3 -3.80 -9.11 -12.90
C ILE B 3 -2.91 -10.30 -12.58
N SER B 4 -1.71 -10.31 -13.15
CA SER B 4 -0.76 -11.39 -12.93
C SER B 4 -0.42 -11.52 -11.44
N PRO B 5 0.08 -12.70 -11.04
CA PRO B 5 0.46 -12.97 -9.66
C PRO B 5 1.69 -12.18 -9.22
N SER B 6 2.38 -11.58 -10.18
CA SER B 6 3.57 -10.80 -9.90
C SER B 6 3.21 -9.48 -9.22
N ALA B 7 2.18 -8.82 -9.75
CA ALA B 7 1.73 -7.55 -9.20
C ALA B 7 1.35 -7.69 -7.72
N LEU B 8 0.44 -8.62 -7.44
CA LEU B 8 0.00 -8.85 -6.07
C LEU B 8 1.16 -9.26 -5.18
N GLN B 9 2.04 -10.10 -5.71
CA GLN B 9 3.21 -10.56 -4.96
C GLN B 9 4.03 -9.39 -4.45
N ASP B 10 4.24 -8.40 -5.32
CA ASP B 10 5.02 -7.23 -4.95
C ASP B 10 4.37 -6.49 -3.79
N LEU B 11 3.09 -6.18 -3.93
CA LEU B 11 2.35 -5.47 -2.88
C LEU B 11 2.40 -6.25 -1.57
N LEU B 12 1.98 -7.51 -1.62
CA LEU B 12 1.96 -8.36 -0.43
C LEU B 12 3.33 -8.32 0.28
N ARG B 13 4.37 -8.10 -0.50
CA ARG B 13 5.73 -8.03 0.05
C ARG B 13 5.81 -7.00 1.17
N THR B 14 4.99 -5.96 1.08
CA THR B 14 4.97 -4.90 2.08
C THR B 14 4.60 -5.45 3.44
N LEU B 15 3.50 -6.19 3.50
CA LEU B 15 3.03 -6.77 4.76
C LEU B 15 3.92 -7.94 5.18
N LYS B 16 4.56 -8.57 4.20
CA LYS B 16 5.44 -9.70 4.48
C LYS B 16 6.86 -9.22 4.77
N SER B 17 7.09 -7.92 4.61
CA SER B 17 8.40 -7.34 4.85
C SER B 17 8.92 -7.71 6.23
N PRO B 18 10.23 -7.48 6.45
CA PRO B 18 10.87 -7.79 7.73
C PRO B 18 10.42 -6.88 8.86
N SER B 19 11.08 -5.74 9.00
CA SER B 19 10.74 -4.78 10.04
C SER B 19 11.27 -3.39 9.69
N SER B 20 12.46 -3.36 9.09
CA SER B 20 13.08 -2.09 8.72
C SER B 20 12.16 -1.28 7.81
N PRO B 21 12.22 0.05 7.94
CA PRO B 21 11.41 0.97 7.15
C PRO B 21 11.83 1.00 5.69
N GLN B 22 13.04 0.52 5.41
CA GLN B 22 13.56 0.49 4.05
C GLN B 22 12.64 -0.29 3.13
N GLN B 23 12.01 -1.33 3.67
CA GLN B 23 11.10 -2.16 2.89
C GLN B 23 9.96 -1.33 2.32
N GLN B 24 9.54 -0.32 3.07
CA GLN B 24 8.44 0.55 2.64
C GLN B 24 8.75 1.17 1.28
N GLN B 25 10.05 1.33 0.98
CA GLN B 25 10.48 1.91 -0.27
C GLN B 25 9.87 1.18 -1.45
N GLN B 26 9.70 -0.14 -1.31
CA GLN B 26 9.12 -0.96 -2.37
C GLN B 26 7.69 -0.52 -2.67
N VAL B 27 6.98 -0.08 -1.64
CA VAL B 27 5.60 0.36 -1.80
C VAL B 27 5.49 1.46 -2.86
N LEU B 28 6.25 2.52 -2.67
CA LEU B 28 6.24 3.64 -3.60
C LEU B 28 6.37 3.15 -5.04
N ASN B 29 7.13 2.07 -5.23
CA ASN B 29 7.33 1.50 -6.56
C ASN B 29 6.01 0.99 -7.14
N ILE B 30 5.30 0.18 -6.35
CA ILE B 30 4.02 -0.37 -6.78
C ILE B 30 2.98 0.73 -6.97
N LEU B 31 2.77 1.52 -5.93
CA LEU B 31 1.80 2.60 -5.98
C LEU B 31 2.08 3.53 -7.17
N LYS B 32 3.35 3.78 -7.43
CA LYS B 32 3.75 4.64 -8.54
C LYS B 32 3.19 4.12 -9.86
N SER B 33 2.85 2.83 -9.88
CA SER B 33 2.31 2.21 -11.09
C SER B 33 0.80 2.35 -11.13
N ASN B 34 0.17 2.33 -9.96
CA ASN B 34 -1.28 2.44 -9.87
C ASN B 34 -1.67 3.50 -8.83
N PRO B 35 -1.67 4.77 -9.25
CA PRO B 35 -2.02 5.89 -8.38
C PRO B 35 -3.51 5.90 -8.02
N GLN B 36 -4.34 5.43 -8.94
CA GLN B 36 -5.77 5.38 -8.71
C GLN B 36 -6.11 4.64 -7.43
N LEU B 37 -5.22 3.72 -7.04
CA LEU B 37 -5.43 2.94 -5.82
C LEU B 37 -4.94 3.71 -4.59
N MET B 38 -3.95 4.57 -4.80
CA MET B 38 -3.40 5.38 -3.71
C MET B 38 -4.51 6.04 -2.91
N ALA B 39 -5.62 6.33 -3.58
CA ALA B 39 -6.75 6.98 -2.93
C ALA B 39 -7.14 6.25 -1.64
N ALA B 40 -7.36 4.95 -1.75
CA ALA B 40 -7.73 4.15 -0.59
C ALA B 40 -6.72 4.30 0.54
N PHE B 41 -5.47 4.58 0.17
CA PHE B 41 -4.41 4.76 1.14
C PHE B 41 -4.74 5.88 2.12
N ILE B 42 -5.44 6.89 1.63
CA ILE B 42 -5.83 8.03 2.46
C ILE B 42 -6.63 7.58 3.67
N LYS B 43 -7.66 6.77 3.43
CA LYS B 43 -8.52 6.26 4.49
C LYS B 43 -7.69 5.54 5.55
N GLN B 44 -6.99 4.49 5.12
CA GLN B 44 -6.16 3.71 6.02
C GLN B 44 -6.83 3.57 7.39
N ARG B 45 -7.69 2.57 7.52
CA ARG B 45 -8.40 2.33 8.78
C ARG B 45 -7.42 2.27 9.95
N THR B 46 -6.43 1.40 9.83
CA THR B 46 -5.42 1.24 10.88
C THR B 46 -4.85 2.59 11.30
N ALA B 47 -4.81 3.52 10.36
CA ALA B 47 -4.28 4.86 10.63
C ALA B 47 -5.22 5.64 11.53
N LYS B 48 -6.50 5.67 11.19
CA LYS B 48 -7.49 6.39 11.97
C LYS B 48 -8.12 5.48 13.02
N TYR B 49 -7.41 4.40 13.37
CA TYR B 49 -7.90 3.45 14.35
C TYR B 49 -6.90 3.30 15.50
N VAL B 50 -5.99 4.27 15.63
CA VAL B 50 -4.98 4.25 16.67
C VAL B 50 -5.11 5.46 17.58
N GLY A 1 -3.65 -9.19 -15.97
CA GLY A 1 -3.48 -8.46 -17.21
C GLY A 1 -4.78 -7.93 -17.77
N SER A 2 -5.44 -7.06 -17.02
CA SER A 2 -6.71 -6.48 -17.45
C SER A 2 -7.02 -5.21 -16.66
N GLU A 3 -6.74 -5.24 -15.36
CA GLU A 3 -7.00 -4.10 -14.49
C GLU A 3 -6.18 -4.19 -13.20
N GLY A 4 -5.60 -3.07 -12.79
CA GLY A 4 -4.80 -3.05 -11.58
C GLY A 4 -5.55 -2.47 -10.40
N GLN A 5 -4.84 -2.27 -9.30
CA GLN A 5 -5.46 -1.72 -8.09
C GLN A 5 -6.71 -2.50 -7.70
N SER A 6 -6.53 -3.79 -7.41
CA SER A 6 -7.65 -4.64 -7.04
C SER A 6 -7.16 -5.88 -6.28
N ASP A 7 -6.60 -6.83 -7.02
CA ASP A 7 -6.09 -8.05 -6.43
C ASP A 7 -5.02 -7.75 -5.39
N GLU A 8 -4.08 -6.89 -5.74
CA GLU A 8 -3.01 -6.51 -4.84
C GLU A 8 -3.55 -6.04 -3.50
N ARG A 9 -4.32 -4.95 -3.53
CA ARG A 9 -4.92 -4.39 -2.32
C ARG A 9 -5.83 -5.40 -1.64
N ALA A 10 -6.53 -6.20 -2.45
CA ALA A 10 -7.43 -7.22 -1.94
C ALA A 10 -6.71 -8.19 -1.01
N LEU A 11 -5.58 -8.72 -1.50
CA LEU A 11 -4.79 -9.67 -0.71
C LEU A 11 -4.05 -8.95 0.41
N LEU A 12 -3.30 -7.92 0.05
CA LEU A 12 -2.54 -7.15 1.02
C LEU A 12 -3.45 -6.63 2.14
N ASP A 13 -4.69 -6.33 1.79
CA ASP A 13 -5.65 -5.82 2.76
C ASP A 13 -5.71 -6.74 3.99
N GLN A 14 -5.96 -8.02 3.76
CA GLN A 14 -6.05 -8.98 4.84
C GLN A 14 -4.79 -8.95 5.70
N LEU A 15 -3.64 -9.12 5.06
CA LEU A 15 -2.36 -9.10 5.76
C LEU A 15 -2.17 -7.79 6.51
N HIS A 16 -2.69 -6.71 5.95
CA HIS A 16 -2.57 -5.38 6.56
C HIS A 16 -3.01 -5.43 8.02
N THR A 17 -3.87 -6.39 8.35
CA THR A 17 -4.36 -6.54 9.72
C THR A 17 -3.21 -6.56 10.71
N LEU A 18 -2.06 -7.05 10.27
CA LEU A 18 -0.89 -7.13 11.13
C LEU A 18 -0.20 -5.78 11.25
N LEU A 19 -0.23 -5.01 10.16
CA LEU A 19 0.38 -3.68 10.14
C LEU A 19 -0.14 -2.83 11.30
N SER A 20 -1.33 -3.14 11.77
CA SER A 20 -1.94 -2.40 12.87
C SER A 20 -1.36 -2.85 14.21
N ASN A 21 -1.25 -4.17 14.39
CA ASN A 21 -0.72 -4.72 15.63
C ASN A 21 0.80 -4.53 15.70
N THR A 22 1.42 -4.29 14.55
CA THR A 22 2.85 -4.09 14.48
C THR A 22 3.21 -2.61 14.64
N ASP A 23 2.76 -1.79 13.69
CA ASP A 23 3.04 -0.36 13.72
C ASP A 23 2.48 0.32 12.48
N ALA A 24 1.19 0.63 12.50
CA ALA A 24 0.53 1.29 11.37
C ALA A 24 1.35 2.48 10.89
N THR A 25 2.04 3.14 11.82
CA THR A 25 2.86 4.31 11.49
C THR A 25 3.89 3.96 10.42
N GLY A 26 4.46 2.76 10.52
CA GLY A 26 5.46 2.34 9.56
C GLY A 26 4.98 2.48 8.13
N LEU A 27 3.66 2.40 7.94
CA LEU A 27 3.08 2.52 6.60
C LEU A 27 2.81 3.98 6.25
N GLU A 28 2.60 4.80 7.27
CA GLU A 28 2.34 6.22 7.07
C GLU A 28 3.64 6.98 6.80
N GLU A 29 4.75 6.32 7.07
CA GLU A 29 6.07 6.93 6.87
C GLU A 29 6.23 7.40 5.42
N ILE A 30 6.08 6.47 4.48
CA ILE A 30 6.20 6.79 3.07
C ILE A 30 5.03 7.65 2.59
N ASP A 31 3.86 7.41 3.15
CA ASP A 31 2.67 8.16 2.79
C ASP A 31 2.88 9.66 3.03
N ARG A 32 3.18 10.01 4.28
CA ARG A 32 3.40 11.40 4.66
C ARG A 32 4.52 12.02 3.82
N ALA A 33 5.58 11.25 3.60
CA ALA A 33 6.72 11.71 2.82
C ALA A 33 6.26 12.26 1.47
N LEU A 34 5.35 11.55 0.82
CA LEU A 34 4.83 11.97 -0.48
C LEU A 34 3.71 12.99 -0.32
N GLY A 35 2.89 12.79 0.71
CA GLY A 35 1.79 13.71 0.96
C GLY A 35 0.43 13.07 0.72
N ILE A 36 -0.29 12.83 1.80
CA ILE A 36 -1.62 12.21 1.71
C ILE A 36 -2.44 12.84 0.60
N PRO A 37 -2.58 14.18 0.64
CA PRO A 37 -3.33 14.93 -0.35
C PRO A 37 -2.64 14.95 -1.72
N GLU A 38 -1.32 14.94 -1.70
CA GLU A 38 -0.55 14.96 -2.94
C GLU A 38 -0.91 13.77 -3.83
N LEU A 39 -1.28 12.66 -3.20
CA LEU A 39 -1.65 11.46 -3.94
C LEU A 39 -3.01 11.64 -4.62
N VAL A 40 -3.69 12.74 -4.28
CA VAL A 40 -5.00 13.02 -4.87
C VAL A 40 -4.85 13.85 -6.15
N ASN A 41 -3.63 13.91 -6.66
CA ASN A 41 -3.36 14.67 -7.89
C ASN A 41 -2.91 13.74 -9.01
N GLN A 42 -3.25 12.46 -8.88
CA GLN A 42 -2.88 11.48 -9.90
C GLN A 42 -3.81 11.56 -11.10
N GLY A 43 -5.10 11.63 -10.85
CA GLY A 43 -6.08 11.71 -11.92
C GLY A 43 -5.95 10.55 -12.90
N GLN A 44 -6.66 9.46 -12.62
CA GLN A 44 -6.62 8.29 -13.47
C GLN A 44 -5.22 7.72 -13.56
N GLY B 1 -11.74 -6.26 -10.90
CA GLY B 1 -10.39 -6.57 -10.44
C GLY B 1 -9.82 -7.80 -11.11
N SER B 2 -8.63 -7.65 -11.69
CA SER B 2 -7.97 -8.76 -12.38
C SER B 2 -6.56 -8.36 -12.80
N ILE B 3 -5.58 -8.74 -11.99
CA ILE B 3 -4.18 -8.43 -12.29
C ILE B 3 -3.28 -9.64 -12.02
N SER B 4 -2.14 -9.67 -12.69
CA SER B 4 -1.19 -10.77 -12.53
C SER B 4 -0.80 -10.95 -11.07
N PRO B 5 -0.27 -12.13 -10.74
CA PRO B 5 0.16 -12.45 -9.38
C PRO B 5 1.40 -11.67 -8.96
N SER B 6 2.10 -11.12 -9.94
CA SER B 6 3.31 -10.34 -9.69
C SER B 6 2.98 -9.02 -9.00
N ALA B 7 1.94 -8.35 -9.49
CA ALA B 7 1.51 -7.08 -8.92
C ALA B 7 1.17 -7.23 -7.44
N LEU B 8 0.26 -8.14 -7.14
CA LEU B 8 -0.16 -8.37 -5.76
C LEU B 8 1.03 -8.80 -4.89
N GLN B 9 1.90 -9.62 -5.46
CA GLN B 9 3.07 -10.09 -4.74
C GLN B 9 3.93 -8.92 -4.25
N ASP B 10 4.19 -7.97 -5.14
CA ASP B 10 4.98 -6.80 -4.80
C ASP B 10 4.30 -5.99 -3.70
N LEU B 11 3.05 -5.61 -3.94
CA LEU B 11 2.29 -4.83 -2.97
C LEU B 11 2.26 -5.52 -1.61
N LEU B 12 1.72 -6.74 -1.59
CA LEU B 12 1.64 -7.51 -0.35
C LEU B 12 2.99 -7.56 0.35
N ARG B 13 4.06 -7.52 -0.42
CA ARG B 13 5.41 -7.56 0.12
C ARG B 13 5.64 -6.41 1.09
N THR B 14 5.03 -5.26 0.79
CA THR B 14 5.17 -4.08 1.64
C THR B 14 4.55 -4.32 3.01
N LEU B 15 3.28 -4.65 3.03
CA LEU B 15 2.56 -4.90 4.29
C LEU B 15 3.14 -6.12 5.00
N LYS B 16 3.60 -7.09 4.22
CA LYS B 16 4.18 -8.31 4.77
C LYS B 16 5.67 -8.14 5.01
N SER B 17 6.19 -6.95 4.71
CA SER B 17 7.61 -6.67 4.89
C SER B 17 8.04 -6.92 6.33
N PRO B 18 9.34 -7.23 6.51
CA PRO B 18 9.91 -7.51 7.83
C PRO B 18 9.97 -6.26 8.70
N SER B 19 9.01 -5.36 8.54
CA SER B 19 8.96 -4.13 9.30
C SER B 19 10.30 -3.39 9.23
N SER B 20 11.04 -3.64 8.16
CA SER B 20 12.34 -3.00 7.97
C SER B 20 12.19 -1.51 7.67
N PRO B 21 13.24 -0.74 7.95
CA PRO B 21 13.24 0.71 7.72
C PRO B 21 13.26 1.06 6.24
N GLN B 22 14.24 0.52 5.53
CA GLN B 22 14.37 0.78 4.10
C GLN B 22 13.25 0.10 3.32
N GLN B 23 12.57 -0.85 3.96
CA GLN B 23 11.48 -1.57 3.32
C GLN B 23 10.37 -0.63 2.89
N GLN B 24 10.11 0.40 3.71
CA GLN B 24 9.09 1.38 3.40
C GLN B 24 9.30 1.99 2.02
N GLN B 25 10.54 2.33 1.71
CA GLN B 25 10.89 2.92 0.42
C GLN B 25 10.41 2.03 -0.72
N GLN B 26 10.42 0.72 -0.49
CA GLN B 26 9.99 -0.24 -1.50
C GLN B 26 8.52 -0.04 -1.85
N VAL B 27 7.74 0.41 -0.87
CA VAL B 27 6.31 0.64 -1.08
C VAL B 27 6.08 1.68 -2.16
N LEU B 28 6.74 2.82 -2.02
CA LEU B 28 6.59 3.91 -2.99
C LEU B 28 6.70 3.38 -4.41
N ASN B 29 7.61 2.44 -4.62
CA ASN B 29 7.81 1.84 -5.94
C ASN B 29 6.54 1.17 -6.43
N ILE B 30 5.89 0.43 -5.54
CA ILE B 30 4.66 -0.27 -5.89
C ILE B 30 3.55 0.71 -6.25
N LEU B 31 3.17 1.54 -5.28
CA LEU B 31 2.12 2.54 -5.50
C LEU B 31 2.40 3.37 -6.74
N LYS B 32 3.69 3.63 -6.99
CA LYS B 32 4.09 4.42 -8.14
C LYS B 32 3.54 3.82 -9.43
N SER B 33 3.30 2.51 -9.41
CA SER B 33 2.77 1.82 -10.59
C SER B 33 1.25 1.84 -10.59
N ASN B 34 0.66 1.82 -9.39
CA ASN B 34 -0.79 1.83 -9.26
C ASN B 34 -1.24 2.98 -8.37
N PRO B 35 -1.44 4.15 -8.98
CA PRO B 35 -1.87 5.36 -8.26
C PRO B 35 -3.31 5.25 -7.78
N GLN B 36 -4.14 4.52 -8.53
CA GLN B 36 -5.54 4.34 -8.18
C GLN B 36 -5.68 3.78 -6.77
N LEU B 37 -4.65 3.09 -6.31
CA LEU B 37 -4.66 2.51 -4.97
C LEU B 37 -4.23 3.52 -3.93
N MET B 38 -3.38 4.46 -4.33
CA MET B 38 -2.89 5.50 -3.43
C MET B 38 -4.06 6.16 -2.69
N ALA B 39 -5.20 6.25 -3.36
CA ALA B 39 -6.39 6.86 -2.77
C ALA B 39 -6.68 6.26 -1.40
N ALA B 40 -6.81 4.94 -1.35
CA ALA B 40 -7.09 4.24 -0.10
C ALA B 40 -6.08 4.63 0.97
N PHE B 41 -4.87 4.96 0.55
CA PHE B 41 -3.82 5.34 1.49
C PHE B 41 -4.25 6.53 2.34
N ILE B 42 -4.93 7.49 1.71
CA ILE B 42 -5.39 8.68 2.41
C ILE B 42 -6.23 8.30 3.63
N LYS B 43 -7.00 7.23 3.51
CA LYS B 43 -7.84 6.76 4.60
C LYS B 43 -7.01 6.07 5.68
N GLN B 44 -6.01 5.30 5.25
CA GLN B 44 -5.14 4.58 6.18
C GLN B 44 -5.92 4.12 7.40
N ARG B 45 -6.65 3.01 7.24
CA ARG B 45 -7.44 2.47 8.34
C ARG B 45 -6.53 1.92 9.44
N THR B 46 -5.40 1.37 9.05
CA THR B 46 -4.45 0.81 10.00
C THR B 46 -3.93 1.88 10.96
N ALA B 47 -3.72 3.09 10.44
CA ALA B 47 -3.23 4.19 11.25
C ALA B 47 -4.25 4.58 12.32
N LYS B 48 -5.52 4.41 12.00
CA LYS B 48 -6.60 4.74 12.93
C LYS B 48 -7.00 3.52 13.75
N TYR B 49 -6.29 2.42 13.55
CA TYR B 49 -6.58 1.18 14.27
C TYR B 49 -5.40 0.77 15.15
N VAL B 50 -4.69 1.77 15.67
CA VAL B 50 -3.54 1.52 16.53
C VAL B 50 -3.75 2.14 17.90
N GLY A 1 10.21 -3.60 -13.44
CA GLY A 1 9.01 -4.40 -13.31
C GLY A 1 8.12 -3.95 -12.17
N SER A 2 7.36 -2.89 -12.38
CA SER A 2 6.47 -2.35 -11.35
C SER A 2 5.21 -3.20 -11.23
N GLU A 3 4.46 -3.30 -12.32
CA GLU A 3 3.24 -4.09 -12.34
C GLU A 3 2.35 -3.72 -11.15
N GLY A 4 1.32 -4.54 -10.91
CA GLY A 4 0.41 -4.29 -9.81
C GLY A 4 -0.72 -3.38 -10.19
N GLN A 5 -1.91 -3.65 -9.65
CA GLN A 5 -3.09 -2.85 -9.94
C GLN A 5 -4.01 -2.77 -8.73
N SER A 6 -4.61 -3.91 -8.37
CA SER A 6 -5.52 -3.97 -7.24
C SER A 6 -5.43 -5.32 -6.55
N ASP A 7 -5.22 -6.37 -7.34
CA ASP A 7 -5.12 -7.72 -6.80
C ASP A 7 -4.13 -7.78 -5.63
N GLU A 8 -2.96 -7.17 -5.82
CA GLU A 8 -1.94 -7.15 -4.79
C GLU A 8 -2.51 -6.62 -3.48
N ARG A 9 -3.08 -5.43 -3.52
CA ARG A 9 -3.67 -4.82 -2.33
C ARG A 9 -4.76 -5.69 -1.75
N ALA A 10 -5.51 -6.36 -2.63
CA ALA A 10 -6.60 -7.23 -2.20
C ALA A 10 -6.08 -8.37 -1.31
N LEU A 11 -4.96 -8.95 -1.70
CA LEU A 11 -4.36 -10.03 -0.93
C LEU A 11 -3.64 -9.50 0.31
N LEU A 12 -2.83 -8.46 0.12
CA LEU A 12 -2.09 -7.86 1.22
C LEU A 12 -3.02 -7.07 2.14
N ASP A 13 -4.23 -6.81 1.65
CA ASP A 13 -5.22 -6.07 2.42
C ASP A 13 -5.32 -6.62 3.85
N GLN A 14 -5.66 -7.90 3.96
CA GLN A 14 -5.79 -8.54 5.26
C GLN A 14 -4.53 -8.34 6.10
N LEU A 15 -3.37 -8.40 5.44
CA LEU A 15 -2.09 -8.23 6.12
C LEU A 15 -2.05 -6.90 6.87
N HIS A 16 -2.80 -5.92 6.37
CA HIS A 16 -2.85 -4.61 7.00
C HIS A 16 -3.11 -4.72 8.50
N THR A 17 -3.80 -5.79 8.88
CA THR A 17 -4.12 -6.02 10.28
C THR A 17 -2.88 -5.90 11.16
N LEU A 18 -1.85 -6.65 10.82
CA LEU A 18 -0.59 -6.62 11.57
C LEU A 18 0.04 -5.23 11.53
N LEU A 19 -0.10 -4.55 10.40
CA LEU A 19 0.45 -3.21 10.23
C LEU A 19 -0.28 -2.21 11.12
N SER A 20 -1.40 -2.65 11.70
CA SER A 20 -2.18 -1.79 12.58
C SER A 20 -1.52 -1.64 13.94
N ASN A 21 -1.06 -2.76 14.49
CA ASN A 21 -0.41 -2.77 15.79
C ASN A 21 1.10 -2.66 15.64
N THR A 22 1.54 -2.16 14.50
CA THR A 22 2.97 -2.01 14.23
C THR A 22 3.44 -0.60 14.58
N ASP A 23 2.86 0.40 13.93
CA ASP A 23 3.23 1.79 14.18
C ASP A 23 2.42 2.73 13.29
N ALA A 24 1.61 3.59 13.92
CA ALA A 24 0.79 4.54 13.18
C ALA A 24 1.62 5.30 12.15
N THR A 25 2.53 6.13 12.63
CA THR A 25 3.38 6.92 11.75
C THR A 25 4.19 6.02 10.82
N GLY A 26 4.54 4.83 11.32
CA GLY A 26 5.31 3.90 10.52
C GLY A 26 4.72 3.68 9.15
N LEU A 27 3.40 3.57 9.09
CA LEU A 27 2.71 3.35 7.82
C LEU A 27 2.40 4.68 7.12
N GLU A 28 2.37 5.75 7.91
CA GLU A 28 2.11 7.08 7.37
C GLU A 28 3.36 7.68 6.74
N GLU A 29 4.51 7.07 7.04
CA GLU A 29 5.78 7.56 6.50
C GLU A 29 5.77 7.56 4.98
N ILE A 30 5.53 6.40 4.39
CA ILE A 30 5.49 6.26 2.94
C ILE A 30 4.34 7.07 2.35
N ASP A 31 3.24 7.16 3.09
CA ASP A 31 2.07 7.90 2.65
C ASP A 31 2.38 9.39 2.54
N ARG A 32 2.73 9.99 3.67
CA ARG A 32 3.05 11.42 3.71
C ARG A 32 4.06 11.78 2.62
N ALA A 33 5.04 10.90 2.42
CA ALA A 33 6.07 11.13 1.40
C ALA A 33 5.44 11.37 0.03
N LEU A 34 4.32 10.71 -0.23
CA LEU A 34 3.63 10.85 -1.50
C LEU A 34 2.68 12.04 -1.47
N GLY A 35 1.93 12.16 -0.38
CA GLY A 35 0.99 13.26 -0.25
C GLY A 35 -0.45 12.80 -0.29
N ILE A 36 -1.09 12.74 0.88
CA ILE A 36 -2.48 12.31 0.98
C ILE A 36 -3.34 13.04 -0.04
N PRO A 37 -3.26 14.38 -0.04
CA PRO A 37 -4.03 15.22 -0.96
C PRO A 37 -3.56 15.09 -2.40
N GLU A 38 -2.25 15.21 -2.60
CA GLU A 38 -1.67 15.11 -3.94
C GLU A 38 -2.04 13.79 -4.59
N LEU A 39 -2.16 12.74 -3.78
CA LEU A 39 -2.50 11.41 -4.27
C LEU A 39 -3.97 11.36 -4.70
N VAL A 40 -4.74 12.34 -4.25
CA VAL A 40 -6.17 12.41 -4.58
C VAL A 40 -6.39 13.15 -5.90
N ASN A 41 -5.39 13.92 -6.31
CA ASN A 41 -5.48 14.68 -7.55
C ASN A 41 -4.81 13.93 -8.69
N GLN A 42 -4.65 12.62 -8.52
CA GLN A 42 -4.02 11.79 -9.54
C GLN A 42 -4.85 11.79 -10.82
N GLY A 43 -6.17 11.84 -10.67
CA GLY A 43 -7.05 11.85 -11.83
C GLY A 43 -8.34 11.10 -11.58
N GLN A 44 -8.62 10.09 -12.41
CA GLN A 44 -9.84 9.30 -12.28
C GLN A 44 -11.07 10.18 -12.43
N GLY B 1 -8.50 -5.78 -15.42
CA GLY B 1 -8.86 -5.71 -14.03
C GLY B 1 -8.19 -6.79 -13.20
N SER B 2 -6.91 -7.04 -13.49
CA SER B 2 -6.14 -8.06 -12.78
C SER B 2 -4.68 -8.06 -13.23
N ILE B 3 -3.86 -8.82 -12.53
CA ILE B 3 -2.44 -8.92 -12.85
C ILE B 3 -1.86 -10.26 -12.45
N SER B 4 -0.64 -10.55 -12.89
CA SER B 4 0.02 -11.80 -12.57
C SER B 4 0.12 -12.00 -11.06
N PRO B 5 0.26 -13.26 -10.64
CA PRO B 5 0.38 -13.61 -9.22
C PRO B 5 1.70 -13.16 -8.62
N SER B 6 2.66 -12.83 -9.48
CA SER B 6 3.96 -12.39 -9.02
C SER B 6 3.89 -11.01 -8.38
N ALA B 7 3.14 -10.12 -9.02
CA ALA B 7 2.98 -8.76 -8.52
C ALA B 7 2.28 -8.75 -7.17
N LEU B 8 1.24 -9.59 -7.04
CA LEU B 8 0.49 -9.68 -5.79
C LEU B 8 1.41 -10.02 -4.62
N GLN B 9 2.14 -11.13 -4.75
CA GLN B 9 3.05 -11.57 -3.71
C GLN B 9 4.03 -10.46 -3.34
N ASP B 10 4.43 -9.67 -4.34
CA ASP B 10 5.36 -8.57 -4.12
C ASP B 10 4.87 -7.66 -3.01
N LEU B 11 3.67 -7.11 -3.18
CA LEU B 11 3.09 -6.22 -2.19
C LEU B 11 2.99 -6.90 -0.83
N LEU B 12 2.30 -8.04 -0.80
CA LEU B 12 2.13 -8.80 0.44
C LEU B 12 3.48 -9.02 1.12
N ARG B 13 4.53 -9.12 0.34
CA ARG B 13 5.88 -9.34 0.85
C ARG B 13 6.26 -8.23 1.84
N THR B 14 5.76 -7.02 1.58
CA THR B 14 6.06 -5.88 2.44
C THR B 14 5.34 -5.99 3.78
N LEU B 15 4.01 -6.09 3.73
CA LEU B 15 3.21 -6.21 4.94
C LEU B 15 3.54 -7.50 5.68
N LYS B 16 4.04 -8.48 4.95
CA LYS B 16 4.39 -9.77 5.54
C LYS B 16 5.84 -9.76 6.03
N SER B 17 6.69 -9.00 5.35
CA SER B 17 8.10 -8.91 5.70
C SER B 17 8.27 -8.70 7.21
N PRO B 18 8.66 -9.77 7.90
CA PRO B 18 8.87 -9.73 9.36
C PRO B 18 10.08 -8.90 9.75
N SER B 19 9.95 -7.58 9.63
CA SER B 19 11.04 -6.67 9.98
C SER B 19 10.50 -5.27 10.24
N SER B 20 11.42 -4.29 10.30
CA SER B 20 11.04 -2.92 10.55
C SER B 20 10.07 -2.41 9.48
N PRO B 21 9.44 -1.26 9.76
CA PRO B 21 8.48 -0.64 8.84
C PRO B 21 9.15 -0.10 7.58
N GLN B 22 10.47 -0.11 7.57
CA GLN B 22 11.24 0.38 6.42
C GLN B 22 10.87 -0.40 5.15
N GLN B 23 10.40 -1.63 5.34
CA GLN B 23 10.02 -2.47 4.21
C GLN B 23 8.90 -1.82 3.41
N GLN B 24 8.24 -0.84 4.00
CA GLN B 24 7.14 -0.14 3.34
C GLN B 24 7.60 0.48 2.03
N GLN B 25 8.90 0.71 1.91
CA GLN B 25 9.47 1.29 0.71
C GLN B 25 9.02 0.54 -0.53
N GLN B 26 8.90 -0.78 -0.41
CA GLN B 26 8.48 -1.62 -1.52
C GLN B 26 7.07 -1.25 -1.98
N VAL B 27 6.23 -0.83 -1.04
CA VAL B 27 4.87 -0.44 -1.35
C VAL B 27 4.84 0.73 -2.33
N LEU B 28 5.53 1.80 -1.98
CA LEU B 28 5.58 2.98 -2.83
C LEU B 28 5.88 2.60 -4.27
N ASN B 29 6.78 1.65 -4.45
CA ASN B 29 7.16 1.20 -5.79
C ASN B 29 5.97 0.57 -6.51
N ILE B 30 5.29 -0.34 -5.82
CA ILE B 30 4.13 -1.01 -6.39
C ILE B 30 2.99 -0.02 -6.64
N LEU B 31 2.59 0.69 -5.59
CA LEU B 31 1.51 1.66 -5.70
C LEU B 31 1.80 2.68 -6.81
N LYS B 32 3.08 2.98 -7.00
CA LYS B 32 3.49 3.94 -8.02
C LYS B 32 3.02 3.48 -9.40
N SER B 33 2.73 2.19 -9.53
CA SER B 33 2.27 1.63 -10.79
C SER B 33 0.76 1.79 -10.95
N ASN B 34 0.05 1.78 -9.83
CA ASN B 34 -1.40 1.93 -9.84
C ASN B 34 -1.83 3.16 -9.04
N PRO B 35 -1.98 4.30 -9.73
CA PRO B 35 -2.38 5.55 -9.10
C PRO B 35 -3.84 5.53 -8.64
N GLN B 36 -4.68 4.83 -9.39
CA GLN B 36 -6.09 4.72 -9.06
C GLN B 36 -6.28 4.15 -7.65
N LEU B 37 -5.28 3.44 -7.17
CA LEU B 37 -5.33 2.84 -5.84
C LEU B 37 -4.92 3.85 -4.78
N MET B 38 -4.08 4.80 -5.15
CA MET B 38 -3.62 5.84 -4.23
C MET B 38 -4.80 6.47 -3.49
N ALA B 39 -5.96 6.50 -4.16
CA ALA B 39 -7.16 7.09 -3.57
C ALA B 39 -7.42 6.51 -2.19
N ALA B 40 -7.50 5.19 -2.10
CA ALA B 40 -7.75 4.51 -0.84
C ALA B 40 -6.67 4.84 0.19
N PHE B 41 -5.48 5.18 -0.30
CA PHE B 41 -4.36 5.52 0.57
C PHE B 41 -4.73 6.67 1.50
N ILE B 42 -5.44 7.66 0.96
CA ILE B 42 -5.85 8.81 1.74
C ILE B 42 -6.59 8.39 3.01
N LYS B 43 -7.42 7.36 2.88
CA LYS B 43 -8.17 6.86 4.02
C LYS B 43 -7.24 6.22 5.06
N GLN B 44 -6.28 5.45 4.59
CA GLN B 44 -5.32 4.79 5.48
C GLN B 44 -6.02 4.26 6.72
N ARG B 45 -6.62 3.08 6.60
CA ARG B 45 -7.32 2.45 7.71
C ARG B 45 -6.34 1.94 8.76
N THR B 46 -5.17 1.49 8.30
CA THR B 46 -4.15 0.97 9.18
C THR B 46 -3.65 2.04 10.15
N ALA B 47 -3.58 3.27 9.65
CA ALA B 47 -3.12 4.39 10.47
C ALA B 47 -4.16 4.75 11.54
N LYS B 48 -5.44 4.60 11.20
CA LYS B 48 -6.51 4.90 12.13
C LYS B 48 -6.84 3.69 12.99
N TYR B 49 -6.02 2.65 12.88
CA TYR B 49 -6.23 1.44 13.67
C TYR B 49 -5.00 1.13 14.54
N VAL B 50 -4.32 2.18 14.97
CA VAL B 50 -3.13 2.04 15.81
C VAL B 50 -3.34 2.70 17.17
N GLY A 1 4.59 -0.78 -16.51
CA GLY A 1 3.25 -0.28 -16.30
C GLY A 1 2.76 -0.53 -14.89
N SER A 2 1.46 -0.81 -14.75
CA SER A 2 0.88 -1.06 -13.44
C SER A 2 1.08 -2.51 -13.02
N GLU A 3 1.39 -2.72 -11.74
CA GLU A 3 1.60 -4.06 -11.22
C GLU A 3 0.30 -4.85 -11.17
N GLY A 4 -0.56 -4.51 -10.22
CA GLY A 4 -1.83 -5.19 -10.08
C GLY A 4 -2.98 -4.25 -9.81
N GLN A 5 -4.13 -4.80 -9.45
CA GLN A 5 -5.30 -3.99 -9.16
C GLN A 5 -6.19 -4.67 -8.12
N SER A 6 -6.99 -5.63 -8.57
CA SER A 6 -7.89 -6.35 -7.69
C SER A 6 -7.22 -7.61 -7.14
N ASP A 7 -6.39 -8.25 -7.96
CA ASP A 7 -5.68 -9.45 -7.55
C ASP A 7 -4.82 -9.19 -6.32
N GLU A 8 -3.95 -8.19 -6.41
CA GLU A 8 -3.07 -7.84 -5.31
C GLU A 8 -3.87 -7.61 -4.03
N ARG A 9 -4.84 -6.71 -4.10
CA ARG A 9 -5.68 -6.39 -2.95
C ARG A 9 -6.43 -7.62 -2.46
N ALA A 10 -6.79 -8.50 -3.39
CA ALA A 10 -7.50 -9.73 -3.05
C ALA A 10 -6.73 -10.54 -2.03
N LEU A 11 -5.47 -10.84 -2.32
CA LEU A 11 -4.63 -11.62 -1.42
C LEU A 11 -4.14 -10.75 -0.26
N LEU A 12 -3.52 -9.63 -0.59
CA LEU A 12 -3.00 -8.72 0.43
C LEU A 12 -4.09 -8.38 1.45
N ASP A 13 -5.34 -8.42 1.02
CA ASP A 13 -6.47 -8.11 1.89
C ASP A 13 -6.36 -8.90 3.20
N GLN A 14 -6.30 -10.23 3.07
CA GLN A 14 -6.20 -11.09 4.24
C GLN A 14 -5.00 -10.71 5.10
N LEU A 15 -3.84 -10.61 4.48
CA LEU A 15 -2.62 -10.25 5.20
C LEU A 15 -2.77 -8.92 5.91
N HIS A 16 -3.64 -8.06 5.37
CA HIS A 16 -3.88 -6.75 5.96
C HIS A 16 -4.15 -6.87 7.46
N THR A 17 -4.70 -8.01 7.86
CA THR A 17 -5.01 -8.25 9.27
C THR A 17 -3.81 -7.95 10.15
N LEU A 18 -2.62 -8.22 9.64
CA LEU A 18 -1.39 -7.97 10.39
C LEU A 18 -1.04 -6.49 10.41
N LEU A 19 -1.39 -5.79 9.32
CA LEU A 19 -1.12 -4.36 9.21
C LEU A 19 -1.85 -3.59 10.31
N SER A 20 -2.80 -4.25 10.97
CA SER A 20 -3.56 -3.63 12.03
C SER A 20 -2.73 -3.49 13.30
N ASN A 21 -1.70 -4.33 13.42
CA ASN A 21 -0.82 -4.30 14.58
C ASN A 21 0.65 -4.30 14.16
N THR A 22 0.93 -3.60 13.06
CA THR A 22 2.29 -3.52 12.55
C THR A 22 3.00 -2.28 13.06
N ASP A 23 2.46 -1.11 12.73
CA ASP A 23 3.03 0.15 13.16
C ASP A 23 2.26 1.33 12.57
N ALA A 24 1.59 2.09 13.43
CA ALA A 24 0.82 3.24 13.00
C ALA A 24 1.64 4.13 12.08
N THR A 25 2.55 4.90 12.65
CA THR A 25 3.40 5.80 11.88
C THR A 25 4.21 5.03 10.84
N GLY A 26 4.51 3.78 11.15
CA GLY A 26 5.28 2.96 10.24
C GLY A 26 4.71 2.96 8.83
N LEU A 27 3.38 2.85 8.73
CA LEU A 27 2.71 2.84 7.44
C LEU A 27 2.41 4.26 6.97
N GLU A 28 2.32 5.18 7.92
CA GLU A 28 2.03 6.58 7.60
C GLU A 28 3.30 7.30 7.15
N GLU A 29 4.44 6.65 7.33
CA GLU A 29 5.72 7.24 6.93
C GLU A 29 5.78 7.45 5.43
N ILE A 30 5.61 6.37 4.67
CA ILE A 30 5.64 6.44 3.22
C ILE A 30 4.51 7.30 2.68
N ASP A 31 3.38 7.28 3.37
CA ASP A 31 2.21 8.05 2.96
C ASP A 31 2.57 9.54 2.83
N ARG A 32 2.96 10.15 3.95
CA ARG A 32 3.32 11.56 3.95
C ARG A 32 4.42 11.84 2.92
N ALA A 33 5.38 10.93 2.83
CA ALA A 33 6.49 11.08 1.89
C ALA A 33 5.97 11.26 0.47
N LEU A 34 4.88 10.58 0.14
CA LEU A 34 4.28 10.66 -1.18
C LEU A 34 3.31 11.84 -1.28
N GLY A 35 2.48 11.99 -0.26
CA GLY A 35 1.51 13.08 -0.23
C GLY A 35 0.08 12.58 -0.37
N ILE A 36 -0.60 12.45 0.76
CA ILE A 36 -1.98 11.99 0.77
C ILE A 36 -2.79 12.69 -0.32
N PRO A 37 -2.78 14.03 -0.29
CA PRO A 37 -3.51 14.85 -1.27
C PRO A 37 -2.91 14.77 -2.66
N GLU A 38 -1.58 14.86 -2.73
CA GLU A 38 -0.88 14.80 -4.01
C GLU A 38 -1.22 13.52 -4.75
N LEU A 39 -1.39 12.43 -4.00
CA LEU A 39 -1.72 11.14 -4.59
C LEU A 39 -3.10 11.16 -5.23
N VAL A 40 -3.87 12.20 -4.92
CA VAL A 40 -5.22 12.34 -5.47
C VAL A 40 -5.19 13.04 -6.84
N ASN A 41 -4.03 13.59 -7.18
CA ASN A 41 -3.87 14.28 -8.46
C ASN A 41 -3.26 13.35 -9.50
N GLN A 42 -3.41 12.05 -9.30
CA GLN A 42 -2.88 11.06 -10.21
C GLN A 42 -3.48 11.22 -11.61
N GLY A 43 -4.81 11.35 -11.67
CA GLY A 43 -5.48 11.51 -12.94
C GLY A 43 -6.50 12.63 -12.92
N GLN A 44 -6.21 13.68 -12.13
CA GLN A 44 -7.12 14.81 -12.01
C GLN A 44 -8.48 14.38 -11.48
N GLY B 1 -10.35 -9.54 -10.39
CA GLY B 1 -9.62 -9.27 -11.61
C GLY B 1 -8.87 -10.48 -12.13
N SER B 2 -7.73 -10.25 -12.77
CA SER B 2 -6.92 -11.32 -13.31
C SER B 2 -5.53 -10.83 -13.71
N ILE B 3 -4.55 -11.10 -12.87
CA ILE B 3 -3.18 -10.67 -13.14
C ILE B 3 -2.18 -11.70 -12.61
N SER B 4 -0.94 -11.62 -13.09
CA SER B 4 0.11 -12.53 -12.68
C SER B 4 0.32 -12.46 -11.17
N PRO B 5 0.93 -13.52 -10.61
CA PRO B 5 1.21 -13.60 -9.17
C PRO B 5 2.31 -12.63 -8.74
N SER B 6 2.97 -12.04 -9.71
CA SER B 6 4.05 -11.09 -9.44
C SER B 6 3.50 -9.79 -8.89
N ALA B 7 2.42 -9.31 -9.49
CA ALA B 7 1.78 -8.07 -9.07
C ALA B 7 1.35 -8.15 -7.61
N LEU B 8 0.54 -9.15 -7.29
CA LEU B 8 0.05 -9.34 -5.92
C LEU B 8 1.22 -9.51 -4.95
N GLN B 9 2.24 -10.25 -5.38
CA GLN B 9 3.40 -10.49 -4.53
C GLN B 9 4.04 -9.18 -4.09
N ASP B 10 4.18 -8.25 -5.04
CA ASP B 10 4.78 -6.95 -4.74
C ASP B 10 3.94 -6.20 -3.71
N LEU B 11 2.66 -6.03 -4.01
CA LEU B 11 1.75 -5.32 -3.11
C LEU B 11 1.73 -5.98 -1.73
N LEU B 12 1.42 -7.27 -1.70
CA LEU B 12 1.37 -8.01 -0.44
C LEU B 12 2.64 -7.78 0.38
N ARG B 13 3.75 -7.57 -0.30
CA ARG B 13 5.02 -7.33 0.36
C ARG B 13 4.96 -6.07 1.22
N THR B 14 4.18 -5.09 0.76
CA THR B 14 4.04 -3.83 1.48
C THR B 14 3.42 -4.05 2.86
N LEU B 15 2.25 -4.66 2.89
CA LEU B 15 1.56 -4.94 4.15
C LEU B 15 2.32 -5.97 4.98
N LYS B 16 3.07 -6.82 4.29
CA LYS B 16 3.86 -7.86 4.95
C LYS B 16 5.23 -7.32 5.38
N SER B 17 5.47 -6.05 5.08
CA SER B 17 6.74 -5.42 5.43
C SER B 17 7.13 -5.73 6.86
N PRO B 18 8.42 -5.52 7.19
CA PRO B 18 8.95 -5.77 8.53
C PRO B 18 8.43 -4.77 9.56
N SER B 19 9.15 -3.66 9.71
CA SER B 19 8.76 -2.62 10.66
C SER B 19 9.48 -1.31 10.36
N SER B 20 10.75 -1.42 9.97
CA SER B 20 11.55 -0.24 9.66
C SER B 20 10.93 0.54 8.50
N PRO B 21 11.12 1.87 8.52
CA PRO B 21 10.59 2.75 7.48
C PRO B 21 11.30 2.57 6.15
N GLN B 22 12.55 2.12 6.20
CA GLN B 22 13.34 1.91 4.99
C GLN B 22 12.67 0.89 4.08
N GLN B 23 12.28 -0.24 4.65
CA GLN B 23 11.63 -1.30 3.88
C GLN B 23 10.33 -0.79 3.26
N GLN B 24 9.69 0.16 3.93
CA GLN B 24 8.44 0.71 3.45
C GLN B 24 8.61 1.32 2.05
N GLN B 25 9.85 1.67 1.72
CA GLN B 25 10.16 2.26 0.43
C GLN B 25 9.63 1.39 -0.70
N GLN B 26 9.56 0.08 -0.46
CA GLN B 26 9.08 -0.85 -1.46
C GLN B 26 7.62 -0.56 -1.82
N VAL B 27 6.87 -0.05 -0.86
CA VAL B 27 5.47 0.28 -1.06
C VAL B 27 5.31 1.35 -2.14
N LEU B 28 5.97 2.48 -1.94
CA LEU B 28 5.91 3.59 -2.90
C LEU B 28 6.12 3.08 -4.33
N ASN B 29 7.03 2.13 -4.48
CA ASN B 29 7.33 1.57 -5.80
C ASN B 29 6.08 0.94 -6.42
N ILE B 30 5.37 0.16 -5.61
CA ILE B 30 4.15 -0.50 -6.08
C ILE B 30 3.07 0.53 -6.41
N LEU B 31 2.74 1.37 -5.44
CA LEU B 31 1.72 2.40 -5.63
C LEU B 31 2.01 3.23 -6.86
N LYS B 32 3.29 3.56 -7.07
CA LYS B 32 3.69 4.35 -8.23
C LYS B 32 3.26 3.69 -9.52
N SER B 33 3.06 2.37 -9.48
CA SER B 33 2.64 1.62 -10.65
C SER B 33 1.11 1.60 -10.77
N ASN B 34 0.44 1.62 -9.62
CA ASN B 34 -1.02 1.60 -9.60
C ASN B 34 -1.56 2.82 -8.87
N PRO B 35 -1.85 3.89 -9.64
CA PRO B 35 -2.37 5.14 -9.08
C PRO B 35 -3.81 4.99 -8.59
N GLN B 36 -4.59 4.15 -9.27
CA GLN B 36 -5.98 3.92 -8.90
C GLN B 36 -6.08 3.40 -7.48
N LEU B 37 -5.02 2.76 -7.00
CA LEU B 37 -4.99 2.22 -5.64
C LEU B 37 -4.59 3.29 -4.64
N MET B 38 -3.78 4.25 -5.09
CA MET B 38 -3.32 5.34 -4.23
C MET B 38 -4.49 5.97 -3.48
N ALA B 39 -5.66 5.97 -4.13
CA ALA B 39 -6.86 6.54 -3.52
C ALA B 39 -7.07 6.00 -2.10
N ALA B 40 -7.10 4.68 -1.99
CA ALA B 40 -7.31 4.04 -0.69
C ALA B 40 -6.27 4.51 0.32
N PHE B 41 -5.09 4.88 -0.17
CA PHE B 41 -4.02 5.36 0.69
C PHE B 41 -4.47 6.55 1.52
N ILE B 42 -5.11 7.52 0.86
CA ILE B 42 -5.59 8.71 1.54
C ILE B 42 -6.46 8.35 2.73
N LYS B 43 -7.32 7.36 2.56
CA LYS B 43 -8.21 6.91 3.62
C LYS B 43 -7.42 6.32 4.78
N GLN B 44 -6.36 5.57 4.45
CA GLN B 44 -5.53 4.95 5.46
C GLN B 44 -6.36 4.47 6.65
N ARG B 45 -7.37 3.66 6.35
CA ARG B 45 -8.25 3.14 7.40
C ARG B 45 -7.44 2.47 8.50
N THR B 46 -6.34 1.84 8.11
CA THR B 46 -5.47 1.15 9.08
C THR B 46 -4.94 2.13 10.12
N ALA B 47 -4.65 3.35 9.68
CA ALA B 47 -4.13 4.37 10.59
C ALA B 47 -5.13 4.71 11.67
N LYS B 48 -6.41 4.78 11.30
CA LYS B 48 -7.48 5.10 12.24
C LYS B 48 -8.02 3.83 12.90
N TYR B 49 -7.39 2.70 12.59
CA TYR B 49 -7.81 1.42 13.15
C TYR B 49 -6.68 0.79 13.96
N VAL B 50 -5.88 1.62 14.61
CA VAL B 50 -4.76 1.14 15.41
C VAL B 50 -4.93 1.56 16.87
N GLY A 1 -12.88 5.79 -5.39
CA GLY A 1 -13.12 6.27 -6.74
C GLY A 1 -11.92 6.11 -7.64
N SER A 2 -11.19 5.01 -7.47
CA SER A 2 -10.01 4.75 -8.27
C SER A 2 -9.71 3.25 -8.33
N GLU A 3 -9.51 2.65 -7.15
CA GLU A 3 -9.22 1.22 -7.07
C GLU A 3 -8.18 0.81 -8.11
N GLY A 4 -6.91 1.05 -7.78
CA GLY A 4 -5.83 0.70 -8.70
C GLY A 4 -5.91 -0.74 -9.15
N GLN A 5 -5.41 -1.65 -8.32
CA GLN A 5 -5.41 -3.08 -8.65
C GLN A 5 -6.26 -3.85 -7.66
N SER A 6 -7.04 -4.81 -8.17
CA SER A 6 -7.90 -5.62 -7.33
C SER A 6 -7.17 -6.86 -6.83
N ASP A 7 -6.42 -7.50 -7.72
CA ASP A 7 -5.66 -8.69 -7.37
C ASP A 7 -4.70 -8.41 -6.22
N GLU A 8 -3.93 -7.33 -6.36
CA GLU A 8 -2.96 -6.96 -5.33
C GLU A 8 -3.64 -6.83 -3.97
N ARG A 9 -4.59 -5.89 -3.88
CA ARG A 9 -5.32 -5.66 -2.63
C ARG A 9 -6.04 -6.92 -2.19
N ALA A 10 -6.47 -7.71 -3.15
CA ALA A 10 -7.19 -8.96 -2.86
C ALA A 10 -6.35 -9.88 -2.00
N LEU A 11 -5.14 -10.21 -2.46
CA LEU A 11 -4.24 -11.08 -1.73
C LEU A 11 -3.61 -10.35 -0.55
N LEU A 12 -3.32 -9.07 -0.74
CA LEU A 12 -2.71 -8.25 0.31
C LEU A 12 -3.73 -7.95 1.41
N ASP A 13 -5.01 -8.01 1.06
CA ASP A 13 -6.08 -7.74 2.02
C ASP A 13 -5.90 -8.58 3.28
N GLN A 14 -5.90 -9.90 3.11
CA GLN A 14 -5.73 -10.81 4.24
C GLN A 14 -4.44 -10.52 5.00
N LEU A 15 -3.35 -10.38 4.27
CA LEU A 15 -2.06 -10.11 4.88
C LEU A 15 -2.10 -8.81 5.68
N HIS A 16 -2.94 -7.88 5.24
CA HIS A 16 -3.09 -6.59 5.92
C HIS A 16 -3.31 -6.79 7.41
N THR A 17 -3.87 -7.94 7.77
CA THR A 17 -4.15 -8.25 9.17
C THR A 17 -2.92 -8.03 10.04
N LEU A 18 -1.75 -8.29 9.47
CA LEU A 18 -0.49 -8.12 10.18
C LEU A 18 -0.10 -6.64 10.25
N LEU A 19 -0.42 -5.90 9.19
CA LEU A 19 -0.10 -4.49 9.13
C LEU A 19 -0.65 -3.74 10.35
N SER A 20 -1.83 -4.17 10.79
CA SER A 20 -2.47 -3.54 11.94
C SER A 20 -1.85 -4.03 13.24
N ASN A 21 -1.19 -5.18 13.17
CA ASN A 21 -0.55 -5.77 14.35
C ASN A 21 0.87 -5.25 14.51
N THR A 22 1.48 -4.83 13.39
CA THR A 22 2.84 -4.30 13.42
C THR A 22 2.84 -2.80 13.65
N ASP A 23 2.26 -2.06 12.72
CA ASP A 23 2.20 -0.61 12.82
C ASP A 23 1.56 0.00 11.58
N ALA A 24 0.24 -0.16 11.46
CA ALA A 24 -0.49 0.38 10.31
C ALA A 24 -0.15 1.84 10.08
N THR A 25 0.21 2.54 11.16
CA THR A 25 0.55 3.96 11.07
C THR A 25 1.72 4.18 10.11
N GLY A 26 2.72 3.31 10.20
CA GLY A 26 3.87 3.43 9.33
C GLY A 26 3.49 3.56 7.86
N LEU A 27 2.41 2.89 7.47
CA LEU A 27 1.95 2.93 6.10
C LEU A 27 1.81 4.37 5.61
N GLU A 28 1.30 5.23 6.47
CA GLU A 28 1.12 6.65 6.13
C GLU A 28 2.45 7.39 6.20
N GLU A 29 3.39 6.85 6.96
CA GLU A 29 4.70 7.46 7.12
C GLU A 29 5.36 7.69 5.76
N ILE A 30 5.44 6.64 4.96
CA ILE A 30 6.04 6.72 3.63
C ILE A 30 5.16 7.53 2.68
N ASP A 31 3.85 7.35 2.81
CA ASP A 31 2.90 8.05 1.96
C ASP A 31 3.10 9.57 2.05
N ARG A 32 2.97 10.09 3.26
CA ARG A 32 3.15 11.53 3.49
C ARG A 32 4.53 11.99 3.04
N ALA A 33 5.55 11.18 3.36
CA ALA A 33 6.92 11.51 2.99
C ALA A 33 7.02 11.84 1.51
N LEU A 34 6.36 11.05 0.68
CA LEU A 34 6.38 11.27 -0.77
C LEU A 34 5.37 12.33 -1.17
N GLY A 35 4.18 12.28 -0.58
CA GLY A 35 3.15 13.24 -0.90
C GLY A 35 1.86 12.59 -1.35
N ILE A 36 0.86 12.57 -0.48
CA ILE A 36 -0.43 11.98 -0.81
C ILE A 36 -0.93 12.45 -2.17
N PRO A 37 -0.97 13.77 -2.36
CA PRO A 37 -1.42 14.38 -3.62
C PRO A 37 -0.44 14.15 -4.77
N GLU A 38 0.85 14.27 -4.46
CA GLU A 38 1.89 14.08 -5.47
C GLU A 38 1.78 12.69 -6.10
N LEU A 39 1.51 11.69 -5.27
CA LEU A 39 1.38 10.31 -5.74
C LEU A 39 0.09 10.14 -6.54
N VAL A 40 -0.98 10.78 -6.09
CA VAL A 40 -2.27 10.70 -6.76
C VAL A 40 -2.41 11.79 -7.82
N ASN A 41 -1.30 12.42 -8.16
CA ASN A 41 -1.29 13.48 -9.16
C ASN A 41 -0.92 12.93 -10.53
N GLN A 42 -0.52 11.67 -10.57
CA GLN A 42 -0.14 11.03 -11.82
C GLN A 42 -1.17 11.30 -12.91
N GLY A 43 -2.32 10.62 -12.82
CA GLY A 43 -3.37 10.80 -13.80
C GLY A 43 -3.80 9.50 -14.43
N GLN A 44 -3.72 9.42 -15.76
CA GLN A 44 -4.11 8.21 -16.48
C GLN A 44 -5.58 7.91 -16.25
N GLY B 1 -10.78 -7.22 -10.81
CA GLY B 1 -9.79 -7.02 -11.85
C GLY B 1 -8.92 -8.25 -12.08
N SER B 2 -8.02 -8.16 -13.04
CA SER B 2 -7.13 -9.28 -13.36
C SER B 2 -5.74 -8.78 -13.74
N ILE B 3 -4.75 -9.13 -12.93
CA ILE B 3 -3.37 -8.72 -13.18
C ILE B 3 -2.39 -9.84 -12.86
N SER B 4 -1.19 -9.75 -13.43
CA SER B 4 -0.17 -10.76 -13.21
C SER B 4 0.14 -10.90 -11.72
N PRO B 5 0.75 -12.04 -11.34
CA PRO B 5 1.10 -12.33 -9.95
C PRO B 5 2.24 -11.43 -9.46
N SER B 6 2.92 -10.77 -10.37
CA SER B 6 4.02 -9.88 -10.03
C SER B 6 3.52 -8.62 -9.34
N ALA B 7 2.44 -8.07 -9.86
CA ALA B 7 1.84 -6.86 -9.29
C ALA B 7 1.46 -7.07 -7.83
N LEU B 8 0.64 -8.09 -7.59
CA LEU B 8 0.20 -8.41 -6.23
C LEU B 8 1.38 -8.69 -5.32
N GLN B 9 2.38 -9.39 -5.85
CA GLN B 9 3.57 -9.73 -5.08
C GLN B 9 4.23 -8.47 -4.52
N ASP B 10 4.37 -7.46 -5.36
CA ASP B 10 4.98 -6.21 -4.95
C ASP B 10 4.18 -5.55 -3.82
N LEU B 11 2.89 -5.35 -4.07
CA LEU B 11 2.01 -4.74 -3.08
C LEU B 11 2.10 -5.46 -1.75
N LEU B 12 1.83 -6.76 -1.76
CA LEU B 12 1.88 -7.56 -0.54
C LEU B 12 3.21 -7.37 0.18
N ARG B 13 4.26 -7.11 -0.59
CA ARG B 13 5.59 -6.91 -0.03
C ARG B 13 5.59 -5.72 0.93
N THR B 14 4.75 -4.74 0.66
CA THR B 14 4.66 -3.55 1.50
C THR B 14 4.01 -3.88 2.84
N LEU B 15 2.79 -4.39 2.80
CA LEU B 15 2.07 -4.75 4.02
C LEU B 15 2.78 -5.87 4.76
N LYS B 16 3.48 -6.71 4.01
CA LYS B 16 4.21 -7.84 4.60
C LYS B 16 5.64 -7.44 4.94
N SER B 17 6.06 -6.26 4.46
CA SER B 17 7.41 -5.77 4.71
C SER B 17 7.73 -5.81 6.20
N PRO B 18 9.03 -5.73 6.53
CA PRO B 18 9.49 -5.75 7.92
C PRO B 18 9.14 -4.47 8.67
N SER B 19 9.55 -4.39 9.93
CA SER B 19 9.26 -3.23 10.76
C SER B 19 10.30 -2.14 10.53
N SER B 20 11.24 -2.40 9.63
CA SER B 20 12.29 -1.45 9.32
C SER B 20 11.73 -0.23 8.59
N PRO B 21 12.25 0.96 8.94
CA PRO B 21 11.81 2.22 8.32
C PRO B 21 12.25 2.34 6.87
N GLN B 22 13.53 2.08 6.61
CA GLN B 22 14.07 2.16 5.26
C GLN B 22 13.38 1.16 4.34
N GLN B 23 13.05 0.00 4.89
CA GLN B 23 12.39 -1.05 4.11
C GLN B 23 11.07 -0.55 3.53
N GLN B 24 10.41 0.35 4.27
CA GLN B 24 9.14 0.90 3.83
C GLN B 24 9.28 1.57 2.46
N GLN B 25 10.50 1.96 2.13
CA GLN B 25 10.77 2.62 0.85
C GLN B 25 10.23 1.78 -0.31
N GLN B 26 10.21 0.46 -0.12
CA GLN B 26 9.72 -0.44 -1.16
C GLN B 26 8.28 -0.09 -1.56
N VAL B 27 7.53 0.45 -0.60
CA VAL B 27 6.14 0.82 -0.86
C VAL B 27 6.04 1.88 -1.95
N LEU B 28 6.79 2.97 -1.77
CA LEU B 28 6.79 4.06 -2.74
C LEU B 28 6.96 3.52 -4.16
N ASN B 29 7.79 2.50 -4.30
CA ASN B 29 8.04 1.89 -5.61
C ASN B 29 6.73 1.42 -6.25
N ILE B 30 5.95 0.68 -5.48
CA ILE B 30 4.67 0.17 -5.96
C ILE B 30 3.70 1.31 -6.27
N LEU B 31 3.42 2.12 -5.26
CA LEU B 31 2.51 3.26 -5.41
C LEU B 31 2.89 4.10 -6.61
N LYS B 32 4.18 4.44 -6.71
CA LYS B 32 4.69 5.25 -7.81
C LYS B 32 4.32 4.62 -9.15
N SER B 33 4.15 3.31 -9.17
CA SER B 33 3.80 2.59 -10.39
C SER B 33 2.29 2.51 -10.55
N ASN B 34 1.58 2.44 -9.44
CA ASN B 34 0.13 2.36 -9.45
C ASN B 34 -0.49 3.45 -8.57
N PRO B 35 -0.64 4.65 -9.13
CA PRO B 35 -1.21 5.80 -8.41
C PRO B 35 -2.71 5.63 -8.15
N GLN B 36 -3.39 4.95 -9.07
CA GLN B 36 -4.83 4.72 -8.95
C GLN B 36 -5.15 4.08 -7.60
N LEU B 37 -4.21 3.30 -7.08
CA LEU B 37 -4.41 2.62 -5.80
C LEU B 37 -4.06 3.56 -4.64
N MET B 38 -3.16 4.50 -4.89
CA MET B 38 -2.75 5.45 -3.86
C MET B 38 -3.96 6.06 -3.17
N ALA B 39 -5.06 6.19 -3.91
CA ALA B 39 -6.28 6.76 -3.36
C ALA B 39 -6.67 6.06 -2.05
N ALA B 40 -6.78 4.74 -2.10
CA ALA B 40 -7.14 3.97 -0.91
C ALA B 40 -6.16 4.23 0.23
N PHE B 41 -4.93 4.58 -0.12
CA PHE B 41 -3.90 4.85 0.89
C PHE B 41 -4.36 5.94 1.85
N ILE B 42 -4.90 7.02 1.30
CA ILE B 42 -5.38 8.13 2.11
C ILE B 42 -6.36 7.65 3.17
N LYS B 43 -7.17 6.66 2.82
CA LYS B 43 -8.16 6.11 3.74
C LYS B 43 -7.47 5.35 4.87
N GLN B 44 -6.42 4.61 4.54
CA GLN B 44 -5.68 3.83 5.52
C GLN B 44 -6.62 3.22 6.55
N ARG B 45 -7.25 2.11 6.19
CA ARG B 45 -8.18 1.42 7.08
C ARG B 45 -7.43 0.72 8.20
N THR B 46 -6.28 0.15 7.87
CA THR B 46 -5.46 -0.56 8.85
C THR B 46 -5.02 0.37 9.97
N ALA B 47 -4.77 1.63 9.63
CA ALA B 47 -4.35 2.62 10.61
C ALA B 47 -5.42 2.85 11.67
N LYS B 48 -6.67 2.90 11.24
CA LYS B 48 -7.80 3.11 12.13
C LYS B 48 -8.26 1.79 12.75
N TYR B 49 -7.58 0.71 12.40
CA TYR B 49 -7.92 -0.61 12.91
C TYR B 49 -6.82 -1.15 13.81
N VAL B 50 -6.16 -0.26 14.53
CA VAL B 50 -5.07 -0.65 15.43
C VAL B 50 -5.40 -0.27 16.87
N GLY A 1 6.52 -5.10 -8.81
CA GLY A 1 5.58 -5.75 -9.72
C GLY A 1 4.89 -4.76 -10.63
N SER A 2 4.43 -3.65 -10.06
CA SER A 2 3.73 -2.62 -10.82
C SER A 2 2.42 -3.16 -11.39
N GLU A 3 1.79 -2.38 -12.25
CA GLU A 3 0.53 -2.78 -12.86
C GLU A 3 -0.42 -3.37 -11.82
N GLY A 4 -0.86 -2.54 -10.88
CA GLY A 4 -1.76 -3.00 -9.84
C GLY A 4 -3.20 -2.60 -10.09
N GLN A 5 -4.07 -2.89 -9.14
CA GLN A 5 -5.48 -2.56 -9.26
C GLN A 5 -6.16 -2.46 -7.90
N SER A 6 -6.51 -3.62 -7.34
CA SER A 6 -7.16 -3.66 -6.04
C SER A 6 -6.76 -4.93 -5.28
N ASP A 7 -6.59 -6.03 -6.02
CA ASP A 7 -6.22 -7.30 -5.43
C ASP A 7 -5.06 -7.13 -4.45
N GLU A 8 -4.08 -6.33 -4.85
CA GLU A 8 -2.92 -6.08 -4.01
C GLU A 8 -3.33 -5.67 -2.60
N ARG A 9 -4.04 -4.55 -2.51
CA ARG A 9 -4.50 -4.03 -1.22
C ARG A 9 -5.51 -4.99 -0.60
N ALA A 10 -6.41 -5.52 -1.42
CA ALA A 10 -7.43 -6.45 -0.94
C ALA A 10 -6.81 -7.60 -0.17
N LEU A 11 -5.74 -8.17 -0.71
CA LEU A 11 -5.05 -9.28 -0.07
C LEU A 11 -4.27 -8.80 1.15
N LEU A 12 -3.29 -7.94 0.92
CA LEU A 12 -2.47 -7.40 1.99
C LEU A 12 -3.34 -6.83 3.11
N ASP A 13 -4.50 -6.33 2.74
CA ASP A 13 -5.43 -5.76 3.72
C ASP A 13 -5.59 -6.67 4.92
N GLN A 14 -5.93 -7.93 4.66
CA GLN A 14 -6.10 -8.91 5.72
C GLN A 14 -4.88 -8.97 6.63
N LEU A 15 -3.71 -9.18 6.03
CA LEU A 15 -2.46 -9.26 6.77
C LEU A 15 -2.22 -7.97 7.56
N HIS A 16 -2.59 -6.85 6.96
CA HIS A 16 -2.42 -5.55 7.61
C HIS A 16 -3.07 -5.53 8.98
N THR A 17 -4.02 -6.46 9.20
CA THR A 17 -4.72 -6.54 10.48
C THR A 17 -3.75 -6.51 11.65
N LEU A 18 -2.67 -7.29 11.55
CA LEU A 18 -1.67 -7.35 12.60
C LEU A 18 -0.92 -6.03 12.71
N LEU A 19 -0.71 -5.38 11.57
CA LEU A 19 0.00 -4.10 11.53
C LEU A 19 -0.83 -3.02 12.22
N SER A 20 -2.09 -3.32 12.50
CA SER A 20 -2.97 -2.36 13.16
C SER A 20 -2.81 -2.41 14.67
N ASN A 21 -1.73 -3.05 15.12
CA ASN A 21 -1.46 -3.17 16.55
C ASN A 21 -0.63 -1.99 17.05
N THR A 22 0.63 -1.94 16.61
CA THR A 22 1.53 -0.87 17.01
C THR A 22 0.97 0.49 16.64
N ASP A 23 0.50 0.61 15.40
CA ASP A 23 -0.07 1.86 14.90
C ASP A 23 -0.46 1.75 13.44
N ALA A 24 -1.76 1.83 13.16
CA ALA A 24 -2.25 1.73 11.80
C ALA A 24 -1.55 2.72 10.89
N THR A 25 -1.10 3.83 11.46
CA THR A 25 -0.41 4.86 10.71
C THR A 25 0.85 4.32 10.05
N GLY A 26 1.32 3.18 10.55
CA GLY A 26 2.53 2.56 10.01
C GLY A 26 2.46 2.41 8.51
N LEU A 27 1.25 2.29 7.97
CA LEU A 27 1.05 2.13 6.53
C LEU A 27 1.13 3.48 5.83
N GLU A 28 0.69 4.53 6.50
CA GLU A 28 0.71 5.87 5.94
C GLU A 28 2.11 6.47 6.02
N GLU A 29 3.01 5.78 6.70
CA GLU A 29 4.38 6.25 6.85
C GLU A 29 5.03 6.48 5.48
N ILE A 30 5.06 5.43 4.67
CA ILE A 30 5.65 5.51 3.34
C ILE A 30 4.85 6.45 2.44
N ASP A 31 3.53 6.36 2.53
CA ASP A 31 2.64 7.20 1.72
C ASP A 31 2.92 8.68 1.99
N ARG A 32 2.74 9.10 3.24
CA ARG A 32 2.96 10.48 3.62
C ARG A 32 4.33 10.97 3.15
N ALA A 33 5.28 10.03 3.08
CA ALA A 33 6.63 10.35 2.66
C ALA A 33 6.64 10.98 1.26
N LEU A 34 5.86 10.39 0.35
CA LEU A 34 5.78 10.89 -1.02
C LEU A 34 4.51 11.71 -1.22
N GLY A 35 3.99 12.28 -0.13
CA GLY A 35 2.79 13.09 -0.20
C GLY A 35 1.56 12.26 -0.54
N ILE A 36 0.78 11.91 0.47
CA ILE A 36 -0.43 11.12 0.28
C ILE A 36 -1.38 11.81 -0.69
N PRO A 37 -1.72 13.07 -0.37
CA PRO A 37 -2.65 13.87 -1.20
C PRO A 37 -2.01 14.28 -2.53
N GLU A 38 -0.70 14.46 -2.53
CA GLU A 38 0.03 14.85 -3.73
C GLU A 38 -0.13 13.78 -4.82
N LEU A 39 -0.32 12.54 -4.40
CA LEU A 39 -0.48 11.44 -5.33
C LEU A 39 -1.83 11.50 -6.03
N VAL A 40 -2.70 12.38 -5.54
CA VAL A 40 -4.03 12.55 -6.13
C VAL A 40 -4.01 13.57 -7.26
N ASN A 41 -2.81 13.91 -7.72
CA ASN A 41 -2.65 14.88 -8.80
C ASN A 41 -1.99 14.23 -10.01
N GLN A 42 -2.13 12.92 -10.12
CA GLN A 42 -1.54 12.18 -11.23
C GLN A 42 -2.12 12.65 -12.56
N GLY A 43 -3.42 12.43 -12.76
CA GLY A 43 -4.06 12.85 -14.00
C GLY A 43 -5.42 12.20 -14.18
N GLN A 44 -5.56 10.96 -13.70
CA GLN A 44 -6.82 10.25 -13.82
C GLN A 44 -7.38 9.90 -12.44
N GLY B 1 -10.49 -8.09 -15.46
CA GLY B 1 -10.90 -9.24 -14.69
C GLY B 1 -10.01 -9.49 -13.49
N SER B 2 -9.20 -10.54 -13.57
CA SER B 2 -8.30 -10.89 -12.47
C SER B 2 -7.08 -9.97 -12.47
N ILE B 3 -6.21 -10.16 -11.47
CA ILE B 3 -5.01 -9.35 -11.36
C ILE B 3 -3.78 -10.23 -11.13
N SER B 4 -2.66 -9.84 -11.73
CA SER B 4 -1.42 -10.59 -11.59
C SER B 4 -1.00 -10.69 -10.12
N PRO B 5 -0.66 -11.90 -9.69
CA PRO B 5 -0.24 -12.15 -8.30
C PRO B 5 1.14 -11.56 -8.00
N SER B 6 1.88 -11.25 -9.06
CA SER B 6 3.22 -10.67 -8.90
C SER B 6 3.15 -9.33 -8.18
N ALA B 7 2.26 -8.46 -8.64
CA ALA B 7 2.09 -7.14 -8.03
C ALA B 7 1.71 -7.26 -6.56
N LEU B 8 0.63 -7.99 -6.28
CA LEU B 8 0.16 -8.17 -4.92
C LEU B 8 1.25 -8.83 -4.05
N GLN B 9 1.77 -9.95 -4.52
CA GLN B 9 2.82 -10.67 -3.79
C GLN B 9 4.00 -9.75 -3.49
N ASP B 10 4.50 -9.10 -4.53
CA ASP B 10 5.63 -8.18 -4.38
C ASP B 10 5.29 -7.03 -3.45
N LEU B 11 4.24 -6.29 -3.80
CA LEU B 11 3.80 -5.15 -2.99
C LEU B 11 3.55 -5.57 -1.55
N LEU B 12 2.67 -6.55 -1.37
CA LEU B 12 2.36 -7.05 -0.03
C LEU B 12 3.62 -7.40 0.75
N ARG B 13 4.42 -8.30 0.18
CA ARG B 13 5.66 -8.72 0.81
C ARG B 13 6.51 -7.51 1.21
N THR B 14 6.46 -6.48 0.38
CA THR B 14 7.22 -5.26 0.65
C THR B 14 6.60 -4.45 1.79
N LEU B 15 5.29 -4.30 1.74
CA LEU B 15 4.56 -3.56 2.76
C LEU B 15 4.68 -4.24 4.13
N LYS B 16 4.64 -5.57 4.12
CA LYS B 16 4.75 -6.35 5.35
C LYS B 16 6.20 -6.69 5.65
N SER B 17 7.08 -6.46 4.67
CA SER B 17 8.50 -6.75 4.83
C SER B 17 9.01 -6.20 6.15
N PRO B 18 9.25 -7.10 7.12
CA PRO B 18 9.75 -6.73 8.44
C PRO B 18 11.20 -6.25 8.40
N SER B 19 11.39 -4.97 8.12
CA SER B 19 12.73 -4.39 8.04
C SER B 19 12.68 -2.88 8.20
N SER B 20 13.81 -2.23 7.95
CA SER B 20 13.89 -0.77 8.07
C SER B 20 12.87 -0.09 7.16
N PRO B 21 12.61 1.20 7.41
CA PRO B 21 11.66 1.99 6.63
C PRO B 21 12.17 2.28 5.22
N GLN B 22 13.49 2.21 5.05
CA GLN B 22 14.10 2.47 3.75
C GLN B 22 13.61 1.45 2.72
N GLN B 23 13.65 0.18 3.07
CA GLN B 23 13.21 -0.88 2.17
C GLN B 23 11.76 -0.69 1.76
N GLN B 24 10.98 -0.07 2.65
CA GLN B 24 9.57 0.17 2.38
C GLN B 24 9.38 1.00 1.12
N GLN B 25 10.43 1.73 0.74
CA GLN B 25 10.38 2.57 -0.45
C GLN B 25 9.92 1.76 -1.66
N GLN B 26 10.23 0.47 -1.67
CA GLN B 26 9.84 -0.40 -2.76
C GLN B 26 8.32 -0.37 -2.96
N VAL B 27 7.59 -0.16 -1.88
CA VAL B 27 6.14 -0.11 -1.93
C VAL B 27 5.66 1.05 -2.80
N LEU B 28 6.11 2.25 -2.47
CA LEU B 28 5.72 3.44 -3.22
C LEU B 28 5.96 3.25 -4.71
N ASN B 29 7.04 2.57 -5.05
CA ASN B 29 7.37 2.31 -6.45
C ASN B 29 6.20 1.64 -7.16
N ILE B 30 5.64 0.61 -6.53
CA ILE B 30 4.52 -0.12 -7.11
C ILE B 30 3.30 0.78 -7.26
N LEU B 31 3.01 1.55 -6.23
CA LEU B 31 1.86 2.47 -6.25
C LEU B 31 1.97 3.43 -7.41
N LYS B 32 3.18 3.86 -7.72
CA LYS B 32 3.42 4.80 -8.82
C LYS B 32 2.84 4.26 -10.12
N SER B 33 2.65 2.94 -10.17
CA SER B 33 2.11 2.30 -11.36
C SER B 33 0.58 2.31 -11.35
N ASN B 34 0.01 2.32 -10.15
CA ASN B 34 -1.44 2.33 -9.98
C ASN B 34 -1.87 3.49 -9.08
N PRO B 35 -1.90 4.70 -9.66
CA PRO B 35 -2.30 5.91 -8.92
C PRO B 35 -3.78 5.92 -8.60
N GLN B 36 -4.60 5.46 -9.54
CA GLN B 36 -6.04 5.42 -9.35
C GLN B 36 -6.41 4.65 -8.08
N LEU B 37 -5.52 3.76 -7.67
CA LEU B 37 -5.74 2.96 -6.47
C LEU B 37 -5.31 3.71 -5.22
N MET B 38 -4.36 4.63 -5.39
CA MET B 38 -3.87 5.43 -4.27
C MET B 38 -5.01 6.01 -3.46
N ALA B 39 -6.14 6.26 -4.14
CA ALA B 39 -7.32 6.81 -3.48
C ALA B 39 -7.65 6.05 -2.21
N ALA B 40 -7.79 4.73 -2.33
CA ALA B 40 -8.11 3.88 -1.19
C ALA B 40 -7.02 3.98 -0.12
N PHE B 41 -5.80 4.31 -0.54
CA PHE B 41 -4.68 4.43 0.38
C PHE B 41 -4.98 5.44 1.48
N ILE B 42 -5.61 6.54 1.09
CA ILE B 42 -5.96 7.59 2.05
C ILE B 42 -6.76 7.03 3.22
N LYS B 43 -7.65 6.08 2.92
CA LYS B 43 -8.48 5.47 3.95
C LYS B 43 -7.65 4.54 4.83
N GLN B 44 -6.64 3.91 4.23
CA GLN B 44 -5.77 2.99 4.96
C GLN B 44 -6.50 1.69 5.31
N ARG B 45 -5.89 0.57 4.96
CA ARG B 45 -6.49 -0.73 5.24
C ARG B 45 -6.41 -1.07 6.72
N THR B 46 -5.18 -1.07 7.25
CA THR B 46 -4.96 -1.38 8.65
C THR B 46 -5.82 -0.50 9.55
N ALA B 47 -5.83 0.80 9.27
CA ALA B 47 -6.61 1.75 10.05
C ALA B 47 -8.10 1.56 9.83
N LYS B 48 -8.44 0.72 8.85
CA LYS B 48 -9.84 0.45 8.54
C LYS B 48 -10.39 -0.66 9.44
N TYR B 49 -9.51 -1.52 9.92
CA TYR B 49 -9.91 -2.61 10.79
C TYR B 49 -9.41 -2.38 12.22
N VAL B 50 -9.60 -1.17 12.71
CA VAL B 50 -9.18 -0.81 14.06
C VAL B 50 -10.37 -0.37 14.91
N GLY A 1 1.04 -7.33 -17.12
CA GLY A 1 2.04 -6.27 -17.16
C GLY A 1 2.43 -5.81 -15.76
N SER A 2 2.84 -4.54 -15.67
CA SER A 2 3.25 -3.97 -14.38
C SER A 2 2.04 -3.43 -13.62
N GLU A 3 1.02 -4.26 -13.47
CA GLU A 3 -0.19 -3.87 -12.77
C GLU A 3 0.02 -3.90 -11.25
N GLY A 4 -1.07 -3.91 -10.50
CA GLY A 4 -0.99 -3.95 -9.06
C GLY A 4 -2.20 -3.35 -8.39
N GLN A 5 -3.37 -3.92 -8.66
CA GLN A 5 -4.61 -3.43 -8.07
C GLN A 5 -5.64 -4.56 -7.96
N SER A 6 -6.48 -4.48 -6.93
CA SER A 6 -7.50 -5.51 -6.70
C SER A 6 -6.87 -6.79 -6.18
N ASP A 7 -6.07 -7.44 -7.02
CA ASP A 7 -5.42 -8.69 -6.65
C ASP A 7 -4.51 -8.48 -5.44
N GLU A 8 -3.61 -7.50 -5.54
CA GLU A 8 -2.68 -7.20 -4.45
C GLU A 8 -3.43 -6.99 -3.15
N ARG A 9 -4.30 -5.98 -3.12
CA ARG A 9 -5.08 -5.67 -1.92
C ARG A 9 -5.90 -6.88 -1.49
N ALA A 10 -6.34 -7.67 -2.46
CA ALA A 10 -7.14 -8.85 -2.18
C ALA A 10 -6.44 -9.77 -1.18
N LEU A 11 -5.22 -10.16 -1.51
CA LEU A 11 -4.44 -11.04 -0.64
C LEU A 11 -3.82 -10.26 0.51
N LEU A 12 -3.23 -9.11 0.19
CA LEU A 12 -2.61 -8.27 1.21
C LEU A 12 -3.65 -7.72 2.17
N ASP A 13 -4.92 -7.86 1.82
CA ASP A 13 -6.01 -7.38 2.65
C ASP A 13 -5.82 -7.82 4.10
N GLN A 14 -5.76 -9.12 4.31
CA GLN A 14 -5.58 -9.68 5.66
C GLN A 14 -4.32 -9.10 6.31
N LEU A 15 -3.26 -8.95 5.52
CA LEU A 15 -2.00 -8.42 6.02
C LEU A 15 -2.22 -7.06 6.69
N HIS A 16 -3.26 -6.36 6.27
CA HIS A 16 -3.57 -5.05 6.83
C HIS A 16 -3.53 -5.09 8.36
N THR A 17 -3.78 -6.26 8.93
CA THR A 17 -3.76 -6.43 10.37
C THR A 17 -2.50 -5.86 10.98
N LEU A 18 -1.38 -6.01 10.27
CA LEU A 18 -0.09 -5.49 10.74
C LEU A 18 -0.01 -3.98 10.57
N LEU A 19 -0.68 -3.46 9.54
CA LEU A 19 -0.69 -2.03 9.28
C LEU A 19 -1.24 -1.26 10.47
N SER A 20 -1.90 -1.97 11.38
CA SER A 20 -2.48 -1.35 12.56
C SER A 20 -1.40 -1.03 13.60
N ASN A 21 -0.34 -1.83 13.60
CA ASN A 21 0.77 -1.64 14.53
C ASN A 21 2.11 -1.69 13.80
N THR A 22 2.16 -1.08 12.63
CA THR A 22 3.38 -1.06 11.84
C THR A 22 4.21 0.20 12.12
N ASP A 23 3.63 1.36 11.83
CA ASP A 23 4.30 2.63 12.07
C ASP A 23 3.46 3.80 11.55
N ALA A 24 2.99 4.63 12.47
CA ALA A 24 2.17 5.78 12.11
C ALA A 24 2.81 6.57 10.98
N THR A 25 3.82 7.36 11.30
CA THR A 25 4.52 8.17 10.31
C THR A 25 5.24 7.29 9.31
N GLY A 26 5.43 6.03 9.65
CA GLY A 26 6.13 5.11 8.77
C GLY A 26 5.39 4.88 7.47
N LEU A 27 4.07 4.64 7.57
CA LEU A 27 3.25 4.42 6.39
C LEU A 27 2.81 5.74 5.77
N GLU A 28 2.73 6.77 6.60
CA GLU A 28 2.32 8.10 6.13
C GLU A 28 3.47 8.81 5.44
N GLU A 29 4.69 8.43 5.80
CA GLU A 29 5.88 9.04 5.20
C GLU A 29 5.94 8.77 3.70
N ILE A 30 5.93 7.49 3.34
CA ILE A 30 5.98 7.09 1.93
C ILE A 30 4.72 7.51 1.20
N ASP A 31 3.59 7.47 1.90
CA ASP A 31 2.31 7.84 1.32
C ASP A 31 2.30 9.33 0.94
N ARG A 32 2.43 10.19 1.95
CA ARG A 32 2.44 11.63 1.73
C ARG A 32 3.45 12.02 0.65
N ALA A 33 4.56 11.29 0.60
CA ALA A 33 5.60 11.56 -0.38
C ALA A 33 5.07 11.42 -1.81
N LEU A 34 4.11 10.52 -1.98
CA LEU A 34 3.51 10.29 -3.29
C LEU A 34 2.36 11.27 -3.55
N GLY A 35 1.51 11.45 -2.54
CA GLY A 35 0.39 12.36 -2.68
C GLY A 35 -0.94 11.63 -2.80
N ILE A 36 -1.76 11.73 -1.77
CA ILE A 36 -3.07 11.09 -1.77
C ILE A 36 -3.89 11.49 -2.98
N PRO A 37 -3.96 12.80 -3.23
CA PRO A 37 -4.72 13.36 -4.36
C PRO A 37 -4.05 13.06 -5.70
N GLU A 38 -2.74 13.14 -5.74
CA GLU A 38 -1.98 12.88 -6.96
C GLU A 38 -2.12 11.41 -7.37
N LEU A 39 -1.83 10.52 -6.44
CA LEU A 39 -1.93 9.08 -6.70
C LEU A 39 -3.37 8.67 -7.01
N VAL A 40 -4.32 9.37 -6.38
CA VAL A 40 -5.74 9.08 -6.59
C VAL A 40 -6.30 9.89 -7.74
N ASN A 41 -5.41 10.52 -8.51
CA ASN A 41 -5.81 11.32 -9.65
C ASN A 41 -4.85 11.14 -10.82
N GLN A 42 -4.10 10.05 -10.79
CA GLN A 42 -3.14 9.76 -11.85
C GLN A 42 -3.85 9.51 -13.19
N GLY A 43 -3.07 9.21 -14.22
CA GLY A 43 -3.65 8.97 -15.53
C GLY A 43 -3.95 10.25 -16.28
N GLN A 44 -4.76 11.11 -15.67
CA GLN A 44 -5.14 12.37 -16.29
C GLN A 44 -4.69 13.55 -15.43
N GLY B 1 -10.01 -8.29 -11.98
CA GLY B 1 -9.69 -9.61 -12.49
C GLY B 1 -8.36 -10.13 -11.98
N SER B 2 -8.16 -11.43 -12.07
CA SER B 2 -6.92 -12.06 -11.60
C SER B 2 -5.71 -11.36 -12.21
N ILE B 3 -4.56 -11.52 -11.56
CA ILE B 3 -3.33 -10.92 -12.04
C ILE B 3 -2.11 -11.76 -11.64
N SER B 4 -0.95 -11.41 -12.19
CA SER B 4 0.28 -12.12 -11.88
C SER B 4 0.59 -12.07 -10.39
N PRO B 5 1.26 -13.12 -9.89
CA PRO B 5 1.62 -13.21 -8.47
C PRO B 5 2.71 -12.22 -8.09
N SER B 6 3.33 -11.61 -9.10
CA SER B 6 4.39 -10.64 -8.86
C SER B 6 3.83 -9.37 -8.22
N ALA B 7 2.73 -8.87 -8.78
CA ALA B 7 2.10 -7.66 -8.26
C ALA B 7 1.68 -7.84 -6.80
N LEU B 8 0.89 -8.88 -6.54
CA LEU B 8 0.42 -9.16 -5.20
C LEU B 8 1.60 -9.32 -4.23
N GLN B 9 2.52 -10.20 -4.58
CA GLN B 9 3.69 -10.44 -3.74
C GLN B 9 4.40 -9.14 -3.39
N ASP B 10 4.48 -8.23 -4.36
CA ASP B 10 5.12 -6.95 -4.15
C ASP B 10 4.44 -6.17 -3.04
N LEU B 11 3.14 -5.92 -3.20
CA LEU B 11 2.38 -5.19 -2.21
C LEU B 11 2.39 -5.91 -0.86
N LEU B 12 1.96 -7.17 -0.87
CA LEU B 12 1.92 -7.97 0.35
C LEU B 12 3.27 -7.91 1.08
N ARG B 13 4.35 -7.81 0.31
CA ARG B 13 5.69 -7.74 0.87
C ARG B 13 5.81 -6.56 1.83
N THR B 14 5.15 -5.46 1.49
CA THR B 14 5.19 -4.25 2.31
C THR B 14 4.47 -4.45 3.63
N LEU B 15 3.22 -4.91 3.55
CA LEU B 15 2.42 -5.15 4.75
C LEU B 15 3.05 -6.24 5.61
N LYS B 16 3.53 -7.30 4.96
CA LYS B 16 4.15 -8.41 5.67
C LYS B 16 5.64 -8.17 5.84
N SER B 17 6.10 -6.98 5.46
CA SER B 17 7.51 -6.63 5.57
C SER B 17 8.01 -6.84 6.99
N PRO B 18 9.32 -7.08 7.13
CA PRO B 18 9.96 -7.30 8.43
C PRO B 18 10.00 -6.03 9.27
N SER B 19 9.06 -5.13 9.04
CA SER B 19 9.00 -3.87 9.77
C SER B 19 10.35 -3.16 9.75
N SER B 20 11.14 -3.44 8.73
CA SER B 20 12.46 -2.84 8.59
C SER B 20 12.35 -1.35 8.27
N PRO B 21 13.42 -0.60 8.56
CA PRO B 21 13.47 0.84 8.30
C PRO B 21 13.53 1.17 6.81
N GLN B 22 14.52 0.61 6.13
CA GLN B 22 14.68 0.83 4.70
C GLN B 22 13.59 0.13 3.91
N GLN B 23 12.84 -0.74 4.58
CA GLN B 23 11.76 -1.48 3.93
C GLN B 23 10.77 -0.52 3.26
N GLN B 24 10.56 0.63 3.88
CA GLN B 24 9.65 1.64 3.35
C GLN B 24 10.00 1.97 1.91
N GLN B 25 11.28 1.94 1.59
CA GLN B 25 11.75 2.24 0.23
C GLN B 25 11.14 1.28 -0.79
N GLN B 26 11.07 0.00 -0.41
CA GLN B 26 10.51 -1.01 -1.29
C GLN B 26 9.04 -0.73 -1.59
N VAL B 27 8.32 -0.27 -0.57
CA VAL B 27 6.91 0.04 -0.70
C VAL B 27 6.68 1.12 -1.76
N LEU B 28 7.41 2.22 -1.63
CA LEU B 28 7.29 3.33 -2.57
C LEU B 28 7.28 2.83 -4.01
N ASN B 29 8.14 1.87 -4.31
CA ASN B 29 8.23 1.29 -5.64
C ASN B 29 6.88 0.71 -6.07
N ILE B 30 6.21 0.04 -5.14
CA ILE B 30 4.92 -0.57 -5.41
C ILE B 30 3.86 0.49 -5.72
N LEU B 31 3.69 1.41 -4.78
CA LEU B 31 2.71 2.49 -4.95
C LEU B 31 2.93 3.22 -6.27
N LYS B 32 4.18 3.54 -6.56
CA LYS B 32 4.52 4.24 -7.80
C LYS B 32 4.15 3.40 -9.02
N SER B 33 3.97 2.10 -8.80
CA SER B 33 3.62 1.18 -9.88
C SER B 33 2.10 1.15 -10.10
N ASN B 34 1.36 1.20 -9.00
CA ASN B 34 -0.10 1.18 -9.07
C ASN B 34 -0.71 2.07 -7.97
N PRO B 35 -0.64 3.40 -8.18
CA PRO B 35 -1.18 4.37 -7.24
C PRO B 35 -2.70 4.35 -7.18
N GLN B 36 -3.32 3.87 -8.26
CA GLN B 36 -4.78 3.80 -8.34
C GLN B 36 -5.35 3.03 -7.16
N LEU B 37 -4.63 2.00 -6.73
CA LEU B 37 -5.07 1.18 -5.61
C LEU B 37 -4.64 1.80 -4.28
N MET B 38 -3.42 2.33 -4.25
CA MET B 38 -2.90 2.96 -3.03
C MET B 38 -3.89 3.96 -2.46
N ALA B 39 -4.73 4.52 -3.34
CA ALA B 39 -5.73 5.49 -2.92
C ALA B 39 -6.49 5.00 -1.70
N ALA B 40 -7.05 3.81 -1.79
CA ALA B 40 -7.80 3.21 -0.69
C ALA B 40 -6.93 3.04 0.54
N PHE B 41 -5.63 2.86 0.32
CA PHE B 41 -4.69 2.68 1.41
C PHE B 41 -4.77 3.83 2.42
N ILE B 42 -4.84 5.05 1.90
CA ILE B 42 -4.93 6.23 2.75
C ILE B 42 -6.10 6.12 3.73
N LYS B 43 -7.18 5.49 3.29
CA LYS B 43 -8.35 5.30 4.13
C LYS B 43 -8.08 4.28 5.22
N GLN B 44 -7.30 3.25 4.89
CA GLN B 44 -6.97 2.21 5.85
C GLN B 44 -8.14 1.92 6.78
N ARG B 45 -9.10 1.14 6.29
CA ARG B 45 -10.28 0.79 7.07
C ARG B 45 -9.90 -0.08 8.26
N THR B 46 -8.88 -0.92 8.08
CA THR B 46 -8.42 -1.81 9.14
C THR B 46 -7.93 -1.02 10.35
N ALA B 47 -7.40 0.17 10.09
CA ALA B 47 -6.89 1.01 11.16
C ALA B 47 -8.00 1.38 12.14
N LYS B 48 -9.20 1.62 11.62
CA LYS B 48 -10.34 1.97 12.46
C LYS B 48 -11.11 0.72 12.87
N TYR B 49 -10.84 -0.39 12.19
CA TYR B 49 -11.51 -1.66 12.50
C TYR B 49 -10.52 -2.67 13.06
N VAL B 50 -9.57 -2.18 13.85
CA VAL B 50 -8.57 -3.05 14.46
C VAL B 50 -8.62 -2.96 15.99
N GLY A 1 5.74 -4.38 -13.27
CA GLY A 1 5.43 -4.45 -14.69
C GLY A 1 4.01 -4.91 -14.94
N SER A 2 3.08 -4.53 -14.07
CA SER A 2 1.69 -4.91 -14.20
C SER A 2 0.77 -3.91 -13.51
N GLU A 3 -0.53 -4.06 -13.71
CA GLU A 3 -1.51 -3.18 -13.10
C GLU A 3 -1.61 -3.41 -11.60
N GLY A 4 -2.25 -4.51 -11.22
CA GLY A 4 -2.40 -4.83 -9.81
C GLY A 4 -3.58 -4.12 -9.17
N GLN A 5 -3.33 -3.40 -8.09
CA GLN A 5 -4.38 -2.67 -7.40
C GLN A 5 -5.65 -3.51 -7.30
N SER A 6 -5.48 -4.82 -7.16
CA SER A 6 -6.62 -5.73 -7.06
C SER A 6 -6.19 -7.05 -6.42
N ASP A 7 -5.60 -7.93 -7.21
CA ASP A 7 -5.15 -9.22 -6.72
C ASP A 7 -4.13 -9.06 -5.61
N GLU A 8 -3.10 -8.25 -5.86
CA GLU A 8 -2.04 -8.02 -4.88
C GLU A 8 -2.65 -7.56 -3.55
N ARG A 9 -3.31 -6.41 -3.57
CA ARG A 9 -3.93 -5.86 -2.37
C ARG A 9 -4.92 -6.85 -1.77
N ALA A 10 -5.60 -7.60 -2.64
CA ALA A 10 -6.58 -8.59 -2.20
C ALA A 10 -5.93 -9.62 -1.27
N LEU A 11 -4.76 -10.10 -1.64
CA LEU A 11 -4.04 -11.09 -0.85
C LEU A 11 -3.35 -10.44 0.34
N LEU A 12 -2.55 -9.41 0.07
CA LEU A 12 -1.83 -8.69 1.11
C LEU A 12 -2.79 -7.92 2.00
N ASP A 13 -4.05 -7.83 1.58
CA ASP A 13 -5.07 -7.13 2.34
C ASP A 13 -5.01 -7.51 3.81
N GLN A 14 -4.74 -8.79 4.08
CA GLN A 14 -4.66 -9.28 5.45
C GLN A 14 -3.67 -8.46 6.27
N LEU A 15 -2.55 -8.09 5.64
CA LEU A 15 -1.53 -7.30 6.31
C LEU A 15 -2.10 -5.98 6.81
N HIS A 16 -3.11 -5.46 6.11
CA HIS A 16 -3.75 -4.21 6.49
C HIS A 16 -4.08 -4.19 7.97
N THR A 17 -4.45 -5.35 8.50
CA THR A 17 -4.80 -5.47 9.91
C THR A 17 -3.68 -4.93 10.80
N LEU A 18 -2.44 -5.23 10.42
CA LEU A 18 -1.28 -4.77 11.18
C LEU A 18 -1.03 -3.29 10.95
N LEU A 19 -1.36 -2.81 9.76
CA LEU A 19 -1.16 -1.41 9.41
C LEU A 19 -1.94 -0.50 10.37
N SER A 20 -2.89 -1.09 11.08
CA SER A 20 -3.71 -0.33 12.02
C SER A 20 -2.94 -0.08 13.32
N ASN A 21 -1.96 -0.93 13.60
CA ASN A 21 -1.15 -0.80 14.80
C ASN A 21 0.34 -0.88 14.47
N THR A 22 0.70 -0.36 13.31
CA THR A 22 2.09 -0.36 12.88
C THR A 22 2.80 0.94 13.28
N ASP A 23 2.29 2.06 12.80
CA ASP A 23 2.87 3.36 13.11
C ASP A 23 2.14 4.47 12.38
N ALA A 24 1.49 5.36 13.13
CA ALA A 24 0.76 6.48 12.54
C ALA A 24 1.60 7.20 11.50
N THR A 25 2.53 8.02 11.97
CA THR A 25 3.41 8.78 11.08
C THR A 25 4.22 7.84 10.19
N GLY A 26 4.56 6.68 10.71
CA GLY A 26 5.33 5.72 9.94
C GLY A 26 4.72 5.44 8.58
N LEU A 27 3.39 5.46 8.52
CA LEU A 27 2.68 5.20 7.27
C LEU A 27 2.53 6.48 6.46
N GLU A 28 2.57 7.62 7.15
CA GLU A 28 2.43 8.92 6.49
C GLU A 28 3.76 9.37 5.90
N GLU A 29 4.86 8.85 6.46
CA GLU A 29 6.19 9.20 5.98
C GLU A 29 6.36 8.81 4.51
N ILE A 30 6.19 7.53 4.22
CA ILE A 30 6.33 7.02 2.86
C ILE A 30 5.25 7.61 1.95
N ASP A 31 4.06 7.77 2.50
CA ASP A 31 2.95 8.32 1.73
C ASP A 31 3.23 9.76 1.31
N ARG A 32 3.40 10.63 2.30
CA ARG A 32 3.67 12.05 2.04
C ARG A 32 4.82 12.20 1.05
N ALA A 33 5.85 11.36 1.20
CA ALA A 33 7.00 11.41 0.32
C ALA A 33 6.59 11.26 -1.13
N LEU A 34 5.58 10.44 -1.39
CA LEU A 34 5.09 10.21 -2.74
C LEU A 34 4.05 11.26 -3.12
N GLY A 35 3.13 11.54 -2.20
CA GLY A 35 2.09 12.52 -2.46
C GLY A 35 0.71 11.93 -2.39
N ILE A 36 0.10 11.99 -1.20
CA ILE A 36 -1.24 11.46 -0.99
C ILE A 36 -2.20 11.94 -2.08
N PRO A 37 -2.30 13.27 -2.22
CA PRO A 37 -3.18 13.89 -3.22
C PRO A 37 -2.67 13.68 -4.64
N GLU A 38 -1.38 13.91 -4.85
CA GLU A 38 -0.77 13.75 -6.17
C GLU A 38 -1.05 12.35 -6.72
N LEU A 39 -0.82 11.34 -5.90
CA LEU A 39 -1.04 9.95 -6.30
C LEU A 39 -2.52 9.70 -6.60
N VAL A 40 -3.38 10.53 -6.03
CA VAL A 40 -4.81 10.42 -6.24
C VAL A 40 -5.27 11.21 -7.45
N ASN A 41 -4.50 12.24 -7.80
CA ASN A 41 -4.82 13.08 -8.94
C ASN A 41 -4.06 12.64 -10.18
N GLN A 42 -3.63 11.38 -10.18
CA GLN A 42 -2.87 10.84 -11.31
C GLN A 42 -3.74 10.80 -12.57
N GLY A 43 -5.02 10.51 -12.39
CA GLY A 43 -5.93 10.45 -13.53
C GLY A 43 -6.96 11.56 -13.50
N GLN A 44 -7.96 11.42 -12.62
CA GLN A 44 -9.01 12.41 -12.49
C GLN A 44 -9.03 13.03 -11.10
N GLY B 1 -10.08 -7.16 -13.05
CA GLY B 1 -10.02 -8.59 -13.29
C GLY B 1 -8.77 -9.23 -12.71
N SER B 2 -8.47 -10.45 -13.13
CA SER B 2 -7.30 -11.17 -12.64
C SER B 2 -6.02 -10.39 -12.93
N ILE B 3 -5.00 -10.63 -12.13
CA ILE B 3 -3.71 -9.95 -12.30
C ILE B 3 -2.55 -10.93 -12.19
N SER B 4 -1.47 -10.62 -12.89
CA SER B 4 -0.29 -11.47 -12.89
C SER B 4 0.25 -11.66 -11.47
N PRO B 5 1.06 -12.70 -11.27
CA PRO B 5 1.66 -13.02 -9.97
C PRO B 5 2.71 -12.00 -9.56
N SER B 6 3.18 -11.20 -10.52
CA SER B 6 4.19 -10.19 -10.26
C SER B 6 3.67 -9.13 -9.30
N ALA B 7 2.47 -8.64 -9.57
CA ALA B 7 1.85 -7.63 -8.72
C ALA B 7 1.71 -8.12 -7.28
N LEU B 8 1.06 -9.26 -7.11
CA LEU B 8 0.87 -9.84 -5.79
C LEU B 8 2.20 -10.04 -5.07
N GLN B 9 3.13 -10.73 -5.74
CA GLN B 9 4.44 -10.98 -5.17
C GLN B 9 5.10 -9.69 -4.71
N ASP B 10 5.01 -8.65 -5.54
CA ASP B 10 5.58 -7.35 -5.20
C ASP B 10 4.98 -6.78 -3.93
N LEU B 11 3.66 -6.61 -3.93
CA LEU B 11 2.96 -6.09 -2.77
C LEU B 11 3.15 -6.99 -1.56
N LEU B 12 2.79 -8.26 -1.71
CA LEU B 12 2.92 -9.23 -0.63
C LEU B 12 4.30 -9.14 0.02
N ARG B 13 5.29 -8.71 -0.77
CA ARG B 13 6.66 -8.57 -0.27
C ARG B 13 6.68 -7.79 1.04
N THR B 14 5.78 -6.82 1.16
CA THR B 14 5.71 -6.00 2.36
C THR B 14 5.11 -6.78 3.53
N LEU B 15 3.97 -7.41 3.29
CA LEU B 15 3.29 -8.20 4.32
C LEU B 15 4.22 -9.29 4.86
N LYS B 16 5.07 -9.83 3.98
CA LYS B 16 6.01 -10.87 4.38
C LYS B 16 7.31 -10.27 4.89
N SER B 17 7.63 -9.07 4.42
CA SER B 17 8.85 -8.39 4.83
C SER B 17 8.92 -8.26 6.35
N PRO B 18 10.13 -8.01 6.86
CA PRO B 18 10.37 -7.87 8.30
C PRO B 18 9.76 -6.58 8.85
N SER B 19 9.99 -6.32 10.14
CA SER B 19 9.46 -5.14 10.79
C SER B 19 10.45 -3.97 10.69
N SER B 20 11.41 -4.09 9.77
CA SER B 20 12.42 -3.06 9.58
C SER B 20 11.80 -1.81 8.97
N PRO B 21 12.42 -0.66 9.23
CA PRO B 21 11.95 0.64 8.72
C PRO B 21 12.15 0.76 7.20
N GLN B 22 13.28 0.26 6.71
CA GLN B 22 13.59 0.32 5.30
C GLN B 22 12.54 -0.43 4.48
N GLN B 23 11.92 -1.42 5.10
CA GLN B 23 10.88 -2.21 4.43
C GLN B 23 9.82 -1.31 3.82
N GLN B 24 9.52 -0.20 4.48
CA GLN B 24 8.52 0.74 3.99
C GLN B 24 8.87 1.23 2.60
N GLN B 25 10.17 1.34 2.32
CA GLN B 25 10.63 1.80 1.01
C GLN B 25 10.10 0.92 -0.10
N GLN B 26 10.10 -0.40 0.13
CA GLN B 26 9.61 -1.35 -0.86
C GLN B 26 8.12 -1.13 -1.13
N VAL B 27 7.39 -0.72 -0.10
CA VAL B 27 5.96 -0.47 -0.24
C VAL B 27 5.69 0.66 -1.22
N LEU B 28 6.28 1.82 -0.96
CA LEU B 28 6.11 2.98 -1.83
C LEU B 28 6.33 2.60 -3.30
N ASN B 29 7.30 1.73 -3.53
CA ASN B 29 7.62 1.29 -4.89
C ASN B 29 6.38 0.76 -5.59
N ILE B 30 5.66 -0.14 -4.92
CA ILE B 30 4.45 -0.72 -5.48
C ILE B 30 3.37 0.33 -5.68
N LEU B 31 3.13 1.13 -4.65
CA LEU B 31 2.12 2.18 -4.71
C LEU B 31 2.40 3.12 -5.87
N LYS B 32 3.66 3.50 -6.03
CA LYS B 32 4.05 4.40 -7.12
C LYS B 32 3.62 3.86 -8.47
N SER B 33 3.48 2.53 -8.55
CA SER B 33 3.07 1.88 -9.79
C SER B 33 1.55 1.80 -9.88
N ASN B 34 0.90 1.69 -8.73
CA ASN B 34 -0.55 1.60 -8.68
C ASN B 34 -1.15 2.74 -7.86
N PRO B 35 -1.30 3.91 -8.51
CA PRO B 35 -1.85 5.10 -7.86
C PRO B 35 -3.34 4.96 -7.55
N GLN B 36 -4.04 4.20 -8.39
CA GLN B 36 -5.47 3.98 -8.20
C GLN B 36 -5.76 3.42 -6.82
N LEU B 37 -4.79 2.70 -6.27
CA LEU B 37 -4.95 2.09 -4.96
C LEU B 37 -4.61 3.09 -3.85
N MET B 38 -3.70 4.01 -4.16
CA MET B 38 -3.29 5.03 -3.20
C MET B 38 -4.50 5.73 -2.59
N ALA B 39 -5.58 5.81 -3.37
CA ALA B 39 -6.81 6.45 -2.90
C ALA B 39 -7.28 5.85 -1.58
N ALA B 40 -7.41 4.53 -1.56
CA ALA B 40 -7.86 3.83 -0.36
C ALA B 40 -6.92 4.10 0.81
N PHE B 41 -5.67 4.44 0.50
CA PHE B 41 -4.67 4.73 1.53
C PHE B 41 -5.19 5.78 2.51
N ILE B 42 -5.60 6.92 1.98
CA ILE B 42 -6.11 8.01 2.82
C ILE B 42 -7.26 7.52 3.71
N LYS B 43 -8.16 6.73 3.12
CA LYS B 43 -9.29 6.20 3.85
C LYS B 43 -8.83 5.39 5.06
N GLN B 44 -7.71 4.68 4.91
CA GLN B 44 -7.16 3.86 5.97
C GLN B 44 -8.27 3.21 6.78
N ARG B 45 -9.26 2.66 6.09
CA ARG B 45 -10.39 2.00 6.74
C ARG B 45 -9.90 0.95 7.74
N THR B 46 -8.92 0.16 7.33
CA THR B 46 -8.37 -0.89 8.18
C THR B 46 -7.73 -0.29 9.43
N ALA B 47 -7.15 0.89 9.28
CA ALA B 47 -6.51 1.57 10.41
C ALA B 47 -7.52 1.89 11.51
N LYS B 48 -8.65 2.46 11.11
CA LYS B 48 -9.70 2.82 12.05
C LYS B 48 -10.73 1.70 12.18
N TYR B 49 -10.32 0.48 11.83
CA TYR B 49 -11.19 -0.67 11.91
C TYR B 49 -10.62 -1.74 12.85
N VAL B 50 -9.31 -1.94 12.78
CA VAL B 50 -8.63 -2.92 13.62
C VAL B 50 -7.61 -2.25 14.53
N GLY A 1 -9.18 1.52 -11.40
CA GLY A 1 -8.20 0.52 -11.00
C GLY A 1 -7.08 0.37 -12.03
N SER A 2 -5.85 0.61 -11.60
CA SER A 2 -4.70 0.50 -12.48
C SER A 2 -4.31 -0.96 -12.69
N GLU A 3 -3.66 -1.54 -11.69
CA GLU A 3 -3.23 -2.93 -11.76
C GLU A 3 -2.96 -3.49 -10.37
N GLY A 4 -3.97 -3.45 -9.51
CA GLY A 4 -3.82 -3.95 -8.16
C GLY A 4 -4.68 -3.21 -7.16
N GLN A 5 -6.00 -3.41 -7.24
CA GLN A 5 -6.93 -2.76 -6.34
C GLN A 5 -7.90 -3.76 -5.73
N SER A 6 -7.46 -5.01 -5.64
CA SER A 6 -8.30 -6.08 -5.08
C SER A 6 -7.45 -7.26 -4.64
N ASP A 7 -6.90 -7.97 -5.61
CA ASP A 7 -6.06 -9.14 -5.33
C ASP A 7 -4.87 -8.74 -4.46
N GLU A 8 -4.22 -7.65 -4.82
CA GLU A 8 -3.06 -7.17 -4.07
C GLU A 8 -3.38 -7.07 -2.58
N ARG A 9 -4.34 -6.23 -2.24
CA ARG A 9 -4.74 -6.04 -0.84
C ARG A 9 -5.32 -7.33 -0.28
N ALA A 10 -6.17 -7.99 -1.06
CA ALA A 10 -6.80 -9.24 -0.63
C ALA A 10 -5.74 -10.24 -0.17
N LEU A 11 -4.66 -10.35 -0.91
CA LEU A 11 -3.59 -11.27 -0.58
C LEU A 11 -3.00 -10.96 0.79
N LEU A 12 -2.42 -9.77 0.93
CA LEU A 12 -1.82 -9.34 2.19
C LEU A 12 -2.90 -8.96 3.20
N ASP A 13 -4.16 -8.98 2.75
CA ASP A 13 -5.28 -8.63 3.62
C ASP A 13 -5.10 -9.24 5.01
N GLN A 14 -4.97 -10.56 5.06
CA GLN A 14 -4.79 -11.27 6.33
C GLN A 14 -3.54 -10.78 7.04
N LEU A 15 -2.44 -10.66 6.29
CA LEU A 15 -1.17 -10.22 6.85
C LEU A 15 -1.32 -8.86 7.52
N HIS A 16 -2.19 -8.02 6.96
CA HIS A 16 -2.42 -6.68 7.49
C HIS A 16 -2.69 -6.74 8.99
N THR A 17 -3.27 -7.85 9.44
CA THR A 17 -3.58 -8.03 10.86
C THR A 17 -2.36 -7.75 11.73
N LEU A 18 -1.18 -8.04 11.19
CA LEU A 18 0.07 -7.82 11.92
C LEU A 18 0.45 -6.34 11.91
N LEU A 19 0.14 -5.66 10.81
CA LEU A 19 0.44 -4.24 10.67
C LEU A 19 -0.14 -3.45 11.83
N SER A 20 -1.27 -3.90 12.35
CA SER A 20 -1.92 -3.23 13.47
C SER A 20 -1.23 -3.57 14.79
N ASN A 21 -0.56 -4.71 14.82
CA ASN A 21 0.14 -5.16 16.02
C ASN A 21 1.56 -4.60 16.05
N THR A 22 2.11 -4.31 14.87
CA THR A 22 3.46 -3.77 14.77
C THR A 22 3.45 -2.25 14.82
N ASP A 23 2.77 -1.63 13.87
CA ASP A 23 2.68 -0.18 13.81
C ASP A 23 1.86 0.27 12.60
N ALA A 24 0.54 0.25 12.76
CA ALA A 24 -0.36 0.66 11.69
C ALA A 24 0.03 2.02 11.13
N THR A 25 0.61 2.87 11.98
CA THR A 25 1.03 4.20 11.57
C THR A 25 2.11 4.13 10.49
N GLY A 26 2.91 3.07 10.52
CA GLY A 26 3.96 2.89 9.55
C GLY A 26 3.47 3.05 8.12
N LEU A 27 2.36 2.39 7.82
CA LEU A 27 1.78 2.46 6.48
C LEU A 27 1.63 3.91 6.02
N GLU A 28 1.18 4.76 6.93
CA GLU A 28 0.99 6.18 6.61
C GLU A 28 2.33 6.91 6.60
N GLU A 29 3.32 6.35 7.29
CA GLU A 29 4.64 6.96 7.36
C GLU A 29 5.20 7.18 5.95
N ILE A 30 5.19 6.14 5.14
CA ILE A 30 5.71 6.22 3.77
C ILE A 30 4.78 7.05 2.90
N ASP A 31 3.47 6.93 3.13
CA ASP A 31 2.48 7.67 2.36
C ASP A 31 2.68 9.17 2.53
N ARG A 32 2.66 9.64 3.77
CA ARG A 32 2.84 11.06 4.06
C ARG A 32 4.16 11.57 3.49
N ALA A 33 5.21 10.77 3.64
CA ALA A 33 6.53 11.13 3.15
C ALA A 33 6.47 11.55 1.67
N LEU A 34 5.71 10.79 0.89
CA LEU A 34 5.57 11.09 -0.54
C LEU A 34 4.49 12.14 -0.77
N GLY A 35 3.46 12.11 0.07
CA GLY A 35 2.38 13.06 -0.06
C GLY A 35 1.04 12.40 -0.33
N ILE A 36 0.32 12.09 0.74
CA ILE A 36 -0.99 11.44 0.61
C ILE A 36 -1.88 12.17 -0.38
N PRO A 37 -2.10 13.48 -0.13
CA PRO A 37 -2.92 14.32 -0.99
C PRO A 37 -2.27 14.59 -2.34
N GLU A 38 -0.93 14.67 -2.34
CA GLU A 38 -0.19 14.93 -3.56
C GLU A 38 -0.46 13.84 -4.61
N LEU A 39 -0.61 12.61 -4.13
CA LEU A 39 -0.87 11.48 -5.01
C LEU A 39 -2.28 11.55 -5.60
N VAL A 40 -3.07 12.48 -5.09
CA VAL A 40 -4.44 12.66 -5.56
C VAL A 40 -4.50 13.64 -6.72
N ASN A 41 -3.33 13.94 -7.29
CA ASN A 41 -3.26 14.87 -8.41
C ASN A 41 -3.26 14.13 -9.74
N GLN A 42 -2.79 12.89 -9.72
CA GLN A 42 -2.74 12.06 -10.92
C GLN A 42 -4.09 12.06 -11.64
N GLY A 43 -5.06 11.34 -11.08
CA GLY A 43 -6.38 11.28 -11.67
C GLY A 43 -7.47 11.65 -10.70
N GLN A 44 -8.72 11.33 -11.05
CA GLN A 44 -9.86 11.63 -10.19
C GLN A 44 -10.58 10.35 -9.77
N GLY B 1 -9.97 -7.19 -14.95
CA GLY B 1 -10.25 -8.24 -13.98
C GLY B 1 -9.08 -8.51 -13.06
N SER B 2 -8.50 -9.70 -13.17
CA SER B 2 -7.36 -10.07 -12.34
C SER B 2 -6.09 -9.35 -12.78
N ILE B 3 -4.98 -9.66 -12.13
CA ILE B 3 -3.70 -9.04 -12.45
C ILE B 3 -2.55 -10.03 -12.28
N SER B 4 -1.42 -9.72 -12.91
CA SER B 4 -0.25 -10.59 -12.83
C SER B 4 0.17 -10.81 -11.38
N PRO B 5 0.94 -11.88 -11.14
CA PRO B 5 1.41 -12.25 -9.81
C PRO B 5 2.45 -11.26 -9.28
N SER B 6 3.06 -10.50 -10.19
CA SER B 6 4.07 -9.52 -9.81
C SER B 6 3.48 -8.44 -8.91
N ALA B 7 2.36 -7.89 -9.33
CA ALA B 7 1.69 -6.85 -8.56
C ALA B 7 1.28 -7.35 -7.18
N LEU B 8 0.57 -8.48 -7.15
CA LEU B 8 0.13 -9.07 -5.90
C LEU B 8 1.32 -9.35 -4.98
N GLN B 9 2.28 -10.11 -5.48
CA GLN B 9 3.46 -10.44 -4.71
C GLN B 9 4.18 -9.19 -4.22
N ASP B 10 4.49 -8.29 -5.15
CA ASP B 10 5.17 -7.05 -4.82
C ASP B 10 4.41 -6.29 -3.73
N LEU B 11 3.15 -5.99 -4.00
CA LEU B 11 2.32 -5.26 -3.05
C LEU B 11 2.28 -5.98 -1.70
N LEU B 12 2.05 -7.29 -1.75
CA LEU B 12 2.00 -8.09 -0.54
C LEU B 12 3.22 -7.84 0.34
N ARG B 13 4.34 -7.51 -0.28
CA ARG B 13 5.57 -7.24 0.45
C ARG B 13 5.39 -6.07 1.42
N THR B 14 4.54 -5.12 1.02
CA THR B 14 4.28 -3.95 1.86
C THR B 14 3.74 -4.35 3.22
N LEU B 15 2.59 -5.03 3.22
CA LEU B 15 1.96 -5.48 4.47
C LEU B 15 2.74 -6.64 5.07
N LYS B 16 3.46 -7.37 4.24
CA LYS B 16 4.25 -8.51 4.69
C LYS B 16 5.66 -8.08 5.08
N SER B 17 5.84 -6.77 5.25
CA SER B 17 7.14 -6.23 5.62
C SER B 17 7.73 -6.99 6.81
N PRO B 18 9.05 -6.85 7.01
CA PRO B 18 9.76 -7.53 8.11
C PRO B 18 9.40 -6.94 9.47
N SER B 19 9.85 -5.72 9.72
CA SER B 19 9.58 -5.06 11.00
C SER B 19 9.84 -3.55 10.89
N SER B 20 11.10 -3.18 10.67
CA SER B 20 11.47 -1.79 10.55
C SER B 20 10.73 -1.12 9.39
N PRO B 21 10.45 0.19 9.53
CA PRO B 21 9.75 0.96 8.51
C PRO B 21 10.60 1.19 7.27
N GLN B 22 11.87 0.81 7.35
CA GLN B 22 12.79 0.96 6.23
C GLN B 22 12.33 0.15 5.02
N GLN B 23 11.92 -1.09 5.28
CA GLN B 23 11.46 -1.97 4.22
C GLN B 23 10.23 -1.40 3.53
N GLN B 24 9.53 -0.52 4.23
CA GLN B 24 8.33 0.11 3.68
C GLN B 24 8.63 0.80 2.36
N GLN B 25 9.89 1.13 2.14
CA GLN B 25 10.31 1.79 0.90
C GLN B 25 9.80 1.03 -0.32
N GLN B 26 9.68 -0.29 -0.18
CA GLN B 26 9.21 -1.13 -1.27
C GLN B 26 7.82 -0.68 -1.75
N VAL B 27 7.03 -0.15 -0.82
CA VAL B 27 5.69 0.31 -1.14
C VAL B 27 5.73 1.43 -2.19
N LEU B 28 6.46 2.49 -1.88
CA LEU B 28 6.58 3.62 -2.79
C LEU B 28 6.88 3.15 -4.21
N ASN B 29 7.70 2.11 -4.32
CA ASN B 29 8.07 1.56 -5.62
C ASN B 29 6.84 1.14 -6.40
N ILE B 30 5.98 0.35 -5.77
CA ILE B 30 4.76 -0.11 -6.41
C ILE B 30 3.82 1.04 -6.71
N LEU B 31 3.48 1.82 -5.69
CA LEU B 31 2.59 2.97 -5.85
C LEU B 31 3.08 3.88 -6.98
N LYS B 32 4.36 4.21 -6.94
CA LYS B 32 4.95 5.07 -7.97
C LYS B 32 4.69 4.53 -9.36
N SER B 33 4.52 3.21 -9.44
CA SER B 33 4.28 2.55 -10.72
C SER B 33 2.78 2.52 -11.04
N ASN B 34 1.97 2.43 -9.99
CA ASN B 34 0.52 2.39 -10.15
C ASN B 34 -0.13 3.66 -9.60
N PRO B 35 -0.43 4.60 -10.50
CA PRO B 35 -1.05 5.88 -10.13
C PRO B 35 -2.50 5.71 -9.68
N GLN B 36 -3.28 4.99 -10.49
CA GLN B 36 -4.68 4.75 -10.17
C GLN B 36 -4.82 4.01 -8.84
N LEU B 37 -3.75 3.38 -8.41
CA LEU B 37 -3.74 2.63 -7.16
C LEU B 37 -3.50 3.56 -5.97
N MET B 38 -2.78 4.65 -6.22
CA MET B 38 -2.47 5.62 -5.17
C MET B 38 -3.73 6.00 -4.40
N ALA B 39 -4.87 5.98 -5.10
CA ALA B 39 -6.15 6.33 -4.48
C ALA B 39 -6.34 5.58 -3.18
N ALA B 40 -6.28 4.26 -3.24
CA ALA B 40 -6.46 3.42 -2.06
C ALA B 40 -5.40 3.73 -1.01
N PHE B 41 -4.23 4.19 -1.47
CA PHE B 41 -3.13 4.51 -0.56
C PHE B 41 -3.56 5.57 0.45
N ILE B 42 -4.17 6.65 -0.05
CA ILE B 42 -4.62 7.74 0.82
C ILE B 42 -5.50 7.21 1.94
N LYS B 43 -6.45 6.34 1.59
CA LYS B 43 -7.35 5.76 2.58
C LYS B 43 -6.57 5.15 3.74
N GLN B 44 -5.71 4.19 3.43
CA GLN B 44 -4.90 3.52 4.45
C GLN B 44 -5.69 3.38 5.76
N ARG B 45 -6.49 2.33 5.84
CA ARG B 45 -7.30 2.08 7.03
C ARG B 45 -6.43 2.10 8.29
N THR B 46 -5.36 1.33 8.27
CA THR B 46 -4.44 1.25 9.40
C THR B 46 -4.03 2.65 9.87
N ALA B 47 -3.99 3.60 8.93
CA ALA B 47 -3.62 4.97 9.25
C ALA B 47 -4.72 5.67 10.03
N LYS B 48 -5.94 5.58 9.52
CA LYS B 48 -7.09 6.21 10.18
C LYS B 48 -7.74 5.25 11.17
N TYR B 49 -6.97 4.28 11.63
CA TYR B 49 -7.48 3.30 12.59
C TYR B 49 -6.62 3.27 13.85
N VAL B 50 -5.83 4.32 14.04
CA VAL B 50 -4.96 4.43 15.21
C VAL B 50 -5.31 5.64 16.06
N GLY A 1 9.20 -3.37 -7.80
CA GLY A 1 9.15 -3.56 -9.23
C GLY A 1 7.94 -4.34 -9.68
N SER A 2 6.75 -3.85 -9.32
CA SER A 2 5.50 -4.51 -9.68
C SER A 2 4.35 -3.51 -9.75
N GLU A 3 3.17 -4.01 -10.10
CA GLU A 3 2.00 -3.15 -10.21
C GLU A 3 0.72 -3.98 -10.14
N GLY A 4 -0.17 -3.63 -9.22
CA GLY A 4 -1.42 -4.35 -9.07
C GLY A 4 -2.64 -3.44 -9.20
N GLN A 5 -3.73 -3.84 -8.57
CA GLN A 5 -4.96 -3.05 -8.62
C GLN A 5 -5.77 -3.22 -7.33
N SER A 6 -6.16 -4.46 -7.04
CA SER A 6 -6.93 -4.75 -5.84
C SER A 6 -6.58 -6.13 -5.29
N ASP A 7 -6.24 -7.05 -6.19
CA ASP A 7 -5.88 -8.40 -5.79
C ASP A 7 -4.86 -8.39 -4.67
N GLU A 8 -3.90 -7.47 -4.75
CA GLU A 8 -2.86 -7.35 -3.74
C GLU A 8 -3.47 -7.24 -2.34
N ARG A 9 -4.37 -6.28 -2.17
CA ARG A 9 -5.02 -6.06 -0.89
C ARG A 9 -5.81 -7.30 -0.46
N ALA A 10 -6.34 -8.02 -1.44
CA ALA A 10 -7.11 -9.23 -1.16
C ALA A 10 -6.27 -10.25 -0.40
N LEU A 11 -5.06 -10.49 -0.87
CA LEU A 11 -4.15 -11.44 -0.23
C LEU A 11 -3.54 -10.84 1.04
N LEU A 12 -3.01 -9.63 0.90
CA LEU A 12 -2.40 -8.95 2.03
C LEU A 12 -3.44 -8.55 3.08
N ASP A 13 -4.70 -8.66 2.70
CA ASP A 13 -5.80 -8.32 3.59
C ASP A 13 -5.55 -8.90 5.00
N GLN A 14 -5.41 -10.21 5.06
CA GLN A 14 -5.17 -10.88 6.34
C GLN A 14 -3.91 -10.36 7.00
N LEU A 15 -2.80 -10.42 6.27
CA LEU A 15 -1.51 -9.96 6.79
C LEU A 15 -1.62 -8.53 7.28
N HIS A 16 -2.55 -7.77 6.71
CA HIS A 16 -2.75 -6.38 7.10
C HIS A 16 -2.90 -6.25 8.61
N THR A 17 -3.27 -7.35 9.26
CA THR A 17 -3.45 -7.36 10.70
C THR A 17 -2.26 -6.72 11.41
N LEU A 18 -1.07 -6.98 10.89
CA LEU A 18 0.15 -6.43 11.46
C LEU A 18 0.32 -4.96 11.11
N LEU A 19 -0.12 -4.59 9.91
CA LEU A 19 -0.03 -3.21 9.45
C LEU A 19 -0.75 -2.27 10.41
N SER A 20 -1.79 -2.78 11.07
CA SER A 20 -2.56 -1.99 12.01
C SER A 20 -1.78 -1.76 13.31
N ASN A 21 -0.74 -2.56 13.51
CA ASN A 21 0.09 -2.46 14.70
C ASN A 21 1.58 -2.39 14.34
N THR A 22 1.87 -1.86 13.16
CA THR A 22 3.24 -1.74 12.69
C THR A 22 3.82 -0.38 13.03
N ASP A 23 3.19 0.68 12.53
CA ASP A 23 3.65 2.04 12.78
C ASP A 23 2.76 3.06 12.06
N ALA A 24 2.02 3.83 12.84
CA ALA A 24 1.13 4.84 12.28
C ALA A 24 1.85 5.69 11.23
N THR A 25 2.68 6.61 11.70
CA THR A 25 3.43 7.50 10.80
C THR A 25 4.32 6.69 9.87
N GLY A 26 4.76 5.53 10.34
CA GLY A 26 5.63 4.69 9.53
C GLY A 26 5.06 4.43 8.15
N LEU A 27 3.74 4.29 8.08
CA LEU A 27 3.07 4.04 6.80
C LEU A 27 2.75 5.35 6.08
N GLU A 28 2.67 6.43 6.84
CA GLU A 28 2.38 7.75 6.29
C GLU A 28 3.63 8.37 5.68
N GLU A 29 4.79 7.95 6.17
CA GLU A 29 6.06 8.47 5.68
C GLU A 29 6.20 8.26 4.18
N ILE A 30 6.12 7.00 3.75
CA ILE A 30 6.23 6.67 2.34
C ILE A 30 5.08 7.28 1.53
N ASP A 31 3.91 7.35 2.15
CA ASP A 31 2.74 7.91 1.49
C ASP A 31 2.95 9.38 1.16
N ARG A 32 3.16 10.19 2.19
CA ARG A 32 3.38 11.63 2.00
C ARG A 32 4.47 11.87 0.95
N ALA A 33 5.53 11.07 1.01
CA ALA A 33 6.64 11.20 0.07
C ALA A 33 6.15 11.12 -1.37
N LEU A 34 5.12 10.32 -1.60
CA LEU A 34 4.56 10.15 -2.94
C LEU A 34 3.51 11.22 -3.22
N GLY A 35 2.63 11.47 -2.24
CA GLY A 35 1.60 12.46 -2.41
C GLY A 35 0.23 11.85 -2.55
N ILE A 36 -0.48 11.72 -1.42
CA ILE A 36 -1.82 11.14 -1.43
C ILE A 36 -2.69 11.78 -2.51
N PRO A 37 -2.78 13.12 -2.50
CA PRO A 37 -3.56 13.86 -3.48
C PRO A 37 -2.96 13.81 -4.88
N GLU A 38 -1.66 14.06 -4.96
CA GLU A 38 -0.95 14.05 -6.24
C GLU A 38 -1.17 12.73 -6.97
N LEU A 39 -1.15 11.63 -6.20
CA LEU A 39 -1.35 10.31 -6.77
C LEU A 39 -2.80 10.10 -7.21
N VAL A 40 -3.69 10.93 -6.68
CA VAL A 40 -5.10 10.85 -7.01
C VAL A 40 -5.43 11.71 -8.23
N ASN A 41 -4.67 12.79 -8.41
CA ASN A 41 -4.88 13.69 -9.54
C ASN A 41 -3.95 13.35 -10.70
N GLN A 42 -3.35 12.15 -10.63
CA GLN A 42 -2.43 11.70 -11.68
C GLN A 42 -3.15 11.63 -13.02
N GLY A 43 -4.44 11.28 -12.98
CA GLY A 43 -5.21 11.16 -14.21
C GLY A 43 -5.36 12.49 -14.92
N GLN A 44 -6.00 13.45 -14.26
CA GLN A 44 -6.21 14.77 -14.85
C GLN A 44 -7.03 14.68 -16.13
N GLY B 1 -9.81 -5.92 -10.79
CA GLY B 1 -9.86 -6.98 -9.81
C GLY B 1 -9.17 -8.24 -10.28
N SER B 2 -8.03 -8.08 -10.92
CA SER B 2 -7.27 -9.22 -11.44
C SER B 2 -5.90 -8.78 -11.95
N ILE B 3 -4.85 -9.32 -11.37
CA ILE B 3 -3.49 -9.00 -11.77
C ILE B 3 -2.54 -10.16 -11.52
N SER B 4 -1.33 -10.05 -12.07
CA SER B 4 -0.33 -11.10 -11.91
C SER B 4 -0.05 -11.37 -10.44
N PRO B 5 0.44 -12.58 -10.13
CA PRO B 5 0.77 -12.98 -8.77
C PRO B 5 1.98 -12.23 -8.21
N SER B 6 2.78 -11.68 -9.10
CA SER B 6 3.98 -10.95 -8.71
C SER B 6 3.62 -9.62 -8.06
N ALA B 7 2.62 -8.93 -8.64
CA ALA B 7 2.18 -7.65 -8.11
C ALA B 7 1.65 -7.80 -6.68
N LEU B 8 0.68 -8.69 -6.51
CA LEU B 8 0.08 -8.92 -5.20
C LEU B 8 1.13 -9.40 -4.21
N GLN B 9 1.89 -10.43 -4.60
CA GLN B 9 2.92 -10.99 -3.74
C GLN B 9 3.94 -9.91 -3.35
N ASP B 10 4.47 -9.22 -4.35
CA ASP B 10 5.45 -8.17 -4.11
C ASP B 10 4.86 -7.07 -3.24
N LEU B 11 3.76 -6.48 -3.71
CA LEU B 11 3.10 -5.40 -2.98
C LEU B 11 2.77 -5.84 -1.55
N LEU B 12 2.26 -7.05 -1.42
CA LEU B 12 1.91 -7.59 -0.10
C LEU B 12 3.11 -7.59 0.83
N ARG B 13 4.16 -8.32 0.45
CA ARG B 13 5.36 -8.40 1.26
C ARG B 13 5.91 -7.01 1.57
N THR B 14 5.96 -6.16 0.54
CA THR B 14 6.45 -4.80 0.70
C THR B 14 5.61 -4.02 1.70
N LEU B 15 4.29 -4.07 1.52
CA LEU B 15 3.38 -3.36 2.42
C LEU B 15 3.51 -3.87 3.85
N LYS B 16 3.70 -5.17 3.99
CA LYS B 16 3.86 -5.79 5.30
C LYS B 16 5.33 -5.89 5.69
N SER B 17 6.19 -5.24 4.91
CA SER B 17 7.62 -5.25 5.18
C SER B 17 7.91 -4.92 6.65
N PRO B 18 8.31 -5.96 7.41
CA PRO B 18 8.63 -5.80 8.83
C PRO B 18 9.91 -5.01 9.06
N SER B 19 10.42 -5.06 10.29
CA SER B 19 11.64 -4.33 10.64
C SER B 19 11.42 -2.83 10.53
N SER B 20 12.51 -2.09 10.45
CA SER B 20 12.46 -0.63 10.33
C SER B 20 11.61 -0.21 9.14
N PRO B 21 11.18 1.06 9.13
CA PRO B 21 10.37 1.61 8.05
C PRO B 21 11.14 1.76 6.74
N GLN B 22 12.43 1.47 6.80
CA GLN B 22 13.29 1.56 5.62
C GLN B 22 12.80 0.63 4.52
N GLN B 23 12.44 -0.58 4.90
CA GLN B 23 11.96 -1.58 3.95
C GLN B 23 10.73 -1.06 3.20
N GLN B 24 10.02 -0.12 3.82
CA GLN B 24 8.82 0.45 3.21
C GLN B 24 9.15 1.06 1.85
N GLN B 25 10.42 1.40 1.64
CA GLN B 25 10.86 2.01 0.38
C GLN B 25 10.41 1.15 -0.81
N GLN B 26 10.42 -0.16 -0.63
CA GLN B 26 10.03 -1.08 -1.69
C GLN B 26 8.56 -0.87 -2.07
N VAL B 27 7.76 -0.47 -1.08
CA VAL B 27 6.34 -0.22 -1.31
C VAL B 27 6.12 0.91 -2.30
N LEU B 28 6.71 2.06 -2.01
CA LEU B 28 6.58 3.23 -2.88
C LEU B 28 6.87 2.85 -4.33
N ASN B 29 7.85 1.99 -4.53
CA ASN B 29 8.22 1.55 -5.88
C ASN B 29 7.00 0.98 -6.62
N ILE B 30 6.30 0.07 -5.96
CA ILE B 30 5.12 -0.56 -6.56
C ILE B 30 4.01 0.48 -6.78
N LEU B 31 3.71 1.24 -5.73
CA LEU B 31 2.67 2.26 -5.81
C LEU B 31 2.95 3.24 -6.95
N LYS B 32 4.24 3.49 -7.21
CA LYS B 32 4.63 4.40 -8.27
C LYS B 32 4.03 3.97 -9.60
N SER B 33 3.69 2.69 -9.70
CA SER B 33 3.11 2.17 -10.93
C SER B 33 1.59 2.34 -10.94
N ASN B 34 0.99 2.28 -9.76
CA ASN B 34 -0.46 2.44 -9.62
C ASN B 34 -0.80 3.44 -8.53
N PRO B 35 -0.73 4.74 -8.86
CA PRO B 35 -1.04 5.81 -7.91
C PRO B 35 -2.52 5.88 -7.57
N GLN B 36 -3.36 5.52 -8.53
CA GLN B 36 -4.81 5.54 -8.32
C GLN B 36 -5.19 4.69 -7.12
N LEU B 37 -4.34 3.74 -6.77
CA LEU B 37 -4.59 2.85 -5.64
C LEU B 37 -4.13 3.49 -4.33
N MET B 38 -3.08 4.30 -4.42
CA MET B 38 -2.55 4.98 -3.24
C MET B 38 -3.66 5.68 -2.47
N ALA B 39 -4.61 6.25 -3.19
CA ALA B 39 -5.74 6.95 -2.57
C ALA B 39 -6.39 6.09 -1.50
N ALA B 40 -6.79 4.88 -1.88
CA ALA B 40 -7.44 3.97 -0.95
C ALA B 40 -6.58 3.76 0.30
N PHE B 41 -5.27 3.87 0.13
CA PHE B 41 -4.34 3.70 1.24
C PHE B 41 -4.67 4.66 2.39
N ILE B 42 -5.12 5.86 2.03
CA ILE B 42 -5.46 6.87 3.02
C ILE B 42 -6.45 6.33 4.04
N LYS B 43 -7.34 5.45 3.57
CA LYS B 43 -8.35 4.85 4.45
C LYS B 43 -7.75 3.70 5.25
N GLN B 44 -7.06 2.79 4.57
CA GLN B 44 -6.45 1.65 5.22
C GLN B 44 -7.50 0.63 5.66
N ARG B 45 -7.42 -0.58 5.13
CA ARG B 45 -8.36 -1.63 5.47
C ARG B 45 -8.47 -1.79 6.98
N THR B 46 -7.34 -2.00 7.63
CA THR B 46 -7.31 -2.17 9.08
C THR B 46 -8.02 -1.02 9.79
N ALA B 47 -7.59 0.20 9.50
CA ALA B 47 -8.20 1.39 10.10
C ALA B 47 -9.66 1.54 9.66
N LYS B 48 -10.06 0.77 8.67
CA LYS B 48 -11.42 0.81 8.16
C LYS B 48 -12.34 -0.07 8.99
N TYR B 49 -11.78 -1.13 9.56
CA TYR B 49 -12.55 -2.06 10.37
C TYR B 49 -12.17 -1.94 11.85
N VAL B 50 -12.08 -0.70 12.33
CA VAL B 50 -11.72 -0.45 13.72
C VAL B 50 -12.83 0.29 14.45
N GLY A 1 -1.08 -17.06 7.41
CA GLY A 1 -0.14 -17.94 6.75
C GLY A 1 -0.63 -18.40 5.39
N SER A 2 -0.80 -17.46 4.47
CA SER A 2 -1.28 -17.78 3.14
C SER A 2 -2.57 -18.58 3.20
N GLU A 3 -3.42 -18.26 4.17
CA GLU A 3 -4.69 -18.95 4.34
C GLU A 3 -5.72 -18.47 3.32
N GLY A 4 -5.38 -18.61 2.04
CA GLY A 4 -6.28 -18.17 0.98
C GLY A 4 -5.94 -18.80 -0.36
N GLN A 5 -5.39 -18.01 -1.26
CA GLN A 5 -5.02 -18.49 -2.59
C GLN A 5 -3.74 -17.82 -3.08
N SER A 6 -3.87 -16.58 -3.53
CA SER A 6 -2.73 -15.82 -4.02
C SER A 6 -3.01 -14.33 -4.02
N ASP A 7 -3.83 -13.89 -4.97
CA ASP A 7 -4.18 -12.47 -5.08
C ASP A 7 -4.64 -11.93 -3.73
N GLU A 8 -5.27 -12.79 -2.93
CA GLU A 8 -5.77 -12.38 -1.62
C GLU A 8 -4.67 -11.72 -0.80
N ARG A 9 -3.56 -12.43 -0.63
CA ARG A 9 -2.43 -11.91 0.13
C ARG A 9 -1.81 -10.69 -0.56
N ALA A 10 -1.94 -10.65 -1.88
CA ALA A 10 -1.40 -9.55 -2.67
C ALA A 10 -1.74 -8.20 -2.03
N LEU A 11 -2.99 -8.06 -1.62
CA LEU A 11 -3.45 -6.81 -1.00
C LEU A 11 -3.10 -6.80 0.48
N LEU A 12 -2.86 -7.97 1.05
CA LEU A 12 -2.51 -8.08 2.45
C LEU A 12 -1.49 -7.02 2.85
N ASP A 13 -0.57 -6.71 1.94
CA ASP A 13 0.45 -5.72 2.19
C ASP A 13 -0.16 -4.42 2.72
N GLN A 14 -1.10 -3.87 1.98
CA GLN A 14 -1.76 -2.63 2.38
C GLN A 14 -2.36 -2.77 3.78
N LEU A 15 -3.20 -3.78 3.96
CA LEU A 15 -3.84 -4.01 5.24
C LEU A 15 -2.80 -4.09 6.36
N HIS A 16 -1.84 -4.99 6.20
CA HIS A 16 -0.78 -5.17 7.19
C HIS A 16 -0.07 -3.85 7.48
N THR A 17 0.18 -3.09 6.41
CA THR A 17 0.87 -1.81 6.54
C THR A 17 0.16 -0.90 7.54
N LEU A 18 -1.11 -0.59 7.27
CA LEU A 18 -1.90 0.26 8.16
C LEU A 18 -1.86 -0.26 9.59
N LEU A 19 -2.03 -1.57 9.74
CA LEU A 19 -2.00 -2.19 11.07
C LEU A 19 -0.67 -1.94 11.76
N SER A 20 0.40 -1.91 10.98
CA SER A 20 1.74 -1.68 11.52
C SER A 20 1.96 -0.20 11.81
N ASN A 21 1.84 0.63 10.78
CA ASN A 21 2.02 2.06 10.93
C ASN A 21 0.73 2.74 11.37
N THR A 22 0.11 2.19 12.41
CA THR A 22 -1.14 2.75 12.93
C THR A 22 -1.17 4.27 12.78
N ASP A 23 -0.08 4.91 13.20
CA ASP A 23 0.01 6.37 13.11
C ASP A 23 -0.12 6.84 11.67
N ALA A 24 -1.01 7.80 11.45
CA ALA A 24 -1.23 8.34 10.11
C ALA A 24 0.09 8.73 9.45
N THR A 25 1.00 9.31 10.25
CA THR A 25 2.29 9.73 9.75
C THR A 25 3.13 8.54 9.31
N GLY A 26 2.95 7.40 9.99
CA GLY A 26 3.69 6.21 9.66
C GLY A 26 3.30 5.64 8.31
N LEU A 27 2.00 5.59 8.04
CA LEU A 27 1.50 5.06 6.78
C LEU A 27 1.59 6.10 5.68
N GLU A 28 1.36 7.36 6.02
CA GLU A 28 1.43 8.45 5.06
C GLU A 28 2.87 8.89 4.83
N GLU A 29 3.78 8.32 5.61
CA GLU A 29 5.20 8.65 5.50
C GLU A 29 5.72 8.34 4.09
N ILE A 30 5.56 7.09 3.68
CA ILE A 30 6.02 6.66 2.36
C ILE A 30 5.13 7.24 1.26
N ASP A 31 3.83 7.32 1.53
CA ASP A 31 2.88 7.86 0.56
C ASP A 31 3.19 9.33 0.26
N ARG A 32 3.19 10.15 1.30
CA ARG A 32 3.47 11.57 1.15
C ARG A 32 4.74 11.79 0.34
N ALA A 33 5.67 10.85 0.45
CA ALA A 33 6.94 10.94 -0.28
C ALA A 33 6.70 11.18 -1.77
N LEU A 34 5.71 10.48 -2.32
CA LEU A 34 5.39 10.62 -3.74
C LEU A 34 4.15 11.49 -3.94
N GLY A 35 3.87 12.34 -2.95
CA GLY A 35 2.72 13.22 -3.04
C GLY A 35 1.41 12.45 -3.05
N ILE A 36 0.87 12.17 -1.88
CA ILE A 36 -0.39 11.45 -1.77
C ILE A 36 -1.45 12.06 -2.66
N PRO A 37 -1.69 13.37 -2.51
CA PRO A 37 -2.69 14.09 -3.31
C PRO A 37 -2.26 14.24 -4.76
N GLU A 38 -0.96 14.32 -4.99
CA GLU A 38 -0.42 14.46 -6.34
C GLU A 38 -0.84 13.29 -7.22
N LEU A 39 -0.79 12.08 -6.66
CA LEU A 39 -1.15 10.87 -7.38
C LEU A 39 -2.63 10.89 -7.75
N VAL A 40 -3.38 11.79 -7.12
CA VAL A 40 -4.81 11.91 -7.38
C VAL A 40 -5.09 12.87 -8.53
N ASN A 41 -4.03 13.20 -9.27
CA ASN A 41 -4.16 14.12 -10.40
C ASN A 41 -3.62 13.47 -11.68
N GLN A 42 -3.66 12.15 -11.73
CA GLN A 42 -3.18 11.41 -12.88
C GLN A 42 -3.83 11.93 -14.16
N GLY A 43 -5.13 12.18 -14.11
CA GLY A 43 -5.84 12.69 -15.26
C GLY A 43 -5.21 13.94 -15.84
N GLN A 44 -5.46 15.08 -15.18
CA GLN A 44 -4.92 16.35 -15.64
C GLN A 44 -4.01 16.96 -14.57
N GLY B 1 -10.60 -4.81 -2.99
CA GLY B 1 -11.54 -4.88 -4.11
C GLY B 1 -10.86 -5.22 -5.42
N SER B 2 -11.41 -4.72 -6.51
CA SER B 2 -10.86 -4.98 -7.84
C SER B 2 -9.58 -4.17 -8.06
N ILE B 3 -8.44 -4.79 -7.82
CA ILE B 3 -7.15 -4.13 -8.00
C ILE B 3 -6.17 -5.04 -8.73
N SER B 4 -5.26 -4.43 -9.49
CA SER B 4 -4.27 -5.17 -10.24
C SER B 4 -3.55 -6.18 -9.35
N PRO B 5 -3.61 -7.46 -9.73
CA PRO B 5 -2.97 -8.54 -8.97
C PRO B 5 -1.45 -8.49 -9.06
N SER B 6 -0.94 -7.98 -10.18
CA SER B 6 0.50 -7.88 -10.39
C SER B 6 1.13 -6.96 -9.34
N ALA B 7 0.63 -5.74 -9.25
CA ALA B 7 1.15 -4.76 -8.30
C ALA B 7 1.00 -5.27 -6.87
N LEU B 8 -0.22 -5.64 -6.50
CA LEU B 8 -0.49 -6.14 -5.16
C LEU B 8 0.39 -7.36 -4.83
N GLN B 9 0.58 -8.22 -5.83
CA GLN B 9 1.40 -9.41 -5.66
C GLN B 9 2.75 -9.06 -5.06
N ASP B 10 3.46 -8.14 -5.70
CA ASP B 10 4.77 -7.72 -5.23
C ASP B 10 4.67 -7.05 -3.87
N LEU B 11 3.57 -6.35 -3.63
CA LEU B 11 3.34 -5.66 -2.36
C LEU B 11 3.41 -6.65 -1.20
N LEU B 12 2.59 -7.69 -1.26
CA LEU B 12 2.56 -8.70 -0.20
C LEU B 12 3.96 -9.20 0.10
N ARG B 13 4.76 -9.39 -0.93
CA ARG B 13 6.13 -9.88 -0.78
C ARG B 13 6.93 -8.93 0.13
N THR B 14 6.65 -7.63 0.03
CA THR B 14 7.34 -6.63 0.83
C THR B 14 6.91 -6.70 2.29
N LEU B 15 5.60 -6.65 2.52
CA LEU B 15 5.07 -6.71 3.87
C LEU B 15 5.38 -8.04 4.53
N LYS B 16 5.41 -9.10 3.72
CA LYS B 16 5.71 -10.43 4.23
C LYS B 16 7.22 -10.67 4.29
N SER B 17 7.97 -9.93 3.48
CA SER B 17 9.41 -10.06 3.45
C SER B 17 10.00 -9.94 4.86
N PRO B 18 10.49 -11.08 5.38
CA PRO B 18 11.09 -11.13 6.72
C PRO B 18 12.42 -10.40 6.79
N SER B 19 12.37 -9.08 6.88
CA SER B 19 13.57 -8.26 6.95
C SER B 19 13.28 -6.92 7.61
N SER B 20 14.24 -6.00 7.52
CA SER B 20 14.09 -4.68 8.12
C SER B 20 12.89 -3.94 7.52
N PRO B 21 12.42 -2.91 8.24
CA PRO B 21 11.27 -2.11 7.80
C PRO B 21 11.60 -1.24 6.58
N GLN B 22 12.89 -1.10 6.29
CA GLN B 22 13.33 -0.30 5.16
C GLN B 22 12.74 -0.84 3.86
N GLN B 23 12.61 -2.16 3.78
CA GLN B 23 12.07 -2.80 2.59
C GLN B 23 10.70 -2.22 2.23
N GLN B 24 10.02 -1.67 3.24
CA GLN B 24 8.70 -1.08 3.02
C GLN B 24 8.75 -0.02 1.92
N GLN B 25 9.90 0.62 1.78
CA GLN B 25 10.06 1.65 0.76
C GLN B 25 9.67 1.13 -0.62
N GLN B 26 10.01 -0.12 -0.89
CA GLN B 26 9.69 -0.73 -2.17
C GLN B 26 8.19 -0.65 -2.47
N VAL B 27 7.40 -0.59 -1.40
CA VAL B 27 5.95 -0.51 -1.54
C VAL B 27 5.54 0.78 -2.22
N LEU B 28 6.17 1.89 -1.83
CA LEU B 28 5.86 3.19 -2.41
C LEU B 28 5.93 3.14 -3.94
N ASN B 29 6.90 2.39 -4.45
CA ASN B 29 7.07 2.25 -5.90
C ASN B 29 5.77 1.79 -6.56
N ILE B 30 5.19 0.71 -6.02
CA ILE B 30 3.96 0.16 -6.55
C ILE B 30 2.84 1.22 -6.54
N LEU B 31 2.61 1.81 -5.38
CA LEU B 31 1.58 2.84 -5.24
C LEU B 31 1.82 3.99 -6.22
N LYS B 32 3.08 4.38 -6.36
CA LYS B 32 3.44 5.47 -7.25
C LYS B 32 2.88 5.23 -8.66
N SER B 33 2.86 3.96 -9.07
CA SER B 33 2.35 3.60 -10.38
C SER B 33 0.84 3.41 -10.35
N ASN B 34 0.32 3.06 -9.18
CA ASN B 34 -1.12 2.85 -9.01
C ASN B 34 -1.74 3.97 -8.18
N PRO B 35 -2.06 5.09 -8.84
CA PRO B 35 -2.67 6.25 -8.18
C PRO B 35 -4.10 5.98 -7.74
N GLN B 36 -4.84 5.24 -8.57
CA GLN B 36 -6.22 4.92 -8.27
C GLN B 36 -6.35 4.25 -6.90
N LEU B 37 -5.31 3.51 -6.53
CA LEU B 37 -5.29 2.81 -5.25
C LEU B 37 -4.88 3.75 -4.12
N MET B 38 -4.12 4.78 -4.46
CA MET B 38 -3.67 5.75 -3.47
C MET B 38 -4.83 6.22 -2.60
N ALA B 39 -5.94 6.58 -3.23
CA ALA B 39 -7.12 7.05 -2.51
C ALA B 39 -7.47 6.09 -1.38
N ALA B 40 -7.20 4.81 -1.58
CA ALA B 40 -7.50 3.80 -0.58
C ALA B 40 -6.77 4.10 0.73
N PHE B 41 -5.46 4.26 0.66
CA PHE B 41 -4.66 4.56 1.84
C PHE B 41 -5.21 5.76 2.59
N ILE B 42 -5.48 6.83 1.85
CA ILE B 42 -6.02 8.06 2.44
C ILE B 42 -7.27 7.76 3.26
N LYS B 43 -8.08 6.82 2.78
CA LYS B 43 -9.31 6.44 3.45
C LYS B 43 -9.02 5.53 4.63
N GLN B 44 -8.03 4.67 4.49
CA GLN B 44 -7.65 3.74 5.54
C GLN B 44 -8.59 2.54 5.57
N ARG B 45 -8.11 1.40 5.11
CA ARG B 45 -8.92 0.18 5.07
C ARG B 45 -9.08 -0.39 6.48
N THR B 46 -8.03 -0.27 7.29
CA THR B 46 -8.06 -0.78 8.65
C THR B 46 -9.29 -0.28 9.40
N ALA B 47 -9.44 1.04 9.45
CA ALA B 47 -10.58 1.65 10.14
C ALA B 47 -11.90 1.14 9.57
N LYS B 48 -11.86 0.65 8.33
CA LYS B 48 -13.05 0.13 7.68
C LYS B 48 -13.29 -1.33 8.04
N TYR B 49 -12.20 -2.07 8.21
CA TYR B 49 -12.28 -3.49 8.57
C TYR B 49 -11.71 -3.74 9.95
N VAL B 50 -12.10 -2.90 10.91
CA VAL B 50 -11.63 -3.03 12.28
C VAL B 50 -12.79 -3.23 13.24
N GLY A 1 -12.68 1.50 -11.69
CA GLY A 1 -11.55 1.05 -12.48
C GLY A 1 -10.50 2.13 -12.66
N SER A 2 -9.65 2.30 -11.66
CA SER A 2 -8.61 3.31 -11.71
C SER A 2 -7.48 2.99 -10.73
N GLU A 3 -7.74 3.17 -9.44
CA GLU A 3 -6.76 2.89 -8.41
C GLU A 3 -6.50 1.39 -8.29
N GLY A 4 -5.80 1.00 -7.22
CA GLY A 4 -5.49 -0.41 -7.03
C GLY A 4 -6.71 -1.30 -7.17
N GLN A 5 -6.49 -2.55 -7.54
CA GLN A 5 -7.58 -3.51 -7.71
C GLN A 5 -7.78 -4.33 -6.44
N SER A 6 -8.55 -5.40 -6.56
CA SER A 6 -8.83 -6.27 -5.42
C SER A 6 -7.79 -7.39 -5.33
N ASP A 7 -7.18 -7.72 -6.46
CA ASP A 7 -6.17 -8.77 -6.51
C ASP A 7 -5.08 -8.52 -5.47
N GLU A 8 -4.55 -7.30 -5.46
CA GLU A 8 -3.50 -6.94 -4.51
C GLU A 8 -3.93 -7.23 -3.08
N ARG A 9 -5.09 -6.70 -2.69
CA ARG A 9 -5.61 -6.92 -1.35
C ARG A 9 -5.83 -8.40 -1.07
N ALA A 10 -6.18 -9.14 -2.11
CA ALA A 10 -6.41 -10.58 -1.99
C ALA A 10 -5.18 -11.28 -1.44
N LEU A 11 -4.01 -10.92 -1.96
CA LEU A 11 -2.75 -11.52 -1.52
C LEU A 11 -2.34 -10.99 -0.16
N LEU A 12 -2.40 -9.67 0.00
CA LEU A 12 -2.03 -9.02 1.26
C LEU A 12 -3.08 -9.30 2.33
N ASP A 13 -4.24 -9.81 1.92
CA ASP A 13 -5.32 -10.11 2.84
C ASP A 13 -4.78 -10.84 4.08
N GLN A 14 -4.19 -12.01 3.86
CA GLN A 14 -3.64 -12.80 4.96
C GLN A 14 -2.54 -12.04 5.68
N LEU A 15 -1.61 -11.48 4.91
CA LEU A 15 -0.50 -10.72 5.48
C LEU A 15 -1.01 -9.59 6.36
N HIS A 16 -2.24 -9.15 6.11
CA HIS A 16 -2.84 -8.08 6.88
C HIS A 16 -2.64 -8.30 8.38
N THR A 17 -2.63 -9.56 8.78
CA THR A 17 -2.45 -9.91 10.19
C THR A 17 -1.23 -9.19 10.77
N LEU A 18 -0.19 -9.04 9.97
CA LEU A 18 1.03 -8.38 10.41
C LEU A 18 0.85 -6.86 10.44
N LEU A 19 0.00 -6.36 9.54
CA LEU A 19 -0.27 -4.93 9.45
C LEU A 19 -0.66 -4.38 10.82
N SER A 20 -1.54 -5.09 11.51
CA SER A 20 -2.00 -4.66 12.84
C SER A 20 -0.91 -4.86 13.88
N ASN A 21 0.08 -5.69 13.54
CA ASN A 21 1.18 -5.98 14.46
C ASN A 21 2.30 -4.95 14.28
N THR A 22 2.36 -4.34 13.10
CA THR A 22 3.39 -3.36 12.80
C THR A 22 2.92 -1.95 13.17
N ASP A 23 1.61 -1.73 13.09
CA ASP A 23 1.03 -0.44 13.42
C ASP A 23 0.86 0.41 12.16
N ALA A 24 -0.39 0.82 11.90
CA ALA A 24 -0.69 1.63 10.73
C ALA A 24 0.22 2.85 10.65
N THR A 25 0.76 3.26 11.80
CA THR A 25 1.65 4.40 11.86
C THR A 25 2.83 4.25 10.90
N GLY A 26 3.28 3.01 10.75
CA GLY A 26 4.41 2.74 9.85
C GLY A 26 4.02 2.87 8.39
N LEU A 27 2.73 2.67 8.10
CA LEU A 27 2.24 2.76 6.73
C LEU A 27 2.11 4.21 6.29
N GLU A 28 1.84 5.10 7.24
CA GLU A 28 1.70 6.51 6.96
C GLU A 28 3.07 7.18 6.77
N GLU A 29 4.10 6.54 7.33
CA GLU A 29 5.45 7.07 7.23
C GLU A 29 5.86 7.28 5.78
N ILE A 30 5.79 6.20 4.99
CA ILE A 30 6.15 6.26 3.58
C ILE A 30 5.09 7.02 2.78
N ASP A 31 3.84 6.89 3.19
CA ASP A 31 2.73 7.58 2.52
C ASP A 31 3.02 9.08 2.39
N ARG A 32 3.35 9.70 3.51
CA ARG A 32 3.64 11.13 3.53
C ARG A 32 4.77 11.46 2.55
N ALA A 33 5.77 10.59 2.50
CA ALA A 33 6.91 10.80 1.61
C ALA A 33 6.44 11.07 0.18
N LEU A 34 5.46 10.29 -0.28
CA LEU A 34 4.93 10.43 -1.62
C LEU A 34 3.87 11.53 -1.67
N GLY A 35 2.99 11.54 -0.68
CA GLY A 35 1.94 12.54 -0.62
C GLY A 35 0.65 12.06 -1.27
N ILE A 36 -0.37 11.82 -0.45
CA ILE A 36 -1.66 11.35 -0.95
C ILE A 36 -2.09 12.16 -2.15
N PRO A 37 -2.12 13.49 -2.01
CA PRO A 37 -2.52 14.40 -3.08
C PRO A 37 -1.49 14.46 -4.21
N GLU A 38 -0.23 14.26 -3.86
CA GLU A 38 0.85 14.29 -4.85
C GLU A 38 0.66 13.18 -5.88
N LEU A 39 0.46 11.95 -5.40
CA LEU A 39 0.26 10.81 -6.29
C LEU A 39 -1.02 10.96 -7.10
N VAL A 40 -1.83 11.95 -6.73
CA VAL A 40 -3.09 12.19 -7.42
C VAL A 40 -2.89 13.15 -8.60
N ASN A 41 -1.63 13.39 -8.95
CA ASN A 41 -1.30 14.28 -10.06
C ASN A 41 -1.08 13.49 -11.34
N GLN A 42 -0.79 12.20 -11.20
CA GLN A 42 -0.55 11.33 -12.35
C GLN A 42 -1.65 11.50 -13.39
N GLY A 43 -2.87 11.76 -12.92
CA GLY A 43 -3.99 11.93 -13.82
C GLY A 43 -5.33 11.91 -13.10
N GLN A 44 -5.78 13.09 -12.67
CA GLN A 44 -7.05 13.20 -11.96
C GLN A 44 -7.02 12.40 -10.66
N GLY B 1 -9.47 -9.41 -10.82
CA GLY B 1 -8.74 -8.36 -11.50
C GLY B 1 -7.90 -8.86 -12.65
N SER B 2 -6.86 -8.12 -13.01
CA SER B 2 -5.99 -8.51 -14.10
C SER B 2 -4.61 -7.89 -13.93
N ILE B 3 -4.03 -8.08 -12.75
CA ILE B 3 -2.70 -7.54 -12.45
C ILE B 3 -1.82 -8.60 -11.79
N SER B 4 -0.51 -8.49 -12.01
CA SER B 4 0.44 -9.44 -11.45
C SER B 4 0.33 -9.47 -9.93
N PRO B 5 0.04 -10.66 -9.38
CA PRO B 5 -0.09 -10.86 -7.93
C PRO B 5 1.25 -10.73 -7.21
N SER B 6 2.32 -11.15 -7.87
CA SER B 6 3.65 -11.08 -7.29
C SER B 6 4.04 -9.64 -6.98
N ALA B 7 3.93 -8.77 -7.98
CA ALA B 7 4.26 -7.37 -7.81
C ALA B 7 3.32 -6.68 -6.82
N LEU B 8 2.02 -6.89 -7.03
CA LEU B 8 1.01 -6.29 -6.15
C LEU B 8 1.22 -6.73 -4.70
N GLN B 9 1.29 -8.04 -4.49
CA GLN B 9 1.48 -8.58 -3.15
C GLN B 9 2.84 -8.16 -2.58
N ASP B 10 3.82 -8.00 -3.46
CA ASP B 10 5.16 -7.60 -3.06
C ASP B 10 5.14 -6.23 -2.37
N LEU B 11 4.68 -5.23 -3.11
CA LEU B 11 4.61 -3.87 -2.58
C LEU B 11 3.70 -3.82 -1.35
N LEU B 12 2.47 -4.30 -1.51
CA LEU B 12 1.50 -4.31 -0.41
C LEU B 12 2.09 -4.97 0.82
N ARG B 13 2.51 -6.22 0.68
CA ARG B 13 3.09 -6.96 1.79
C ARG B 13 4.18 -6.14 2.49
N THR B 14 4.92 -5.37 1.69
CA THR B 14 5.99 -4.54 2.23
C THR B 14 5.43 -3.36 3.03
N LEU B 15 4.32 -2.81 2.55
CA LEU B 15 3.68 -1.68 3.23
C LEU B 15 3.23 -2.07 4.63
N LYS B 16 2.86 -3.34 4.80
CA LYS B 16 2.41 -3.83 6.09
C LYS B 16 3.50 -4.66 6.77
N SER B 17 4.57 -4.92 6.04
CA SER B 17 5.69 -5.70 6.57
C SER B 17 6.11 -5.19 7.94
N PRO B 18 6.51 -6.12 8.82
CA PRO B 18 6.94 -5.78 10.18
C PRO B 18 8.28 -5.06 10.20
N SER B 19 8.91 -5.02 11.37
CA SER B 19 10.19 -4.34 11.52
C SER B 19 10.03 -2.83 11.38
N SER B 20 11.16 -2.12 11.40
CA SER B 20 11.15 -0.66 11.28
C SER B 20 10.52 -0.24 9.96
N PRO B 21 10.13 1.04 9.88
CA PRO B 21 9.51 1.61 8.67
C PRO B 21 10.48 1.72 7.51
N GLN B 22 11.75 1.43 7.78
CA GLN B 22 12.78 1.50 6.75
C GLN B 22 12.47 0.55 5.60
N GLN B 23 12.05 -0.66 5.93
CA GLN B 23 11.71 -1.67 4.93
C GLN B 23 10.58 -1.18 4.03
N GLN B 24 9.76 -0.27 4.56
CA GLN B 24 8.64 0.28 3.81
C GLN B 24 9.13 1.09 2.61
N GLN B 25 10.36 1.56 2.69
CA GLN B 25 10.95 2.35 1.61
C GLN B 25 10.79 1.63 0.27
N GLN B 26 10.80 0.31 0.31
CA GLN B 26 10.66 -0.50 -0.91
C GLN B 26 9.38 -0.14 -1.65
N VAL B 27 8.27 -0.04 -0.90
CA VAL B 27 6.99 0.30 -1.49
C VAL B 27 7.06 1.61 -2.27
N LEU B 28 7.62 2.63 -1.64
CA LEU B 28 7.75 3.94 -2.26
C LEU B 28 8.36 3.81 -3.66
N ASN B 29 9.48 3.10 -3.76
CA ASN B 29 10.15 2.91 -5.03
C ASN B 29 9.24 2.18 -6.02
N ILE B 30 8.47 1.22 -5.51
CA ILE B 30 7.55 0.46 -6.35
C ILE B 30 6.49 1.36 -6.96
N LEU B 31 5.64 1.92 -6.10
CA LEU B 31 4.57 2.80 -6.55
C LEU B 31 5.12 3.91 -7.44
N LYS B 32 6.38 4.28 -7.22
CA LYS B 32 7.01 5.32 -8.00
C LYS B 32 6.91 5.03 -9.50
N SER B 33 7.18 3.78 -9.87
CA SER B 33 7.11 3.36 -11.27
C SER B 33 5.71 2.90 -11.63
N ASN B 34 4.80 2.92 -10.65
CA ASN B 34 3.43 2.50 -10.87
C ASN B 34 2.45 3.54 -10.32
N PRO B 35 2.12 4.54 -11.15
CA PRO B 35 1.19 5.60 -10.76
C PRO B 35 -0.25 5.11 -10.63
N GLN B 36 -0.62 4.18 -11.49
CA GLN B 36 -1.98 3.61 -11.46
C GLN B 36 -2.30 3.05 -10.08
N LEU B 37 -1.32 2.43 -9.46
CA LEU B 37 -1.50 1.85 -8.12
C LEU B 37 -1.39 2.92 -7.05
N MET B 38 -0.62 3.97 -7.34
CA MET B 38 -0.43 5.06 -6.39
C MET B 38 -1.77 5.55 -5.85
N ALA B 39 -2.72 5.77 -6.75
CA ALA B 39 -4.05 6.23 -6.36
C ALA B 39 -4.62 5.38 -5.24
N ALA B 40 -4.24 4.11 -5.21
CA ALA B 40 -4.72 3.19 -4.18
C ALA B 40 -4.37 3.70 -2.79
N PHE B 41 -3.21 4.34 -2.66
CA PHE B 41 -2.76 4.87 -1.39
C PHE B 41 -3.84 5.74 -0.75
N ILE B 42 -4.52 6.53 -1.58
CA ILE B 42 -5.58 7.41 -1.11
C ILE B 42 -6.62 6.64 -0.29
N LYS B 43 -6.93 5.43 -0.74
CA LYS B 43 -7.90 4.59 -0.06
C LYS B 43 -7.38 4.14 1.30
N GLN B 44 -6.17 3.60 1.31
CA GLN B 44 -5.55 3.13 2.55
C GLN B 44 -6.60 2.51 3.48
N ARG B 45 -7.13 1.36 3.08
CA ARG B 45 -8.14 0.67 3.87
C ARG B 45 -7.50 0.01 5.09
N THR B 46 -6.36 -0.63 4.89
CA THR B 46 -5.65 -1.31 5.98
C THR B 46 -5.22 -0.31 7.04
N ALA B 47 -4.89 0.90 6.62
CA ALA B 47 -4.46 1.94 7.54
C ALA B 47 -5.61 2.42 8.42
N LYS B 48 -6.81 2.45 7.85
CA LYS B 48 -8.00 2.87 8.57
C LYS B 48 -8.65 1.70 9.30
N TYR B 49 -8.00 0.55 9.23
CA TYR B 49 -8.51 -0.66 9.88
C TYR B 49 -7.55 -1.14 10.97
N VAL B 50 -6.88 -0.21 11.62
CA VAL B 50 -5.94 -0.54 12.68
C VAL B 50 -6.37 0.07 14.01
#